data_2GEB
# 
_entry.id   2GEB 
# 
_audit_conform.dict_name       mmcif_pdbx.dic 
_audit_conform.dict_version    5.387 
_audit_conform.dict_location   http://mmcif.pdb.org/dictionaries/ascii/mmcif_pdbx.dic 
# 
loop_
_database_2.database_id 
_database_2.database_code 
_database_2.pdbx_database_accession 
_database_2.pdbx_DOI 
PDB   2GEB         pdb_00002geb 10.2210/pdb2geb/pdb 
RCSB  RCSB037012   ?            ?                   
WWPDB D_1000037012 ?            ?                   
# 
loop_
_pdbx_audit_revision_history.ordinal 
_pdbx_audit_revision_history.data_content_type 
_pdbx_audit_revision_history.major_revision 
_pdbx_audit_revision_history.minor_revision 
_pdbx_audit_revision_history.revision_date 
1 'Structure model' 1 0 2007-04-03 
2 'Structure model' 1 1 2007-10-16 
3 'Structure model' 1 2 2011-07-13 
4 'Structure model' 1 3 2021-10-20 
5 'Structure model' 1 4 2024-02-14 
# 
_pdbx_audit_revision_details.ordinal             1 
_pdbx_audit_revision_details.revision_ordinal    1 
_pdbx_audit_revision_details.data_content_type   'Structure model' 
_pdbx_audit_revision_details.provider            repository 
_pdbx_audit_revision_details.type                'Initial release' 
_pdbx_audit_revision_details.description         ? 
_pdbx_audit_revision_details.details             ? 
# 
loop_
_pdbx_audit_revision_group.ordinal 
_pdbx_audit_revision_group.revision_ordinal 
_pdbx_audit_revision_group.data_content_type 
_pdbx_audit_revision_group.group 
1 2 'Structure model' 'Version format compliance' 
2 3 'Structure model' 'Version format compliance' 
3 4 'Structure model' 'Database references'       
4 4 'Structure model' 'Derived calculations'      
5 5 'Structure model' 'Data collection'           
# 
loop_
_pdbx_audit_revision_category.ordinal 
_pdbx_audit_revision_category.revision_ordinal 
_pdbx_audit_revision_category.data_content_type 
_pdbx_audit_revision_category.category 
1 4 'Structure model' database_2             
2 4 'Structure model' pdbx_struct_conn_angle 
3 4 'Structure model' struct_conn            
4 4 'Structure model' struct_ref_seq_dif     
5 4 'Structure model' struct_site            
6 5 'Structure model' chem_comp_atom         
7 5 'Structure model' chem_comp_bond         
# 
loop_
_pdbx_audit_revision_item.ordinal 
_pdbx_audit_revision_item.revision_ordinal 
_pdbx_audit_revision_item.data_content_type 
_pdbx_audit_revision_item.item 
1  4 'Structure model' '_database_2.pdbx_DOI'                        
2  4 'Structure model' '_database_2.pdbx_database_accession'         
3  4 'Structure model' '_pdbx_struct_conn_angle.ptnr1_auth_comp_id'  
4  4 'Structure model' '_pdbx_struct_conn_angle.ptnr1_auth_seq_id'   
5  4 'Structure model' '_pdbx_struct_conn_angle.ptnr1_label_asym_id' 
6  4 'Structure model' '_pdbx_struct_conn_angle.ptnr1_label_atom_id' 
7  4 'Structure model' '_pdbx_struct_conn_angle.ptnr1_label_comp_id' 
8  4 'Structure model' '_pdbx_struct_conn_angle.ptnr1_label_seq_id'  
9  4 'Structure model' '_pdbx_struct_conn_angle.ptnr1_symmetry'      
10 4 'Structure model' '_pdbx_struct_conn_angle.ptnr3_auth_comp_id'  
11 4 'Structure model' '_pdbx_struct_conn_angle.ptnr3_auth_seq_id'   
12 4 'Structure model' '_pdbx_struct_conn_angle.ptnr3_label_asym_id' 
13 4 'Structure model' '_pdbx_struct_conn_angle.ptnr3_label_atom_id' 
14 4 'Structure model' '_pdbx_struct_conn_angle.ptnr3_label_comp_id' 
15 4 'Structure model' '_pdbx_struct_conn_angle.ptnr3_label_seq_id'  
16 4 'Structure model' '_pdbx_struct_conn_angle.ptnr3_symmetry'      
17 4 'Structure model' '_pdbx_struct_conn_angle.value'               
18 4 'Structure model' '_struct_conn.pdbx_dist_value'                
19 4 'Structure model' '_struct_conn.ptnr1_auth_comp_id'             
20 4 'Structure model' '_struct_conn.ptnr1_auth_seq_id'              
21 4 'Structure model' '_struct_conn.ptnr1_label_asym_id'            
22 4 'Structure model' '_struct_conn.ptnr1_label_atom_id'            
23 4 'Structure model' '_struct_conn.ptnr1_label_comp_id'            
24 4 'Structure model' '_struct_conn.ptnr1_label_seq_id'             
25 4 'Structure model' '_struct_conn.ptnr1_symmetry'                 
26 4 'Structure model' '_struct_conn.ptnr2_auth_comp_id'             
27 4 'Structure model' '_struct_conn.ptnr2_auth_seq_id'              
28 4 'Structure model' '_struct_conn.ptnr2_label_asym_id'            
29 4 'Structure model' '_struct_conn.ptnr2_label_atom_id'            
30 4 'Structure model' '_struct_conn.ptnr2_label_comp_id'            
31 4 'Structure model' '_struct_conn.ptnr2_label_seq_id'             
32 4 'Structure model' '_struct_conn.ptnr2_symmetry'                 
33 4 'Structure model' '_struct_ref_seq_dif.details'                 
34 4 'Structure model' '_struct_site.pdbx_auth_asym_id'              
35 4 'Structure model' '_struct_site.pdbx_auth_comp_id'              
36 4 'Structure model' '_struct_site.pdbx_auth_seq_id'               
# 
_pdbx_database_status.status_code                     REL 
_pdbx_database_status.entry_id                        2GEB 
_pdbx_database_status.recvd_initial_deposition_date   2006-03-19 
_pdbx_database_status.deposit_site                    RCSB 
_pdbx_database_status.process_site                    RCSB 
_pdbx_database_status.status_code_sf                  REL 
_pdbx_database_status.status_code_mr                  ? 
_pdbx_database_status.SG_entry                        ? 
_pdbx_database_status.status_code_cs                  ? 
_pdbx_database_status.methods_development_category    ? 
_pdbx_database_status.pdb_format_compatible           Y 
_pdbx_database_status.status_code_nmr_data            ? 
# 
loop_
_pdbx_database_related.db_name 
_pdbx_database_related.db_id 
_pdbx_database_related.details 
_pdbx_database_related.content_type 
PDB 1R3U . unspecified 
PDB 1YFZ . unspecified 
# 
loop_
_audit_author.name 
_audit_author.pdbx_ordinal 
'Chen, Q.' 1 
'Luo, M.'  2 
# 
_citation.id                        primary 
_citation.title                     
;Crystal structure of Thermoanaerobacter tengcongensis hypoxanthine-guanine phosphoribosyl transferase L160I mutant--insights into inhibitor design.
;
_citation.journal_abbrev            'Febs J.' 
_citation.journal_volume            274 
_citation.page_first                4408 
_citation.page_last                 4415 
_citation.year                      2007 
_citation.journal_id_ASTM           ? 
_citation.country                   UK 
_citation.journal_id_ISSN           1742-464X 
_citation.journal_id_CSD            ? 
_citation.book_publisher            ? 
_citation.pdbx_database_id_PubMed   17662107 
_citation.pdbx_database_id_DOI      10.1111/j.1742-4658.2007.05970.x 
# 
loop_
_citation_author.citation_id 
_citation_author.name 
_citation_author.ordinal 
_citation_author.identifier_ORCID 
primary 'Chen, Q.'  1 ? 
primary 'You, D.'   2 ? 
primary 'Liang, Y.' 3 ? 
primary 'Su, X.'    4 ? 
primary 'Gu, X.'    5 ? 
primary 'Luo, M.'   6 ? 
primary 'Zheng, X.' 7 ? 
# 
loop_
_entity.id 
_entity.type 
_entity.src_method 
_entity.pdbx_description 
_entity.formula_weight 
_entity.pdbx_number_of_molecules 
_entity.pdbx_ec 
_entity.pdbx_mutation 
_entity.pdbx_fragment 
_entity.details 
1 polymer     man 'Hypoxanthine-guanine phosphoribosyltransferase' 20769.246 1   2.4.2.8 L160I ? ? 
2 non-polymer syn 'CALCIUM ION'                                    40.078    2   ?       ?     ? ? 
3 water       nat water                                            18.015    187 ?       ?     ? ? 
# 
_entity_poly.entity_id                      1 
_entity_poly.type                           'polypeptide(L)' 
_entity_poly.nstd_linkage                   no 
_entity_poly.nstd_monomer                   no 
_entity_poly.pdbx_seq_one_letter_code       
;RGSHMPSPMEDIEEILITEEQLKAKVKELGEMITRDYEGKDLVLIGVLKGAIMFMSGLSRAIDLPLSIDFLAVSSYGSST
KSSGIVKIIKDHDIDIEGKDVLIVEDIIDSGLTLAYLRETLLGRKPRSLKICTILDKPERREADVKVDYCGFKIPDKFVV
GYGIDYAEKYRNLPFIGVLKPELYK
;
_entity_poly.pdbx_seq_one_letter_code_can   
;RGSHMPSPMEDIEEILITEEQLKAKVKELGEMITRDYEGKDLVLIGVLKGAIMFMSGLSRAIDLPLSIDFLAVSSYGSST
KSSGIVKIIKDHDIDIEGKDVLIVEDIIDSGLTLAYLRETLLGRKPRSLKICTILDKPERREADVKVDYCGFKIPDKFVV
GYGIDYAEKYRNLPFIGVLKPELYK
;
_entity_poly.pdbx_strand_id                 A 
_entity_poly.pdbx_target_identifier         ? 
# 
loop_
_pdbx_entity_nonpoly.entity_id 
_pdbx_entity_nonpoly.name 
_pdbx_entity_nonpoly.comp_id 
2 'CALCIUM ION' CA  
3 water         HOH 
# 
loop_
_entity_poly_seq.entity_id 
_entity_poly_seq.num 
_entity_poly_seq.mon_id 
_entity_poly_seq.hetero 
1 1   ARG n 
1 2   GLY n 
1 3   SER n 
1 4   HIS n 
1 5   MET n 
1 6   PRO n 
1 7   SER n 
1 8   PRO n 
1 9   MET n 
1 10  GLU n 
1 11  ASP n 
1 12  ILE n 
1 13  GLU n 
1 14  GLU n 
1 15  ILE n 
1 16  LEU n 
1 17  ILE n 
1 18  THR n 
1 19  GLU n 
1 20  GLU n 
1 21  GLN n 
1 22  LEU n 
1 23  LYS n 
1 24  ALA n 
1 25  LYS n 
1 26  VAL n 
1 27  LYS n 
1 28  GLU n 
1 29  LEU n 
1 30  GLY n 
1 31  GLU n 
1 32  MET n 
1 33  ILE n 
1 34  THR n 
1 35  ARG n 
1 36  ASP n 
1 37  TYR n 
1 38  GLU n 
1 39  GLY n 
1 40  LYS n 
1 41  ASP n 
1 42  LEU n 
1 43  VAL n 
1 44  LEU n 
1 45  ILE n 
1 46  GLY n 
1 47  VAL n 
1 48  LEU n 
1 49  LYS n 
1 50  GLY n 
1 51  ALA n 
1 52  ILE n 
1 53  MET n 
1 54  PHE n 
1 55  MET n 
1 56  SER n 
1 57  GLY n 
1 58  LEU n 
1 59  SER n 
1 60  ARG n 
1 61  ALA n 
1 62  ILE n 
1 63  ASP n 
1 64  LEU n 
1 65  PRO n 
1 66  LEU n 
1 67  SER n 
1 68  ILE n 
1 69  ASP n 
1 70  PHE n 
1 71  LEU n 
1 72  ALA n 
1 73  VAL n 
1 74  SER n 
1 75  SER n 
1 76  TYR n 
1 77  GLY n 
1 78  SER n 
1 79  SER n 
1 80  THR n 
1 81  LYS n 
1 82  SER n 
1 83  SER n 
1 84  GLY n 
1 85  ILE n 
1 86  VAL n 
1 87  LYS n 
1 88  ILE n 
1 89  ILE n 
1 90  LYS n 
1 91  ASP n 
1 92  HIS n 
1 93  ASP n 
1 94  ILE n 
1 95  ASP n 
1 96  ILE n 
1 97  GLU n 
1 98  GLY n 
1 99  LYS n 
1 100 ASP n 
1 101 VAL n 
1 102 LEU n 
1 103 ILE n 
1 104 VAL n 
1 105 GLU n 
1 106 ASP n 
1 107 ILE n 
1 108 ILE n 
1 109 ASP n 
1 110 SER n 
1 111 GLY n 
1 112 LEU n 
1 113 THR n 
1 114 LEU n 
1 115 ALA n 
1 116 TYR n 
1 117 LEU n 
1 118 ARG n 
1 119 GLU n 
1 120 THR n 
1 121 LEU n 
1 122 LEU n 
1 123 GLY n 
1 124 ARG n 
1 125 LYS n 
1 126 PRO n 
1 127 ARG n 
1 128 SER n 
1 129 LEU n 
1 130 LYS n 
1 131 ILE n 
1 132 CYS n 
1 133 THR n 
1 134 ILE n 
1 135 LEU n 
1 136 ASP n 
1 137 LYS n 
1 138 PRO n 
1 139 GLU n 
1 140 ARG n 
1 141 ARG n 
1 142 GLU n 
1 143 ALA n 
1 144 ASP n 
1 145 VAL n 
1 146 LYS n 
1 147 VAL n 
1 148 ASP n 
1 149 TYR n 
1 150 CYS n 
1 151 GLY n 
1 152 PHE n 
1 153 LYS n 
1 154 ILE n 
1 155 PRO n 
1 156 ASP n 
1 157 LYS n 
1 158 PHE n 
1 159 VAL n 
1 160 VAL n 
1 161 GLY n 
1 162 TYR n 
1 163 GLY n 
1 164 ILE n 
1 165 ASP n 
1 166 TYR n 
1 167 ALA n 
1 168 GLU n 
1 169 LYS n 
1 170 TYR n 
1 171 ARG n 
1 172 ASN n 
1 173 LEU n 
1 174 PRO n 
1 175 PHE n 
1 176 ILE n 
1 177 GLY n 
1 178 VAL n 
1 179 LEU n 
1 180 LYS n 
1 181 PRO n 
1 182 GLU n 
1 183 LEU n 
1 184 TYR n 
1 185 LYS n 
# 
_entity_src_gen.entity_id                          1 
_entity_src_gen.pdbx_src_id                        1 
_entity_src_gen.pdbx_alt_source_flag               sample 
_entity_src_gen.pdbx_seq_type                      ? 
_entity_src_gen.pdbx_beg_seq_num                   ? 
_entity_src_gen.pdbx_end_seq_num                   ? 
_entity_src_gen.gene_src_common_name               ? 
_entity_src_gen.gene_src_genus                     Thermoanaerobacter 
_entity_src_gen.pdbx_gene_src_gene                 'HGPRT, Hpt' 
_entity_src_gen.gene_src_species                   ? 
_entity_src_gen.gene_src_strain                    ? 
_entity_src_gen.gene_src_tissue                    ? 
_entity_src_gen.gene_src_tissue_fraction           ? 
_entity_src_gen.gene_src_details                   ? 
_entity_src_gen.pdbx_gene_src_fragment             ? 
_entity_src_gen.pdbx_gene_src_scientific_name      'Thermoanaerobacter tengcongensis' 
_entity_src_gen.pdbx_gene_src_ncbi_taxonomy_id     119072 
_entity_src_gen.pdbx_gene_src_variant              ? 
_entity_src_gen.pdbx_gene_src_cell_line            ? 
_entity_src_gen.pdbx_gene_src_atcc                 ? 
_entity_src_gen.pdbx_gene_src_organ                ? 
_entity_src_gen.pdbx_gene_src_organelle            ? 
_entity_src_gen.pdbx_gene_src_cell                 ? 
_entity_src_gen.pdbx_gene_src_cellular_location    ? 
_entity_src_gen.host_org_common_name               ? 
_entity_src_gen.pdbx_host_org_scientific_name      'Escherichia coli' 
_entity_src_gen.pdbx_host_org_ncbi_taxonomy_id     562 
_entity_src_gen.host_org_genus                     Escherichia 
_entity_src_gen.pdbx_host_org_gene                 ? 
_entity_src_gen.pdbx_host_org_organ                ? 
_entity_src_gen.host_org_species                   ? 
_entity_src_gen.pdbx_host_org_tissue               ? 
_entity_src_gen.pdbx_host_org_tissue_fraction      ? 
_entity_src_gen.pdbx_host_org_strain               'BL21(DE3)pLysS' 
_entity_src_gen.pdbx_host_org_variant              ? 
_entity_src_gen.pdbx_host_org_cell_line            ? 
_entity_src_gen.pdbx_host_org_atcc                 ? 
_entity_src_gen.pdbx_host_org_culture_collection   ? 
_entity_src_gen.pdbx_host_org_cell                 ? 
_entity_src_gen.pdbx_host_org_organelle            ? 
_entity_src_gen.pdbx_host_org_cellular_location    ? 
_entity_src_gen.pdbx_host_org_vector_type          plasmid 
_entity_src_gen.pdbx_host_org_vector               ? 
_entity_src_gen.host_org_details                   ? 
_entity_src_gen.expression_system_id               ? 
_entity_src_gen.plasmid_name                       pET-15b 
_entity_src_gen.plasmid_details                    ? 
_entity_src_gen.pdbx_description                   ? 
# 
loop_
_chem_comp.id 
_chem_comp.type 
_chem_comp.mon_nstd_flag 
_chem_comp.name 
_chem_comp.pdbx_synonyms 
_chem_comp.formula 
_chem_comp.formula_weight 
ALA 'L-peptide linking' y ALANINE         ? 'C3 H7 N O2'     89.093  
ARG 'L-peptide linking' y ARGININE        ? 'C6 H15 N4 O2 1' 175.209 
ASN 'L-peptide linking' y ASPARAGINE      ? 'C4 H8 N2 O3'    132.118 
ASP 'L-peptide linking' y 'ASPARTIC ACID' ? 'C4 H7 N O4'     133.103 
CA  non-polymer         . 'CALCIUM ION'   ? 'Ca 2'           40.078  
CYS 'L-peptide linking' y CYSTEINE        ? 'C3 H7 N O2 S'   121.158 
GLN 'L-peptide linking' y GLUTAMINE       ? 'C5 H10 N2 O3'   146.144 
GLU 'L-peptide linking' y 'GLUTAMIC ACID' ? 'C5 H9 N O4'     147.129 
GLY 'peptide linking'   y GLYCINE         ? 'C2 H5 N O2'     75.067  
HIS 'L-peptide linking' y HISTIDINE       ? 'C6 H10 N3 O2 1' 156.162 
HOH non-polymer         . WATER           ? 'H2 O'           18.015  
ILE 'L-peptide linking' y ISOLEUCINE      ? 'C6 H13 N O2'    131.173 
LEU 'L-peptide linking' y LEUCINE         ? 'C6 H13 N O2'    131.173 
LYS 'L-peptide linking' y LYSINE          ? 'C6 H15 N2 O2 1' 147.195 
MET 'L-peptide linking' y METHIONINE      ? 'C5 H11 N O2 S'  149.211 
PHE 'L-peptide linking' y PHENYLALANINE   ? 'C9 H11 N O2'    165.189 
PRO 'L-peptide linking' y PROLINE         ? 'C5 H9 N O2'     115.130 
SER 'L-peptide linking' y SERINE          ? 'C3 H7 N O3'     105.093 
THR 'L-peptide linking' y THREONINE       ? 'C4 H9 N O3'     119.119 
TYR 'L-peptide linking' y TYROSINE        ? 'C9 H11 N O3'    181.189 
VAL 'L-peptide linking' y VALINE          ? 'C5 H11 N O2'    117.146 
# 
loop_
_pdbx_poly_seq_scheme.asym_id 
_pdbx_poly_seq_scheme.entity_id 
_pdbx_poly_seq_scheme.seq_id 
_pdbx_poly_seq_scheme.mon_id 
_pdbx_poly_seq_scheme.ndb_seq_num 
_pdbx_poly_seq_scheme.pdb_seq_num 
_pdbx_poly_seq_scheme.auth_seq_num 
_pdbx_poly_seq_scheme.pdb_mon_id 
_pdbx_poly_seq_scheme.auth_mon_id 
_pdbx_poly_seq_scheme.pdb_strand_id 
_pdbx_poly_seq_scheme.pdb_ins_code 
_pdbx_poly_seq_scheme.hetero 
A 1 1   ARG 1   -4  -4  ARG ARG A . n 
A 1 2   GLY 2   -3  -3  GLY GLY A . n 
A 1 3   SER 3   -2  -2  SER SER A . n 
A 1 4   HIS 4   -1  -1  HIS HIS A . n 
A 1 5   MET 5   1   1   MET MET A . n 
A 1 6   PRO 6   2   2   PRO PRO A . n 
A 1 7   SER 7   3   3   SER SER A . n 
A 1 8   PRO 8   4   4   PRO PRO A . n 
A 1 9   MET 9   5   5   MET MET A . n 
A 1 10  GLU 10  6   6   GLU GLU A . n 
A 1 11  ASP 11  7   7   ASP ASP A . n 
A 1 12  ILE 12  8   8   ILE ILE A . n 
A 1 13  GLU 13  9   9   GLU GLU A . n 
A 1 14  GLU 14  10  10  GLU GLU A . n 
A 1 15  ILE 15  11  11  ILE ILE A . n 
A 1 16  LEU 16  12  12  LEU LEU A . n 
A 1 17  ILE 17  13  13  ILE ILE A . n 
A 1 18  THR 18  14  14  THR THR A . n 
A 1 19  GLU 19  15  15  GLU GLU A . n 
A 1 20  GLU 20  16  16  GLU GLU A . n 
A 1 21  GLN 21  17  17  GLN GLN A . n 
A 1 22  LEU 22  18  18  LEU LEU A . n 
A 1 23  LYS 23  19  19  LYS LYS A . n 
A 1 24  ALA 24  20  20  ALA ALA A . n 
A 1 25  LYS 25  21  21  LYS LYS A . n 
A 1 26  VAL 26  22  22  VAL VAL A . n 
A 1 27  LYS 27  23  23  LYS LYS A . n 
A 1 28  GLU 28  24  24  GLU GLU A . n 
A 1 29  LEU 29  25  25  LEU LEU A . n 
A 1 30  GLY 30  26  26  GLY GLY A . n 
A 1 31  GLU 31  27  27  GLU GLU A . n 
A 1 32  MET 32  28  28  MET MET A . n 
A 1 33  ILE 33  29  29  ILE ILE A . n 
A 1 34  THR 34  30  30  THR THR A . n 
A 1 35  ARG 35  31  31  ARG ARG A . n 
A 1 36  ASP 36  32  32  ASP ASP A . n 
A 1 37  TYR 37  33  33  TYR TYR A . n 
A 1 38  GLU 38  34  34  GLU GLU A . n 
A 1 39  GLY 39  35  35  GLY GLY A . n 
A 1 40  LYS 40  36  36  LYS LYS A . n 
A 1 41  ASP 41  37  37  ASP ASP A . n 
A 1 42  LEU 42  38  38  LEU LEU A . n 
A 1 43  VAL 43  39  39  VAL VAL A . n 
A 1 44  LEU 44  40  40  LEU LEU A . n 
A 1 45  ILE 45  41  41  ILE ILE A . n 
A 1 46  GLY 46  42  42  GLY GLY A . n 
A 1 47  VAL 47  43  43  VAL VAL A . n 
A 1 48  LEU 48  44  44  LEU LEU A . n 
A 1 49  LYS 49  45  45  LYS LYS A . n 
A 1 50  GLY 50  46  46  GLY GLY A . n 
A 1 51  ALA 51  47  47  ALA ALA A . n 
A 1 52  ILE 52  48  48  ILE ILE A . n 
A 1 53  MET 53  49  49  MET MET A . n 
A 1 54  PHE 54  50  50  PHE PHE A . n 
A 1 55  MET 55  51  51  MET MET A . n 
A 1 56  SER 56  52  52  SER SER A . n 
A 1 57  GLY 57  53  53  GLY GLY A . n 
A 1 58  LEU 58  54  54  LEU LEU A . n 
A 1 59  SER 59  55  55  SER SER A . n 
A 1 60  ARG 60  56  56  ARG ARG A . n 
A 1 61  ALA 61  57  57  ALA ALA A . n 
A 1 62  ILE 62  58  58  ILE ILE A . n 
A 1 63  ASP 63  59  59  ASP ASP A . n 
A 1 64  LEU 64  60  60  LEU LEU A . n 
A 1 65  PRO 65  61  61  PRO PRO A . n 
A 1 66  LEU 66  62  62  LEU LEU A . n 
A 1 67  SER 67  63  63  SER SER A . n 
A 1 68  ILE 68  64  64  ILE ILE A . n 
A 1 69  ASP 69  65  65  ASP ASP A . n 
A 1 70  PHE 70  66  66  PHE PHE A . n 
A 1 71  LEU 71  67  67  LEU LEU A . n 
A 1 72  ALA 72  68  68  ALA ALA A . n 
A 1 73  VAL 73  69  69  VAL VAL A . n 
A 1 74  SER 74  70  70  SER SER A . n 
A 1 75  SER 75  71  71  SER SER A . n 
A 1 76  TYR 76  72  72  TYR TYR A . n 
A 1 77  GLY 77  73  73  GLY GLY A . n 
A 1 78  SER 78  74  74  SER SER A . n 
A 1 79  SER 79  75  75  SER SER A . n 
A 1 80  THR 80  76  76  THR THR A . n 
A 1 81  LYS 81  77  77  LYS LYS A . n 
A 1 82  SER 82  78  78  SER SER A . n 
A 1 83  SER 83  79  79  SER SER A . n 
A 1 84  GLY 84  80  80  GLY GLY A . n 
A 1 85  ILE 85  81  81  ILE ILE A . n 
A 1 86  VAL 86  82  82  VAL VAL A . n 
A 1 87  LYS 87  83  83  LYS LYS A . n 
A 1 88  ILE 88  84  84  ILE ILE A . n 
A 1 89  ILE 89  85  85  ILE ILE A . n 
A 1 90  LYS 90  86  86  LYS LYS A . n 
A 1 91  ASP 91  87  87  ASP ASP A . n 
A 1 92  HIS 92  88  88  HIS HIS A . n 
A 1 93  ASP 93  89  89  ASP ASP A . n 
A 1 94  ILE 94  90  90  ILE ILE A . n 
A 1 95  ASP 95  91  91  ASP ASP A . n 
A 1 96  ILE 96  92  92  ILE ILE A . n 
A 1 97  GLU 97  93  93  GLU GLU A . n 
A 1 98  GLY 98  94  94  GLY GLY A . n 
A 1 99  LYS 99  95  95  LYS LYS A . n 
A 1 100 ASP 100 96  96  ASP ASP A . n 
A 1 101 VAL 101 97  97  VAL VAL A . n 
A 1 102 LEU 102 98  98  LEU LEU A . n 
A 1 103 ILE 103 99  99  ILE ILE A . n 
A 1 104 VAL 104 100 100 VAL VAL A . n 
A 1 105 GLU 105 101 101 GLU GLU A . n 
A 1 106 ASP 106 102 102 ASP ASP A . n 
A 1 107 ILE 107 103 103 ILE ILE A . n 
A 1 108 ILE 108 104 104 ILE ILE A . n 
A 1 109 ASP 109 105 105 ASP ASP A . n 
A 1 110 SER 110 106 106 SER SER A . n 
A 1 111 GLY 111 107 107 GLY GLY A . n 
A 1 112 LEU 112 108 108 LEU LEU A . n 
A 1 113 THR 113 109 109 THR THR A . n 
A 1 114 LEU 114 110 110 LEU LEU A . n 
A 1 115 ALA 115 111 111 ALA ALA A . n 
A 1 116 TYR 116 112 112 TYR TYR A . n 
A 1 117 LEU 117 113 113 LEU LEU A . n 
A 1 118 ARG 118 114 114 ARG ARG A . n 
A 1 119 GLU 119 115 115 GLU GLU A . n 
A 1 120 THR 120 116 116 THR THR A . n 
A 1 121 LEU 121 117 117 LEU LEU A . n 
A 1 122 LEU 122 118 118 LEU LEU A . n 
A 1 123 GLY 123 119 119 GLY GLY A . n 
A 1 124 ARG 124 120 120 ARG ARG A . n 
A 1 125 LYS 125 121 121 LYS LYS A . n 
A 1 126 PRO 126 122 122 PRO PRO A . n 
A 1 127 ARG 127 123 123 ARG ARG A . n 
A 1 128 SER 128 124 124 SER SER A . n 
A 1 129 LEU 129 125 125 LEU LEU A . n 
A 1 130 LYS 130 126 126 LYS LYS A . n 
A 1 131 ILE 131 127 127 ILE ILE A . n 
A 1 132 CYS 132 128 128 CYS CYS A . n 
A 1 133 THR 133 129 129 THR THR A . n 
A 1 134 ILE 134 130 130 ILE ILE A . n 
A 1 135 LEU 135 131 131 LEU LEU A . n 
A 1 136 ASP 136 132 132 ASP ASP A . n 
A 1 137 LYS 137 133 133 LYS LYS A . n 
A 1 138 PRO 138 134 134 PRO PRO A . n 
A 1 139 GLU 139 135 135 GLU GLU A . n 
A 1 140 ARG 140 136 136 ARG ARG A . n 
A 1 141 ARG 141 137 137 ARG ARG A . n 
A 1 142 GLU 142 138 138 GLU GLU A . n 
A 1 143 ALA 143 139 139 ALA ALA A . n 
A 1 144 ASP 144 140 140 ASP ASP A . n 
A 1 145 VAL 145 141 141 VAL VAL A . n 
A 1 146 LYS 146 142 142 LYS LYS A . n 
A 1 147 VAL 147 143 143 VAL VAL A . n 
A 1 148 ASP 148 144 144 ASP ASP A . n 
A 1 149 TYR 149 145 145 TYR TYR A . n 
A 1 150 CYS 150 146 146 CYS CYS A . n 
A 1 151 GLY 151 147 147 GLY GLY A . n 
A 1 152 PHE 152 148 148 PHE PHE A . n 
A 1 153 LYS 153 149 149 LYS LYS A . n 
A 1 154 ILE 154 150 150 ILE ILE A . n 
A 1 155 PRO 155 151 151 PRO PRO A . n 
A 1 156 ASP 156 152 152 ASP ASP A . n 
A 1 157 LYS 157 153 153 LYS LYS A . n 
A 1 158 PHE 158 154 154 PHE PHE A . n 
A 1 159 VAL 159 155 155 VAL VAL A . n 
A 1 160 VAL 160 156 156 VAL VAL A . n 
A 1 161 GLY 161 157 157 GLY GLY A . n 
A 1 162 TYR 162 158 158 TYR TYR A . n 
A 1 163 GLY 163 159 159 GLY GLY A . n 
A 1 164 ILE 164 160 160 ILE ILE A . n 
A 1 165 ASP 165 161 161 ASP ASP A . n 
A 1 166 TYR 166 162 162 TYR TYR A . n 
A 1 167 ALA 167 163 163 ALA ALA A . n 
A 1 168 GLU 168 164 164 GLU GLU A . n 
A 1 169 LYS 169 165 165 LYS LYS A . n 
A 1 170 TYR 170 166 166 TYR TYR A . n 
A 1 171 ARG 171 167 167 ARG ARG A . n 
A 1 172 ASN 172 168 168 ASN ASN A . n 
A 1 173 LEU 173 169 169 LEU LEU A . n 
A 1 174 PRO 174 170 170 PRO PRO A . n 
A 1 175 PHE 175 171 171 PHE PHE A . n 
A 1 176 ILE 176 172 172 ILE ILE A . n 
A 1 177 GLY 177 173 173 GLY GLY A . n 
A 1 178 VAL 178 174 174 VAL VAL A . n 
A 1 179 LEU 179 175 175 LEU LEU A . n 
A 1 180 LYS 180 176 176 LYS LYS A . n 
A 1 181 PRO 181 177 177 PRO PRO A . n 
A 1 182 GLU 182 178 178 GLU GLU A . n 
A 1 183 LEU 183 179 179 LEU LEU A . n 
A 1 184 TYR 184 180 180 TYR TYR A . n 
A 1 185 LYS 185 181 ?   ?   ?   A . n 
# 
loop_
_pdbx_nonpoly_scheme.asym_id 
_pdbx_nonpoly_scheme.entity_id 
_pdbx_nonpoly_scheme.mon_id 
_pdbx_nonpoly_scheme.ndb_seq_num 
_pdbx_nonpoly_scheme.pdb_seq_num 
_pdbx_nonpoly_scheme.auth_seq_num 
_pdbx_nonpoly_scheme.pdb_mon_id 
_pdbx_nonpoly_scheme.auth_mon_id 
_pdbx_nonpoly_scheme.pdb_strand_id 
_pdbx_nonpoly_scheme.pdb_ins_code 
B 2 CA  1   201 201 CA  CA2 A . 
C 2 CA  1   202 202 CA  CA2 A . 
D 3 HOH 1   203 1   HOH TIP A . 
D 3 HOH 2   204 2   HOH TIP A . 
D 3 HOH 3   205 3   HOH TIP A . 
D 3 HOH 4   206 4   HOH TIP A . 
D 3 HOH 5   207 5   HOH TIP A . 
D 3 HOH 6   208 6   HOH TIP A . 
D 3 HOH 7   209 7   HOH TIP A . 
D 3 HOH 8   210 8   HOH TIP A . 
D 3 HOH 9   211 9   HOH TIP A . 
D 3 HOH 10  212 10  HOH TIP A . 
D 3 HOH 11  213 11  HOH TIP A . 
D 3 HOH 12  214 12  HOH TIP A . 
D 3 HOH 13  215 13  HOH TIP A . 
D 3 HOH 14  216 14  HOH TIP A . 
D 3 HOH 15  217 15  HOH TIP A . 
D 3 HOH 16  218 16  HOH TIP A . 
D 3 HOH 17  219 17  HOH TIP A . 
D 3 HOH 18  220 18  HOH TIP A . 
D 3 HOH 19  221 19  HOH TIP A . 
D 3 HOH 20  222 20  HOH TIP A . 
D 3 HOH 21  223 21  HOH TIP A . 
D 3 HOH 22  224 22  HOH TIP A . 
D 3 HOH 23  225 23  HOH TIP A . 
D 3 HOH 24  226 24  HOH TIP A . 
D 3 HOH 25  227 25  HOH TIP A . 
D 3 HOH 26  228 26  HOH TIP A . 
D 3 HOH 27  229 27  HOH TIP A . 
D 3 HOH 28  230 28  HOH TIP A . 
D 3 HOH 29  231 29  HOH TIP A . 
D 3 HOH 30  232 30  HOH TIP A . 
D 3 HOH 31  233 31  HOH TIP A . 
D 3 HOH 32  234 32  HOH TIP A . 
D 3 HOH 33  235 33  HOH TIP A . 
D 3 HOH 34  236 34  HOH TIP A . 
D 3 HOH 35  237 35  HOH TIP A . 
D 3 HOH 36  238 36  HOH TIP A . 
D 3 HOH 37  239 37  HOH TIP A . 
D 3 HOH 38  240 38  HOH TIP A . 
D 3 HOH 39  241 39  HOH TIP A . 
D 3 HOH 40  242 40  HOH TIP A . 
D 3 HOH 41  243 41  HOH TIP A . 
D 3 HOH 42  244 42  HOH TIP A . 
D 3 HOH 43  245 43  HOH TIP A . 
D 3 HOH 44  246 44  HOH TIP A . 
D 3 HOH 45  247 45  HOH TIP A . 
D 3 HOH 46  248 46  HOH TIP A . 
D 3 HOH 47  249 47  HOH TIP A . 
D 3 HOH 48  250 48  HOH TIP A . 
D 3 HOH 49  251 49  HOH TIP A . 
D 3 HOH 50  252 50  HOH TIP A . 
D 3 HOH 51  253 51  HOH TIP A . 
D 3 HOH 52  254 52  HOH TIP A . 
D 3 HOH 53  255 53  HOH TIP A . 
D 3 HOH 54  256 54  HOH TIP A . 
D 3 HOH 55  257 55  HOH TIP A . 
D 3 HOH 56  258 56  HOH TIP A . 
D 3 HOH 57  259 57  HOH TIP A . 
D 3 HOH 58  260 58  HOH TIP A . 
D 3 HOH 59  261 59  HOH TIP A . 
D 3 HOH 60  262 60  HOH TIP A . 
D 3 HOH 61  263 61  HOH TIP A . 
D 3 HOH 62  264 62  HOH TIP A . 
D 3 HOH 63  265 63  HOH TIP A . 
D 3 HOH 64  266 64  HOH TIP A . 
D 3 HOH 65  267 65  HOH TIP A . 
D 3 HOH 66  268 66  HOH TIP A . 
D 3 HOH 67  269 67  HOH TIP A . 
D 3 HOH 68  270 68  HOH TIP A . 
D 3 HOH 69  271 69  HOH TIP A . 
D 3 HOH 70  272 70  HOH TIP A . 
D 3 HOH 71  273 71  HOH TIP A . 
D 3 HOH 72  274 72  HOH TIP A . 
D 3 HOH 73  275 73  HOH TIP A . 
D 3 HOH 74  276 74  HOH TIP A . 
D 3 HOH 75  277 75  HOH TIP A . 
D 3 HOH 76  278 76  HOH TIP A . 
D 3 HOH 77  279 77  HOH TIP A . 
D 3 HOH 78  280 78  HOH TIP A . 
D 3 HOH 79  281 79  HOH TIP A . 
D 3 HOH 80  282 80  HOH TIP A . 
D 3 HOH 81  283 81  HOH TIP A . 
D 3 HOH 82  284 82  HOH TIP A . 
D 3 HOH 83  285 83  HOH TIP A . 
D 3 HOH 84  286 84  HOH TIP A . 
D 3 HOH 85  287 85  HOH TIP A . 
D 3 HOH 86  288 86  HOH TIP A . 
D 3 HOH 87  289 87  HOH TIP A . 
D 3 HOH 88  290 88  HOH TIP A . 
D 3 HOH 89  291 89  HOH TIP A . 
D 3 HOH 90  292 90  HOH TIP A . 
D 3 HOH 91  293 91  HOH TIP A . 
D 3 HOH 92  294 92  HOH TIP A . 
D 3 HOH 93  295 93  HOH TIP A . 
D 3 HOH 94  296 94  HOH TIP A . 
D 3 HOH 95  297 95  HOH TIP A . 
D 3 HOH 96  298 96  HOH TIP A . 
D 3 HOH 97  299 97  HOH TIP A . 
D 3 HOH 98  300 98  HOH TIP A . 
D 3 HOH 99  301 99  HOH TIP A . 
D 3 HOH 100 302 100 HOH TIP A . 
D 3 HOH 101 303 101 HOH TIP A . 
D 3 HOH 102 304 102 HOH TIP A . 
D 3 HOH 103 305 103 HOH TIP A . 
D 3 HOH 104 306 104 HOH TIP A . 
D 3 HOH 105 307 105 HOH TIP A . 
D 3 HOH 106 308 106 HOH TIP A . 
D 3 HOH 107 309 107 HOH TIP A . 
D 3 HOH 108 310 108 HOH TIP A . 
D 3 HOH 109 311 109 HOH TIP A . 
D 3 HOH 110 312 110 HOH TIP A . 
D 3 HOH 111 313 111 HOH TIP A . 
D 3 HOH 112 314 112 HOH TIP A . 
D 3 HOH 113 315 113 HOH TIP A . 
D 3 HOH 114 316 114 HOH TIP A . 
D 3 HOH 115 317 115 HOH TIP A . 
D 3 HOH 116 318 116 HOH TIP A . 
D 3 HOH 117 319 117 HOH TIP A . 
D 3 HOH 118 320 118 HOH TIP A . 
D 3 HOH 119 321 119 HOH TIP A . 
D 3 HOH 120 322 120 HOH TIP A . 
D 3 HOH 121 323 121 HOH TIP A . 
D 3 HOH 122 324 122 HOH TIP A . 
D 3 HOH 123 325 123 HOH TIP A . 
D 3 HOH 124 326 124 HOH TIP A . 
D 3 HOH 125 327 125 HOH TIP A . 
D 3 HOH 126 328 126 HOH TIP A . 
D 3 HOH 127 329 127 HOH TIP A . 
D 3 HOH 128 330 128 HOH TIP A . 
D 3 HOH 129 331 129 HOH TIP A . 
D 3 HOH 130 332 130 HOH TIP A . 
D 3 HOH 131 333 131 HOH TIP A . 
D 3 HOH 132 334 132 HOH TIP A . 
D 3 HOH 133 335 133 HOH TIP A . 
D 3 HOH 134 336 134 HOH TIP A . 
D 3 HOH 135 337 135 HOH TIP A . 
D 3 HOH 136 338 136 HOH TIP A . 
D 3 HOH 137 339 137 HOH TIP A . 
D 3 HOH 138 340 138 HOH TIP A . 
D 3 HOH 139 341 139 HOH TIP A . 
D 3 HOH 140 342 140 HOH TIP A . 
D 3 HOH 141 343 141 HOH TIP A . 
D 3 HOH 142 344 142 HOH TIP A . 
D 3 HOH 143 345 143 HOH TIP A . 
D 3 HOH 144 346 144 HOH TIP A . 
D 3 HOH 145 347 145 HOH TIP A . 
D 3 HOH 146 348 146 HOH TIP A . 
D 3 HOH 147 349 147 HOH TIP A . 
D 3 HOH 148 350 148 HOH TIP A . 
D 3 HOH 149 351 149 HOH TIP A . 
D 3 HOH 150 352 150 HOH TIP A . 
D 3 HOH 151 353 151 HOH TIP A . 
D 3 HOH 152 354 152 HOH TIP A . 
D 3 HOH 153 355 153 HOH TIP A . 
D 3 HOH 154 356 154 HOH TIP A . 
D 3 HOH 155 357 155 HOH TIP A . 
D 3 HOH 156 358 156 HOH TIP A . 
D 3 HOH 157 359 157 HOH TIP A . 
D 3 HOH 158 360 158 HOH TIP A . 
D 3 HOH 159 361 159 HOH TIP A . 
D 3 HOH 160 362 160 HOH TIP A . 
D 3 HOH 161 363 161 HOH TIP A . 
D 3 HOH 162 364 162 HOH TIP A . 
D 3 HOH 163 365 163 HOH TIP A . 
D 3 HOH 164 366 164 HOH TIP A . 
D 3 HOH 165 367 165 HOH TIP A . 
D 3 HOH 166 368 166 HOH TIP A . 
D 3 HOH 167 369 167 HOH TIP A . 
D 3 HOH 168 370 168 HOH TIP A . 
D 3 HOH 169 371 169 HOH TIP A . 
D 3 HOH 170 372 170 HOH TIP A . 
D 3 HOH 171 373 171 HOH TIP A . 
D 3 HOH 172 374 172 HOH TIP A . 
D 3 HOH 173 375 173 HOH TIP A . 
D 3 HOH 174 376 174 HOH TIP A . 
D 3 HOH 175 377 175 HOH TIP A . 
D 3 HOH 176 378 176 HOH TIP A . 
D 3 HOH 177 379 177 HOH TIP A . 
D 3 HOH 178 380 178 HOH TIP A . 
D 3 HOH 179 381 179 HOH TIP A . 
D 3 HOH 180 382 180 HOH TIP A . 
D 3 HOH 181 383 181 HOH TIP A . 
D 3 HOH 182 384 182 HOH TIP A . 
D 3 HOH 183 385 183 HOH TIP A . 
D 3 HOH 184 386 184 HOH TIP A . 
D 3 HOH 185 387 185 HOH TIP A . 
D 3 HOH 186 388 186 HOH TIP A . 
D 3 HOH 187 389 187 HOH TIP A . 
# 
loop_
_software.name 
_software.classification 
_software.version 
_software.citation_id 
_software.pdbx_ordinal 
CNS            refinement       1.1 ? 1 
'PROTEUM PLUS' 'data reduction' .   ? 2 
'PROTEUM PLUS' 'data scaling'   .   ? 3 
CNS            phasing          .   ? 4 
# 
_cell.entry_id           2GEB 
_cell.length_a           52.210 
_cell.length_b           88.360 
_cell.length_c           93.030 
_cell.angle_alpha        90.00 
_cell.angle_beta         90.00 
_cell.angle_gamma        90.00 
_cell.Z_PDB              8 
_cell.pdbx_unique_axis   ? 
_cell.length_a_esd       ? 
_cell.length_b_esd       ? 
_cell.length_c_esd       ? 
_cell.angle_alpha_esd    ? 
_cell.angle_beta_esd     ? 
_cell.angle_gamma_esd    ? 
# 
_symmetry.entry_id                         2GEB 
_symmetry.space_group_name_H-M             'I 2 2 2' 
_symmetry.pdbx_full_space_group_name_H-M   ? 
_symmetry.cell_setting                     ? 
_symmetry.Int_Tables_number                23 
_symmetry.space_group_name_Hall            ? 
# 
_exptl.entry_id          2GEB 
_exptl.method            'X-RAY DIFFRACTION' 
_exptl.crystals_number   1 
# 
_exptl_crystal.id                    1 
_exptl_crystal.density_meas          ? 
_exptl_crystal.density_Matthews      2.58 
_exptl_crystal.density_percent_sol   52.36 
_exptl_crystal.description           ? 
_exptl_crystal.F_000                 ? 
_exptl_crystal.preparation           ? 
# 
_exptl_crystal_grow.crystal_id      1 
_exptl_crystal_grow.method          'VAPOR DIFFUSION, HANGING DROP' 
_exptl_crystal_grow.temp            293 
_exptl_crystal_grow.temp_details    ? 
_exptl_crystal_grow.pH              7.5 
_exptl_crystal_grow.pdbx_details    
'0.2 M calcium chloride dihydrate, 0.1 M HEPES, 28% polyethylene glycol 400, pH 7.5, VAPOR DIFFUSION, HANGING DROP, temperature 293K' 
_exptl_crystal_grow.pdbx_pH_range   . 
# 
_diffrn.id                     1 
_diffrn.ambient_temp           100 
_diffrn.ambient_temp_details   ? 
_diffrn.crystal_id             1 
# 
_diffrn_detector.diffrn_id              1 
_diffrn_detector.detector               CCD 
_diffrn_detector.type                   'BRUKER SMART 6000' 
_diffrn_detector.pdbx_collection_date   2003-03-07 
_diffrn_detector.details                ? 
# 
_diffrn_radiation.diffrn_id                        1 
_diffrn_radiation.wavelength_id                    1 
_diffrn_radiation.pdbx_monochromatic_or_laue_m_l   M 
_diffrn_radiation.monochromator                    ? 
_diffrn_radiation.pdbx_diffrn_protocol             'SINGLE WAVELENGTH' 
_diffrn_radiation.pdbx_scattering_type             x-ray 
# 
_diffrn_radiation_wavelength.id           1 
_diffrn_radiation_wavelength.wavelength   1.5418 
_diffrn_radiation_wavelength.wt           1.0 
# 
_diffrn_source.diffrn_id                   1 
_diffrn_source.source                      'ROTATING ANODE' 
_diffrn_source.type                        'ENRAF-NONIUS FR591' 
_diffrn_source.pdbx_synchrotron_site       ? 
_diffrn_source.pdbx_synchrotron_beamline   ? 
_diffrn_source.pdbx_wavelength             ? 
_diffrn_source.pdbx_wavelength_list        1.5418 
# 
_reflns.entry_id                     2GEB 
_reflns.observed_criterion_sigma_I   ? 
_reflns.observed_criterion_sigma_F   ? 
_reflns.d_resolution_low             64.1 
_reflns.d_resolution_high            1.7 
_reflns.number_obs                   23486 
_reflns.number_all                   ? 
_reflns.percent_possible_obs         ? 
_reflns.pdbx_Rmerge_I_obs            ? 
_reflns.pdbx_Rsym_value              ? 
_reflns.pdbx_netI_over_sigmaI        ? 
_reflns.B_iso_Wilson_estimate        15.0 
_reflns.pdbx_redundancy              ? 
_reflns.R_free_details               ? 
_reflns.limit_h_max                  ? 
_reflns.limit_h_min                  ? 
_reflns.limit_k_max                  ? 
_reflns.limit_k_min                  ? 
_reflns.limit_l_max                  ? 
_reflns.limit_l_min                  ? 
_reflns.observed_criterion_F_max     ? 
_reflns.observed_criterion_F_min     ? 
_reflns.pdbx_chi_squared             ? 
_reflns.pdbx_scaling_rejects         ? 
_reflns.pdbx_diffrn_id               1 
_reflns.pdbx_ordinal                 1 
# 
_refine.entry_id                                 2GEB 
_refine.ls_number_reflns_obs                     23400 
_refine.ls_number_reflns_all                     ? 
_refine.pdbx_ls_sigma_I                          ? 
_refine.pdbx_ls_sigma_F                          0.0 
_refine.pdbx_data_cutoff_high_absF               1755325.74 
_refine.pdbx_data_cutoff_low_absF                0.000000 
_refine.pdbx_data_cutoff_high_rms_absF           ? 
_refine.ls_d_res_low                             19.96 
_refine.ls_d_res_high                            1.70 
_refine.ls_percent_reflns_obs                    97.2 
_refine.ls_R_factor_obs                          0.204 
_refine.ls_R_factor_all                          0.206 
_refine.ls_R_factor_R_work                       0.204 
_refine.ls_R_factor_R_free                       0.226 
_refine.ls_R_factor_R_free_error                 0.005 
_refine.ls_R_factor_R_free_error_details         ? 
_refine.ls_percent_reflns_R_free                 9.9 
_refine.ls_number_reflns_R_free                  2311 
_refine.ls_number_parameters                     ? 
_refine.ls_number_restraints                     ? 
_refine.occupancy_min                            ? 
_refine.occupancy_max                            ? 
_refine.correlation_coeff_Fo_to_Fc               ? 
_refine.correlation_coeff_Fo_to_Fc_free          ? 
_refine.B_iso_mean                               18.5 
_refine.aniso_B[1][1]                            0.05 
_refine.aniso_B[2][2]                            4.85 
_refine.aniso_B[3][3]                            -4.90 
_refine.aniso_B[1][2]                            0.00 
_refine.aniso_B[1][3]                            0.00 
_refine.aniso_B[2][3]                            0.00 
_refine.solvent_model_details                    'FLAT MODEL' 
_refine.solvent_model_param_ksol                 0.361869 
_refine.solvent_model_param_bsol                 52.4194 
_refine.pdbx_solvent_vdw_probe_radii             ? 
_refine.pdbx_solvent_ion_probe_radii             ? 
_refine.pdbx_solvent_shrinkage_radii             ? 
_refine.pdbx_ls_cross_valid_method               THROUGHOUT 
_refine.details                                  ? 
_refine.pdbx_starting_model                      ? 
_refine.pdbx_method_to_determine_struct          'MOLECULAR REPLACEMENT' 
_refine.pdbx_isotropic_thermal_model             RESTRAINED 
_refine.pdbx_stereochemistry_target_values       ? 
_refine.pdbx_stereochem_target_val_spec_case     ? 
_refine.pdbx_R_Free_selection_details            RANDOM 
_refine.pdbx_overall_ESU_R_Free                  ? 
_refine.overall_SU_ML                            ? 
_refine.overall_SU_B                             ? 
_refine.ls_redundancy_reflns_obs                 ? 
_refine.B_iso_min                                ? 
_refine.B_iso_max                                ? 
_refine.overall_SU_R_Cruickshank_DPI             ? 
_refine.overall_SU_R_free                        ? 
_refine.ls_wR_factor_R_free                      ? 
_refine.ls_wR_factor_R_work                      ? 
_refine.overall_FOM_free_R_set                   ? 
_refine.overall_FOM_work_R_set                   ? 
_refine.pdbx_refine_id                           'X-RAY DIFFRACTION' 
_refine.pdbx_overall_ESU_R                       ? 
_refine.pdbx_overall_phase_error                 ? 
_refine.pdbx_diffrn_id                           1 
_refine.pdbx_TLS_residual_ADP_flag               ? 
_refine.pdbx_overall_SU_R_free_Cruickshank_DPI   ? 
_refine.pdbx_overall_SU_R_Blow_DPI               ? 
_refine.pdbx_overall_SU_R_free_Blow_DPI          ? 
# 
_refine_analyze.entry_id                        2GEB 
_refine_analyze.Luzzati_coordinate_error_obs    0.19 
_refine_analyze.Luzzati_sigma_a_obs             0.16 
_refine_analyze.Luzzati_d_res_low_obs           5.00 
_refine_analyze.Luzzati_coordinate_error_free   0.22 
_refine_analyze.Luzzati_sigma_a_free            0.18 
_refine_analyze.Luzzati_d_res_low_free          ? 
_refine_analyze.number_disordered_residues      ? 
_refine_analyze.occupancy_sum_hydrogen          ? 
_refine_analyze.occupancy_sum_non_hydrogen      ? 
_refine_analyze.pdbx_Luzzati_d_res_high_obs     ? 
_refine_analyze.pdbx_refine_id                  'X-RAY DIFFRACTION' 
# 
_refine_hist.pdbx_refine_id                   'X-RAY DIFFRACTION' 
_refine_hist.cycle_id                         LAST 
_refine_hist.pdbx_number_atoms_protein        1446 
_refine_hist.pdbx_number_atoms_nucleic_acid   0 
_refine_hist.pdbx_number_atoms_ligand         2 
_refine_hist.number_atoms_solvent             187 
_refine_hist.number_atoms_total               1635 
_refine_hist.d_res_high                       1.70 
_refine_hist.d_res_low                        19.96 
# 
loop_
_refine_ls_restr.type 
_refine_ls_restr.dev_ideal 
_refine_ls_restr.dev_ideal_target 
_refine_ls_restr.weight 
_refine_ls_restr.number 
_refine_ls_restr.pdbx_refine_id 
_refine_ls_restr.pdbx_restraint_function 
c_bond_d                0.005 ?    ? ? 'X-RAY DIFFRACTION' ? 
c_bond_d_na             ?     ?    ? ? 'X-RAY DIFFRACTION' ? 
c_bond_d_prot           ?     ?    ? ? 'X-RAY DIFFRACTION' ? 
c_angle_d               ?     ?    ? ? 'X-RAY DIFFRACTION' ? 
c_angle_d_na            ?     ?    ? ? 'X-RAY DIFFRACTION' ? 
c_angle_d_prot          ?     ?    ? ? 'X-RAY DIFFRACTION' ? 
c_angle_deg             1.3   ?    ? ? 'X-RAY DIFFRACTION' ? 
c_angle_deg_na          ?     ?    ? ? 'X-RAY DIFFRACTION' ? 
c_angle_deg_prot        ?     ?    ? ? 'X-RAY DIFFRACTION' ? 
c_dihedral_angle_d      24.1  ?    ? ? 'X-RAY DIFFRACTION' ? 
c_dihedral_angle_d_na   ?     ?    ? ? 'X-RAY DIFFRACTION' ? 
c_dihedral_angle_d_prot ?     ?    ? ? 'X-RAY DIFFRACTION' ? 
c_improper_angle_d      0.80  ?    ? ? 'X-RAY DIFFRACTION' ? 
c_improper_angle_d_na   ?     ?    ? ? 'X-RAY DIFFRACTION' ? 
c_improper_angle_d_prot ?     ?    ? ? 'X-RAY DIFFRACTION' ? 
c_mcbond_it             1.22  1.50 ? ? 'X-RAY DIFFRACTION' ? 
c_mcangle_it            1.87  2.00 ? ? 'X-RAY DIFFRACTION' ? 
c_scbond_it             2.15  2.00 ? ? 'X-RAY DIFFRACTION' ? 
c_scangle_it            3.13  2.50 ? ? 'X-RAY DIFFRACTION' ? 
# 
_refine_ls_shell.pdbx_total_number_of_bins_used   6 
_refine_ls_shell.d_res_high                       1.70 
_refine_ls_shell.d_res_low                        1.81 
_refine_ls_shell.number_reflns_R_work             3145 
_refine_ls_shell.R_factor_R_work                  0.254 
_refine_ls_shell.percent_reflns_obs               87.5 
_refine_ls_shell.R_factor_R_free                  0.282 
_refine_ls_shell.R_factor_R_free_error            0.016 
_refine_ls_shell.percent_reflns_R_free            9.2 
_refine_ls_shell.number_reflns_R_free             317 
_refine_ls_shell.number_reflns_all                ? 
_refine_ls_shell.R_factor_all                     ? 
_refine_ls_shell.number_reflns_obs                ? 
_refine_ls_shell.redundancy_reflns_obs            ? 
_refine_ls_shell.pdbx_refine_id                   'X-RAY DIFFRACTION' 
# 
loop_
_pdbx_xplor_file.serial_no 
_pdbx_xplor_file.param_file 
_pdbx_xplor_file.topol_file 
_pdbx_xplor_file.pdbx_refine_id 
1 protein_rep.param protein.top 'X-RAY DIFFRACTION' 
2 water_rep.param   water.top   'X-RAY DIFFRACTION' 
3 ion.param         ion.top     'X-RAY DIFFRACTION' 
4 cis_peptide.param ?           'X-RAY DIFFRACTION' 
# 
_struct.entry_id                  2GEB 
_struct.title                     
;Crystal structure of the Thermoanaerobacter tengcongensis hypoxanthine-guanine phosphoribosyltransferase L160I mutant: insights into the inhibitor design
;
_struct.pdbx_model_details        ? 
_struct.pdbx_CASP_flag            ? 
_struct.pdbx_model_type_details   ? 
# 
_struct_keywords.entry_id        2GEB 
_struct_keywords.pdbx_keywords   TRANSFERASE 
_struct_keywords.text            'HGPRT, mutant, inhibitor design, selectivity, TRANSFERASE' 
# 
loop_
_struct_asym.id 
_struct_asym.pdbx_blank_PDB_chainid_flag 
_struct_asym.pdbx_modified 
_struct_asym.entity_id 
_struct_asym.details 
A N N 1 ? 
B N N 2 ? 
C N N 2 ? 
D N N 3 ? 
# 
_struct_ref.id                         1 
_struct_ref.db_name                    GB 
_struct_ref.db_code                    AAM25533 
_struct_ref.pdbx_db_accession          20517402 
_struct_ref.entity_id                  1 
_struct_ref.pdbx_seq_one_letter_code   
;MPSPMEDIEEILITEEQLKAKVKELGEMITRDYEGKDLVLIGVLKGAIMFMSDLSRAIDLPLSIDFMAVSSYGSSTKSSG
IVKIIKDHDIDIEGKDVLIVEDIIDSGLTLAYLRETLLGRKPRSLKICTILDKPERREADVKVDYCGFKIPDKFVVGYGL
DYAEKYRNLPFIGVLKPELYK
;
_struct_ref.pdbx_align_begin           1 
_struct_ref.pdbx_db_isoform            ? 
# 
_struct_ref_seq.align_id                      1 
_struct_ref_seq.ref_id                        1 
_struct_ref_seq.pdbx_PDB_id_code              2GEB 
_struct_ref_seq.pdbx_strand_id                A 
_struct_ref_seq.seq_align_beg                 5 
_struct_ref_seq.pdbx_seq_align_beg_ins_code   ? 
_struct_ref_seq.seq_align_end                 185 
_struct_ref_seq.pdbx_seq_align_end_ins_code   ? 
_struct_ref_seq.pdbx_db_accession             20517402 
_struct_ref_seq.db_align_beg                  1 
_struct_ref_seq.pdbx_db_align_beg_ins_code    ? 
_struct_ref_seq.db_align_end                  181 
_struct_ref_seq.pdbx_db_align_end_ins_code    ? 
_struct_ref_seq.pdbx_auth_seq_align_beg       1 
_struct_ref_seq.pdbx_auth_seq_align_end       181 
# 
loop_
_struct_ref_seq_dif.align_id 
_struct_ref_seq_dif.pdbx_pdb_id_code 
_struct_ref_seq_dif.mon_id 
_struct_ref_seq_dif.pdbx_pdb_strand_id 
_struct_ref_seq_dif.seq_num 
_struct_ref_seq_dif.pdbx_pdb_ins_code 
_struct_ref_seq_dif.pdbx_seq_db_name 
_struct_ref_seq_dif.pdbx_seq_db_accession_code 
_struct_ref_seq_dif.db_mon_id 
_struct_ref_seq_dif.pdbx_seq_db_seq_num 
_struct_ref_seq_dif.details 
_struct_ref_seq_dif.pdbx_auth_seq_num 
_struct_ref_seq_dif.pdbx_ordinal 
1 2GEB ARG A 1   ? GB 20517402 ?   ?   'expression tag'      -4  1 
1 2GEB GLY A 2   ? GB 20517402 ?   ?   'expression tag'      -3  2 
1 2GEB SER A 3   ? GB 20517402 ?   ?   'expression tag'      -2  3 
1 2GEB HIS A 4   ? GB 20517402 ?   ?   'expression tag'      -1  4 
1 2GEB GLY A 57  ? GB 20517402 ASP 53  'engineered mutation' 53  5 
1 2GEB LEU A 71  ? GB 20517402 MET 67  'engineered mutation' 67  6 
1 2GEB ILE A 164 ? GB 20517402 LEU 160 'engineered mutation' 160 7 
# 
_pdbx_struct_assembly.id                   1 
_pdbx_struct_assembly.details              author_defined_assembly 
_pdbx_struct_assembly.method_details       ? 
_pdbx_struct_assembly.oligomeric_details   tetrameric 
_pdbx_struct_assembly.oligomeric_count     4 
# 
_pdbx_struct_assembly_gen.assembly_id       1 
_pdbx_struct_assembly_gen.oper_expression   1,2,3,4 
_pdbx_struct_assembly_gen.asym_id_list      A,B,C,D 
# 
loop_
_pdbx_struct_oper_list.id 
_pdbx_struct_oper_list.type 
_pdbx_struct_oper_list.name 
_pdbx_struct_oper_list.symmetry_operation 
_pdbx_struct_oper_list.matrix[1][1] 
_pdbx_struct_oper_list.matrix[1][2] 
_pdbx_struct_oper_list.matrix[1][3] 
_pdbx_struct_oper_list.vector[1] 
_pdbx_struct_oper_list.matrix[2][1] 
_pdbx_struct_oper_list.matrix[2][2] 
_pdbx_struct_oper_list.matrix[2][3] 
_pdbx_struct_oper_list.vector[2] 
_pdbx_struct_oper_list.matrix[3][1] 
_pdbx_struct_oper_list.matrix[3][2] 
_pdbx_struct_oper_list.matrix[3][3] 
_pdbx_struct_oper_list.vector[3] 
1 'identity operation'         1_555 x,y,z       1.0000000000  0.0000000000  0.0000000000  0.0000000000   0.0000000000  1.0000000000  0.0000000000  0.0000000000   0.0000000000  0.0000000000  1.0000000000  0.0000000000   
2 'crystal symmetry operation' 2_885 -x+3,-y+3,z -0.9662461568 -0.1994362285 0.1630753056  -1.6520408723  -0.1994362285 0.1783786800  -0.9635383943 -26.3299801046 0.1630753056  -0.9635383943 -0.2121325233 -31.8588346676 
3 'crystal symmetry operation' 3_857 -x+3,y,-z+2 -0.5060836585 0.5945164974  0.6248435523  17.9333112175  0.5945164974  -0.2843932545 0.7521107705  -12.6925000617 0.6248435523  0.7521107705  -0.2095230870 -2.0991731165  
4 'crystal symmetry operation' 4_587 x,-y+3,-z+2 0.4723298153  -0.3950802689 -0.7879188580 -16.7910128689 -0.3950802689 -0.8939854255 0.2114276238  -30.1479695717 -0.7879188580 0.2114276238  -0.5783443898 -16.2593404409 
# 
_struct_biol.id        1 
_struct_biol.details   
;The biological assembly is a tetramer generated from the monomer 
in the asymmetric unit by the operations:  (-X,-Y,Z) dx= 3  dy= 3  dz= 0  and (X,-Y,-Z) dx= 0  dy= 3  dz= 2 and (-X,Y,-Z) dx= 3  dy= 0  dz= 2 .
;
# 
loop_
_struct_conf.conf_type_id 
_struct_conf.id 
_struct_conf.pdbx_PDB_helix_id 
_struct_conf.beg_label_comp_id 
_struct_conf.beg_label_asym_id 
_struct_conf.beg_label_seq_id 
_struct_conf.pdbx_beg_PDB_ins_code 
_struct_conf.end_label_comp_id 
_struct_conf.end_label_asym_id 
_struct_conf.end_label_seq_id 
_struct_conf.pdbx_end_PDB_ins_code 
_struct_conf.beg_auth_comp_id 
_struct_conf.beg_auth_asym_id 
_struct_conf.beg_auth_seq_id 
_struct_conf.end_auth_comp_id 
_struct_conf.end_auth_asym_id 
_struct_conf.end_auth_seq_id 
_struct_conf.pdbx_PDB_helix_class 
_struct_conf.details 
_struct_conf.pdbx_PDB_helix_length 
HELX_P HELX_P1 1 SER A 7   ? GLU A 10  ? SER A 3   GLU A 6   5 ? 4  
HELX_P HELX_P2 2 THR A 18  ? TYR A 37  ? THR A 14  TYR A 33  1 ? 20 
HELX_P HELX_P3 3 ALA A 51  ? ALA A 61  ? ALA A 47  ALA A 57  1 ? 11 
HELX_P HELX_P4 4 SER A 79  ? GLY A 84  ? SER A 75  GLY A 80  1 ? 6  
HELX_P HELX_P5 5 GLY A 111 ? GLY A 123 ? GLY A 107 GLY A 119 1 ? 13 
HELX_P HELX_P6 6 PRO A 138 ? ARG A 141 ? PRO A 134 ARG A 137 5 ? 4  
HELX_P HELX_P7 7 PRO A 181 ? TYR A 184 ? PRO A 177 TYR A 180 5 ? 4  
# 
_struct_conf_type.id          HELX_P 
_struct_conf_type.criteria    ? 
_struct_conf_type.reference   ? 
# 
loop_
_struct_conn.id 
_struct_conn.conn_type_id 
_struct_conn.pdbx_leaving_atom_flag 
_struct_conn.pdbx_PDB_id 
_struct_conn.ptnr1_label_asym_id 
_struct_conn.ptnr1_label_comp_id 
_struct_conn.ptnr1_label_seq_id 
_struct_conn.ptnr1_label_atom_id 
_struct_conn.pdbx_ptnr1_label_alt_id 
_struct_conn.pdbx_ptnr1_PDB_ins_code 
_struct_conn.pdbx_ptnr1_standard_comp_id 
_struct_conn.ptnr1_symmetry 
_struct_conn.ptnr2_label_asym_id 
_struct_conn.ptnr2_label_comp_id 
_struct_conn.ptnr2_label_seq_id 
_struct_conn.ptnr2_label_atom_id 
_struct_conn.pdbx_ptnr2_label_alt_id 
_struct_conn.pdbx_ptnr2_PDB_ins_code 
_struct_conn.ptnr1_auth_asym_id 
_struct_conn.ptnr1_auth_comp_id 
_struct_conn.ptnr1_auth_seq_id 
_struct_conn.ptnr2_auth_asym_id 
_struct_conn.ptnr2_auth_comp_id 
_struct_conn.ptnr2_auth_seq_id 
_struct_conn.ptnr2_symmetry 
_struct_conn.pdbx_ptnr3_label_atom_id 
_struct_conn.pdbx_ptnr3_label_seq_id 
_struct_conn.pdbx_ptnr3_label_comp_id 
_struct_conn.pdbx_ptnr3_label_asym_id 
_struct_conn.pdbx_ptnr3_label_alt_id 
_struct_conn.pdbx_ptnr3_PDB_ins_code 
_struct_conn.details 
_struct_conn.pdbx_dist_value 
_struct_conn.pdbx_value_order 
_struct_conn.pdbx_role 
metalc1  metalc ? ? A ASP 11  OD1 ? ? ? 1_555 C CA  . CA ? ? A ASP 7   A CA  202 1_555 ? ? ? ? ? ? ? 2.231 ? ? 
metalc2  metalc ? ? A ASP 11  OD2 ? ? ? 1_555 C CA  . CA ? ? A ASP 7   A CA  202 1_555 ? ? ? ? ? ? ? 3.090 ? ? 
metalc3  metalc ? ? A GLU 105 OE2 ? ? ? 1_555 B CA  . CA ? ? A GLU 101 A CA  201 1_555 ? ? ? ? ? ? ? 2.329 ? ? 
metalc4  metalc ? ? A GLU 105 OE1 ? ? ? 1_555 B CA  . CA ? ? A GLU 101 A CA  201 1_555 ? ? ? ? ? ? ? 3.168 ? ? 
metalc5  metalc ? ? A ASP 106 OD1 ? ? ? 1_555 B CA  . CA ? ? A ASP 102 A CA  201 1_555 ? ? ? ? ? ? ? 2.438 ? ? 
metalc6  metalc ? ? A GLU 139 OE1 ? ? ? 8_577 C CA  . CA ? ? A GLU 135 A CA  202 1_555 ? ? ? ? ? ? ? 2.265 ? ? 
metalc7  metalc ? ? B CA  .   CA  ? ? ? 1_555 D HOH . O  ? ? A CA  201 A HOH 261 1_555 ? ? ? ? ? ? ? 2.282 ? ? 
metalc8  metalc ? ? B CA  .   CA  ? ? ? 1_555 D HOH . O  ? ? A CA  201 A HOH 321 1_555 ? ? ? ? ? ? ? 2.278 ? ? 
metalc9  metalc ? ? B CA  .   CA  ? ? ? 1_555 D HOH . O  ? ? A CA  201 A HOH 328 1_555 ? ? ? ? ? ? ? 2.377 ? ? 
metalc10 metalc ? ? B CA  .   CA  ? ? ? 1_555 D HOH . O  ? ? A CA  201 A HOH 349 1_555 ? ? ? ? ? ? ? 2.399 ? ? 
metalc11 metalc ? ? C CA  .   CA  ? ? ? 1_555 D HOH . O  ? ? A CA  202 A HOH 248 1_555 ? ? ? ? ? ? ? 2.471 ? ? 
metalc12 metalc ? ? C CA  .   CA  ? ? ? 1_555 D HOH . O  ? ? A CA  202 A HOH 249 1_555 ? ? ? ? ? ? ? 2.341 ? ? 
metalc13 metalc ? ? C CA  .   CA  ? ? ? 1_555 D HOH . O  ? ? A CA  202 A HOH 260 1_555 ? ? ? ? ? ? ? 2.357 ? ? 
metalc14 metalc ? ? C CA  .   CA  ? ? ? 1_555 D HOH . O  ? ? A CA  202 A HOH 273 8_577 ? ? ? ? ? ? ? 3.285 ? ? 
metalc15 metalc ? ? C CA  .   CA  ? ? ? 1_555 D HOH . O  ? ? A CA  202 A HOH 388 8_577 ? ? ? ? ? ? ? 2.480 ? ? 
# 
_struct_conn_type.id          metalc 
_struct_conn_type.criteria    ? 
_struct_conn_type.reference   ? 
# 
loop_
_pdbx_struct_conn_angle.id 
_pdbx_struct_conn_angle.ptnr1_label_atom_id 
_pdbx_struct_conn_angle.ptnr1_label_alt_id 
_pdbx_struct_conn_angle.ptnr1_label_asym_id 
_pdbx_struct_conn_angle.ptnr1_label_comp_id 
_pdbx_struct_conn_angle.ptnr1_label_seq_id 
_pdbx_struct_conn_angle.ptnr1_auth_atom_id 
_pdbx_struct_conn_angle.ptnr1_auth_asym_id 
_pdbx_struct_conn_angle.ptnr1_auth_comp_id 
_pdbx_struct_conn_angle.ptnr1_auth_seq_id 
_pdbx_struct_conn_angle.ptnr1_PDB_ins_code 
_pdbx_struct_conn_angle.ptnr1_symmetry 
_pdbx_struct_conn_angle.ptnr2_label_atom_id 
_pdbx_struct_conn_angle.ptnr2_label_alt_id 
_pdbx_struct_conn_angle.ptnr2_label_asym_id 
_pdbx_struct_conn_angle.ptnr2_label_comp_id 
_pdbx_struct_conn_angle.ptnr2_label_seq_id 
_pdbx_struct_conn_angle.ptnr2_auth_atom_id 
_pdbx_struct_conn_angle.ptnr2_auth_asym_id 
_pdbx_struct_conn_angle.ptnr2_auth_comp_id 
_pdbx_struct_conn_angle.ptnr2_auth_seq_id 
_pdbx_struct_conn_angle.ptnr2_PDB_ins_code 
_pdbx_struct_conn_angle.ptnr2_symmetry 
_pdbx_struct_conn_angle.ptnr3_label_atom_id 
_pdbx_struct_conn_angle.ptnr3_label_alt_id 
_pdbx_struct_conn_angle.ptnr3_label_asym_id 
_pdbx_struct_conn_angle.ptnr3_label_comp_id 
_pdbx_struct_conn_angle.ptnr3_label_seq_id 
_pdbx_struct_conn_angle.ptnr3_auth_atom_id 
_pdbx_struct_conn_angle.ptnr3_auth_asym_id 
_pdbx_struct_conn_angle.ptnr3_auth_comp_id 
_pdbx_struct_conn_angle.ptnr3_auth_seq_id 
_pdbx_struct_conn_angle.ptnr3_PDB_ins_code 
_pdbx_struct_conn_angle.ptnr3_symmetry 
_pdbx_struct_conn_angle.value 
_pdbx_struct_conn_angle.value_esd 
1  OD1 ? A ASP 11  ? A ASP 7   ? 1_555 CA ? C CA . ? A CA 202 ? 1_555 OD2 ? A ASP 11  ? A ASP 7   ? 1_555 45.2  ? 
2  OD1 ? A ASP 11  ? A ASP 7   ? 1_555 CA ? C CA . ? A CA 202 ? 1_555 OE1 ? A GLU 139 ? A GLU 135 ? 8_577 101.7 ? 
3  OD2 ? A ASP 11  ? A ASP 7   ? 1_555 CA ? C CA . ? A CA 202 ? 1_555 OE1 ? A GLU 139 ? A GLU 135 ? 8_577 105.0 ? 
4  OD1 ? A ASP 11  ? A ASP 7   ? 1_555 CA ? C CA . ? A CA 202 ? 1_555 O   ? D HOH .   ? A HOH 248 ? 1_555 157.3 ? 
5  OD2 ? A ASP 11  ? A ASP 7   ? 1_555 CA ? C CA . ? A CA 202 ? 1_555 O   ? D HOH .   ? A HOH 248 ? 1_555 124.7 ? 
6  OE1 ? A GLU 139 ? A GLU 135 ? 8_577 CA ? C CA . ? A CA 202 ? 1_555 O   ? D HOH .   ? A HOH 248 ? 1_555 100.8 ? 
7  OD1 ? A ASP 11  ? A ASP 7   ? 1_555 CA ? C CA . ? A CA 202 ? 1_555 O   ? D HOH .   ? A HOH 249 ? 1_555 89.0  ? 
8  OD2 ? A ASP 11  ? A ASP 7   ? 1_555 CA ? C CA . ? A CA 202 ? 1_555 O   ? D HOH .   ? A HOH 249 ? 1_555 82.1  ? 
9  OE1 ? A GLU 139 ? A GLU 135 ? 8_577 CA ? C CA . ? A CA 202 ? 1_555 O   ? D HOH .   ? A HOH 249 ? 1_555 169.3 ? 
10 O   ? D HOH .   ? A HOH 248 ? 1_555 CA ? C CA . ? A CA 202 ? 1_555 O   ? D HOH .   ? A HOH 249 ? 1_555 68.6  ? 
11 OD1 ? A ASP 11  ? A ASP 7   ? 1_555 CA ? C CA . ? A CA 202 ? 1_555 O   ? D HOH .   ? A HOH 260 ? 1_555 99.1  ? 
12 OD2 ? A ASP 11  ? A ASP 7   ? 1_555 CA ? C CA . ? A CA 202 ? 1_555 O   ? D HOH .   ? A HOH 260 ? 1_555 54.2  ? 
13 OE1 ? A GLU 139 ? A GLU 135 ? 8_577 CA ? C CA . ? A CA 202 ? 1_555 O   ? D HOH .   ? A HOH 260 ? 1_555 91.2  ? 
14 O   ? D HOH .   ? A HOH 248 ? 1_555 CA ? C CA . ? A CA 202 ? 1_555 O   ? D HOH .   ? A HOH 260 ? 1_555 77.6  ? 
15 O   ? D HOH .   ? A HOH 249 ? 1_555 CA ? C CA . ? A CA 202 ? 1_555 O   ? D HOH .   ? A HOH 260 ? 1_555 86.6  ? 
16 OD1 ? A ASP 11  ? A ASP 7   ? 1_555 CA ? C CA . ? A CA 202 ? 1_555 O   ? D HOH .   ? A HOH 273 ? 8_577 52.8  ? 
17 OD2 ? A ASP 11  ? A ASP 7   ? 1_555 CA ? C CA . ? A CA 202 ? 1_555 O   ? D HOH .   ? A HOH 273 ? 8_577 97.8  ? 
18 OE1 ? A GLU 139 ? A GLU 135 ? 8_577 CA ? C CA . ? A CA 202 ? 1_555 O   ? D HOH .   ? A HOH 273 ? 8_577 84.1  ? 
19 O   ? D HOH .   ? A HOH 248 ? 1_555 CA ? C CA . ? A CA 202 ? 1_555 O   ? D HOH .   ? A HOH 273 ? 8_577 133.1 ? 
20 O   ? D HOH .   ? A HOH 249 ? 1_555 CA ? C CA . ? A CA 202 ? 1_555 O   ? D HOH .   ? A HOH 273 ? 8_577 103.1 ? 
21 O   ? D HOH .   ? A HOH 260 ? 1_555 CA ? C CA . ? A CA 202 ? 1_555 O   ? D HOH .   ? A HOH 273 ? 8_577 149.3 ? 
22 OD1 ? A ASP 11  ? A ASP 7   ? 1_555 CA ? C CA . ? A CA 202 ? 1_555 O   ? D HOH .   ? A HOH 388 ? 8_577 105.4 ? 
23 OD2 ? A ASP 11  ? A ASP 7   ? 1_555 CA ? C CA . ? A CA 202 ? 1_555 O   ? D HOH .   ? A HOH 388 ? 8_577 145.9 ? 
24 OE1 ? A GLU 139 ? A GLU 135 ? 8_577 CA ? C CA . ? A CA 202 ? 1_555 O   ? D HOH .   ? A HOH 388 ? 8_577 97.1  ? 
25 O   ? D HOH .   ? A HOH 248 ? 1_555 CA ? C CA . ? A CA 202 ? 1_555 O   ? D HOH .   ? A HOH 388 ? 8_577 74.4  ? 
26 O   ? D HOH .   ? A HOH 249 ? 1_555 CA ? C CA . ? A CA 202 ? 1_555 O   ? D HOH .   ? A HOH 388 ? 8_577 80.3  ? 
27 O   ? D HOH .   ? A HOH 260 ? 1_555 CA ? C CA . ? A CA 202 ? 1_555 O   ? D HOH .   ? A HOH 388 ? 8_577 151.8 ? 
28 O   ? D HOH .   ? A HOH 273 ? 8_577 CA ? C CA . ? A CA 202 ? 1_555 O   ? D HOH .   ? A HOH 388 ? 8_577 58.7  ? 
29 OE2 ? A GLU 105 ? A GLU 101 ? 1_555 CA ? B CA . ? A CA 201 ? 1_555 OE1 ? A GLU 105 ? A GLU 101 ? 1_555 43.6  ? 
30 OE2 ? A GLU 105 ? A GLU 101 ? 1_555 CA ? B CA . ? A CA 201 ? 1_555 OD1 ? A ASP 106 ? A ASP 102 ? 1_555 68.4  ? 
31 OE1 ? A GLU 105 ? A GLU 101 ? 1_555 CA ? B CA . ? A CA 201 ? 1_555 OD1 ? A ASP 106 ? A ASP 102 ? 1_555 111.3 ? 
32 OE2 ? A GLU 105 ? A GLU 101 ? 1_555 CA ? B CA . ? A CA 201 ? 1_555 O   ? D HOH .   ? A HOH 261 ? 1_555 79.1  ? 
33 OE1 ? A GLU 105 ? A GLU 101 ? 1_555 CA ? B CA . ? A CA 201 ? 1_555 O   ? D HOH .   ? A HOH 261 ? 1_555 78.1  ? 
34 OD1 ? A ASP 106 ? A ASP 102 ? 1_555 CA ? B CA . ? A CA 201 ? 1_555 O   ? D HOH .   ? A HOH 261 ? 1_555 81.3  ? 
35 OE2 ? A GLU 105 ? A GLU 101 ? 1_555 CA ? B CA . ? A CA 201 ? 1_555 O   ? D HOH .   ? A HOH 321 ? 1_555 87.2  ? 
36 OE1 ? A GLU 105 ? A GLU 101 ? 1_555 CA ? B CA . ? A CA 201 ? 1_555 O   ? D HOH .   ? A HOH 321 ? 1_555 45.3  ? 
37 OD1 ? A ASP 106 ? A ASP 102 ? 1_555 CA ? B CA . ? A CA 201 ? 1_555 O   ? D HOH .   ? A HOH 321 ? 1_555 155.4 ? 
38 O   ? D HOH .   ? A HOH 261 ? 1_555 CA ? B CA . ? A CA 201 ? 1_555 O   ? D HOH .   ? A HOH 321 ? 1_555 97.5  ? 
39 OE2 ? A GLU 105 ? A GLU 101 ? 1_555 CA ? B CA . ? A CA 201 ? 1_555 O   ? D HOH .   ? A HOH 328 ? 1_555 148.2 ? 
40 OE1 ? A GLU 105 ? A GLU 101 ? 1_555 CA ? B CA . ? A CA 201 ? 1_555 O   ? D HOH .   ? A HOH 328 ? 1_555 156.9 ? 
41 OD1 ? A ASP 106 ? A ASP 102 ? 1_555 CA ? B CA . ? A CA 201 ? 1_555 O   ? D HOH .   ? A HOH 328 ? 1_555 81.8  ? 
42 O   ? D HOH .   ? A HOH 261 ? 1_555 CA ? B CA . ? A CA 201 ? 1_555 O   ? D HOH .   ? A HOH 328 ? 1_555 85.6  ? 
43 O   ? D HOH .   ? A HOH 321 ? 1_555 CA ? B CA . ? A CA 201 ? 1_555 O   ? D HOH .   ? A HOH 328 ? 1_555 122.7 ? 
44 OE2 ? A GLU 105 ? A GLU 101 ? 1_555 CA ? B CA . ? A CA 201 ? 1_555 O   ? D HOH .   ? A HOH 349 ? 1_555 89.3  ? 
45 OE1 ? A GLU 105 ? A GLU 101 ? 1_555 CA ? B CA . ? A CA 201 ? 1_555 O   ? D HOH .   ? A HOH 349 ? 1_555 99.4  ? 
46 OD1 ? A ASP 106 ? A ASP 102 ? 1_555 CA ? B CA . ? A CA 201 ? 1_555 O   ? D HOH .   ? A HOH 349 ? 1_555 86.5  ? 
47 O   ? D HOH .   ? A HOH 261 ? 1_555 CA ? B CA . ? A CA 201 ? 1_555 O   ? D HOH .   ? A HOH 349 ? 1_555 165.6 ? 
48 O   ? D HOH .   ? A HOH 321 ? 1_555 CA ? B CA . ? A CA 201 ? 1_555 O   ? D HOH .   ? A HOH 349 ? 1_555 90.4  ? 
49 O   ? D HOH .   ? A HOH 328 ? 1_555 CA ? B CA . ? A CA 201 ? 1_555 O   ? D HOH .   ? A HOH 349 ? 1_555 100.3 ? 
# 
_struct_mon_prot_cis.pdbx_id                1 
_struct_mon_prot_cis.label_comp_id          LEU 
_struct_mon_prot_cis.label_seq_id           48 
_struct_mon_prot_cis.label_asym_id          A 
_struct_mon_prot_cis.label_alt_id           . 
_struct_mon_prot_cis.pdbx_PDB_ins_code      ? 
_struct_mon_prot_cis.auth_comp_id           LEU 
_struct_mon_prot_cis.auth_seq_id            44 
_struct_mon_prot_cis.auth_asym_id           A 
_struct_mon_prot_cis.pdbx_label_comp_id_2   LYS 
_struct_mon_prot_cis.pdbx_label_seq_id_2    49 
_struct_mon_prot_cis.pdbx_label_asym_id_2   A 
_struct_mon_prot_cis.pdbx_PDB_ins_code_2    ? 
_struct_mon_prot_cis.pdbx_auth_comp_id_2    LYS 
_struct_mon_prot_cis.pdbx_auth_seq_id_2     45 
_struct_mon_prot_cis.pdbx_auth_asym_id_2    A 
_struct_mon_prot_cis.pdbx_PDB_model_num     1 
_struct_mon_prot_cis.pdbx_omega_angle       -0.37 
# 
loop_
_struct_sheet.id 
_struct_sheet.type 
_struct_sheet.number_strands 
_struct_sheet.details 
A ? 3 ? 
B ? 6 ? 
# 
loop_
_struct_sheet_order.sheet_id 
_struct_sheet_order.range_id_1 
_struct_sheet_order.range_id_2 
_struct_sheet_order.offset 
_struct_sheet_order.sense 
A 1 2 ? anti-parallel 
A 2 3 ? anti-parallel 
B 1 2 ? anti-parallel 
B 2 3 ? parallel      
B 3 4 ? parallel      
B 4 5 ? parallel      
B 5 6 ? parallel      
# 
loop_
_struct_sheet_range.sheet_id 
_struct_sheet_range.id 
_struct_sheet_range.beg_label_comp_id 
_struct_sheet_range.beg_label_asym_id 
_struct_sheet_range.beg_label_seq_id 
_struct_sheet_range.pdbx_beg_PDB_ins_code 
_struct_sheet_range.end_label_comp_id 
_struct_sheet_range.end_label_asym_id 
_struct_sheet_range.end_label_seq_id 
_struct_sheet_range.pdbx_end_PDB_ins_code 
_struct_sheet_range.beg_auth_comp_id 
_struct_sheet_range.beg_auth_asym_id 
_struct_sheet_range.beg_auth_seq_id 
_struct_sheet_range.end_auth_comp_id 
_struct_sheet_range.end_auth_asym_id 
_struct_sheet_range.end_auth_seq_id 
A 1 ILE A 12  ? ILE A 17  ? ILE A 8   ILE A 13  
A 2 ILE A 176 ? LEU A 179 ? ILE A 172 LEU A 175 
A 3 VAL A 159 ? VAL A 160 ? VAL A 155 VAL A 156 
B 1 VAL A 86  ? LYS A 90  ? VAL A 82  LYS A 86  
B 2 SER A 67  ? SER A 75  ? SER A 63  SER A 71  
B 3 LEU A 42  ? VAL A 47  ? LEU A 38  VAL A 43  
B 4 ASP A 100 ? ILE A 108 ? ASP A 96  ILE A 104 
B 5 SER A 128 ? ASP A 136 ? SER A 124 ASP A 132 
B 6 TYR A 149 ? LYS A 153 ? TYR A 145 LYS A 149 
# 
loop_
_pdbx_struct_sheet_hbond.sheet_id 
_pdbx_struct_sheet_hbond.range_id_1 
_pdbx_struct_sheet_hbond.range_id_2 
_pdbx_struct_sheet_hbond.range_1_label_atom_id 
_pdbx_struct_sheet_hbond.range_1_label_comp_id 
_pdbx_struct_sheet_hbond.range_1_label_asym_id 
_pdbx_struct_sheet_hbond.range_1_label_seq_id 
_pdbx_struct_sheet_hbond.range_1_PDB_ins_code 
_pdbx_struct_sheet_hbond.range_1_auth_atom_id 
_pdbx_struct_sheet_hbond.range_1_auth_comp_id 
_pdbx_struct_sheet_hbond.range_1_auth_asym_id 
_pdbx_struct_sheet_hbond.range_1_auth_seq_id 
_pdbx_struct_sheet_hbond.range_2_label_atom_id 
_pdbx_struct_sheet_hbond.range_2_label_comp_id 
_pdbx_struct_sheet_hbond.range_2_label_asym_id 
_pdbx_struct_sheet_hbond.range_2_label_seq_id 
_pdbx_struct_sheet_hbond.range_2_PDB_ins_code 
_pdbx_struct_sheet_hbond.range_2_auth_atom_id 
_pdbx_struct_sheet_hbond.range_2_auth_comp_id 
_pdbx_struct_sheet_hbond.range_2_auth_asym_id 
_pdbx_struct_sheet_hbond.range_2_auth_seq_id 
A 1 2 N GLU A 14  ? N GLU A 10  O VAL A 178 ? O VAL A 174 
A 2 3 O GLY A 177 ? O GLY A 173 N VAL A 160 ? N VAL A 156 
B 1 2 O LYS A 87  ? O LYS A 83  N SER A 74  ? N SER A 70  
B 2 3 O SER A 67  ? O SER A 63  N LEU A 44  ? N LEU A 40  
B 3 4 N ILE A 45  ? N ILE A 41  O VAL A 104 ? O VAL A 100 
B 4 5 N ILE A 103 ? N ILE A 99  O LYS A 130 ? O LYS A 126 
B 5 6 N THR A 133 ? N THR A 129 O GLY A 151 ? O GLY A 147 
# 
loop_
_struct_site.id 
_struct_site.pdbx_evidence_code 
_struct_site.pdbx_auth_asym_id 
_struct_site.pdbx_auth_comp_id 
_struct_site.pdbx_auth_seq_id 
_struct_site.pdbx_auth_ins_code 
_struct_site.pdbx_num_residues 
_struct_site.details 
AC1 Software A CA 201 ? 6 'BINDING SITE FOR RESIDUE CA A 201' 
AC2 Software A CA 202 ? 6 'BINDING SITE FOR RESIDUE CA A 202' 
# 
loop_
_struct_site_gen.id 
_struct_site_gen.site_id 
_struct_site_gen.pdbx_num_res 
_struct_site_gen.label_comp_id 
_struct_site_gen.label_asym_id 
_struct_site_gen.label_seq_id 
_struct_site_gen.pdbx_auth_ins_code 
_struct_site_gen.auth_comp_id 
_struct_site_gen.auth_asym_id 
_struct_site_gen.auth_seq_id 
_struct_site_gen.label_atom_id 
_struct_site_gen.label_alt_id 
_struct_site_gen.symmetry 
_struct_site_gen.details 
1  AC1 6 GLU A 105 ? GLU A 101 . ? 1_555 ? 
2  AC1 6 ASP A 106 ? ASP A 102 . ? 1_555 ? 
3  AC1 6 HOH D .   ? HOH A 261 . ? 1_555 ? 
4  AC1 6 HOH D .   ? HOH A 321 . ? 1_555 ? 
5  AC1 6 HOH D .   ? HOH A 328 . ? 1_555 ? 
6  AC1 6 HOH D .   ? HOH A 349 . ? 1_555 ? 
7  AC2 6 ASP A 11  ? ASP A 7   . ? 1_555 ? 
8  AC2 6 GLU A 139 ? GLU A 135 . ? 8_577 ? 
9  AC2 6 HOH D .   ? HOH A 248 . ? 1_555 ? 
10 AC2 6 HOH D .   ? HOH A 249 . ? 1_555 ? 
11 AC2 6 HOH D .   ? HOH A 260 . ? 1_555 ? 
12 AC2 6 HOH D .   ? HOH A 388 . ? 8_577 ? 
# 
_pdbx_validate_rmsd_angle.id                         1 
_pdbx_validate_rmsd_angle.PDB_model_num              1 
_pdbx_validate_rmsd_angle.auth_atom_id_1             C 
_pdbx_validate_rmsd_angle.auth_asym_id_1             A 
_pdbx_validate_rmsd_angle.auth_comp_id_1             MET 
_pdbx_validate_rmsd_angle.auth_seq_id_1              1 
_pdbx_validate_rmsd_angle.PDB_ins_code_1             ? 
_pdbx_validate_rmsd_angle.label_alt_id_1             ? 
_pdbx_validate_rmsd_angle.auth_atom_id_2             N 
_pdbx_validate_rmsd_angle.auth_asym_id_2             A 
_pdbx_validate_rmsd_angle.auth_comp_id_2             PRO 
_pdbx_validate_rmsd_angle.auth_seq_id_2              2 
_pdbx_validate_rmsd_angle.PDB_ins_code_2             ? 
_pdbx_validate_rmsd_angle.label_alt_id_2             ? 
_pdbx_validate_rmsd_angle.auth_atom_id_3             CA 
_pdbx_validate_rmsd_angle.auth_asym_id_3             A 
_pdbx_validate_rmsd_angle.auth_comp_id_3             PRO 
_pdbx_validate_rmsd_angle.auth_seq_id_3              2 
_pdbx_validate_rmsd_angle.PDB_ins_code_3             ? 
_pdbx_validate_rmsd_angle.label_alt_id_3             ? 
_pdbx_validate_rmsd_angle.angle_value                130.32 
_pdbx_validate_rmsd_angle.angle_target_value         119.30 
_pdbx_validate_rmsd_angle.angle_deviation            11.02 
_pdbx_validate_rmsd_angle.angle_standard_deviation   1.50 
_pdbx_validate_rmsd_angle.linker_flag                Y 
# 
loop_
_pdbx_validate_torsion.id 
_pdbx_validate_torsion.PDB_model_num 
_pdbx_validate_torsion.auth_comp_id 
_pdbx_validate_torsion.auth_asym_id 
_pdbx_validate_torsion.auth_seq_id 
_pdbx_validate_torsion.PDB_ins_code 
_pdbx_validate_torsion.label_alt_id 
_pdbx_validate_torsion.phi 
_pdbx_validate_torsion.psi 
1 1 SER A 75  ? ? -141.89 -39.07 
2 1 ASP A 105 ? ? -127.08 -78.22 
3 1 GLU A 164 ? ? 72.39   -5.63  
4 1 TYR A 166 ? ? 76.09   -0.39  
# 
_pdbx_unobs_or_zero_occ_residues.id               1 
_pdbx_unobs_or_zero_occ_residues.PDB_model_num    1 
_pdbx_unobs_or_zero_occ_residues.polymer_flag     Y 
_pdbx_unobs_or_zero_occ_residues.occupancy_flag   1 
_pdbx_unobs_or_zero_occ_residues.auth_asym_id     A 
_pdbx_unobs_or_zero_occ_residues.auth_comp_id     LYS 
_pdbx_unobs_or_zero_occ_residues.auth_seq_id      181 
_pdbx_unobs_or_zero_occ_residues.PDB_ins_code     ? 
_pdbx_unobs_or_zero_occ_residues.label_asym_id    A 
_pdbx_unobs_or_zero_occ_residues.label_comp_id    LYS 
_pdbx_unobs_or_zero_occ_residues.label_seq_id     185 
# 
loop_
_chem_comp_atom.comp_id 
_chem_comp_atom.atom_id 
_chem_comp_atom.type_symbol 
_chem_comp_atom.pdbx_aromatic_flag 
_chem_comp_atom.pdbx_stereo_config 
_chem_comp_atom.pdbx_ordinal 
ALA N    N  N N 1   
ALA CA   C  N S 2   
ALA C    C  N N 3   
ALA O    O  N N 4   
ALA CB   C  N N 5   
ALA OXT  O  N N 6   
ALA H    H  N N 7   
ALA H2   H  N N 8   
ALA HA   H  N N 9   
ALA HB1  H  N N 10  
ALA HB2  H  N N 11  
ALA HB3  H  N N 12  
ALA HXT  H  N N 13  
ARG N    N  N N 14  
ARG CA   C  N S 15  
ARG C    C  N N 16  
ARG O    O  N N 17  
ARG CB   C  N N 18  
ARG CG   C  N N 19  
ARG CD   C  N N 20  
ARG NE   N  N N 21  
ARG CZ   C  N N 22  
ARG NH1  N  N N 23  
ARG NH2  N  N N 24  
ARG OXT  O  N N 25  
ARG H    H  N N 26  
ARG H2   H  N N 27  
ARG HA   H  N N 28  
ARG HB2  H  N N 29  
ARG HB3  H  N N 30  
ARG HG2  H  N N 31  
ARG HG3  H  N N 32  
ARG HD2  H  N N 33  
ARG HD3  H  N N 34  
ARG HE   H  N N 35  
ARG HH11 H  N N 36  
ARG HH12 H  N N 37  
ARG HH21 H  N N 38  
ARG HH22 H  N N 39  
ARG HXT  H  N N 40  
ASN N    N  N N 41  
ASN CA   C  N S 42  
ASN C    C  N N 43  
ASN O    O  N N 44  
ASN CB   C  N N 45  
ASN CG   C  N N 46  
ASN OD1  O  N N 47  
ASN ND2  N  N N 48  
ASN OXT  O  N N 49  
ASN H    H  N N 50  
ASN H2   H  N N 51  
ASN HA   H  N N 52  
ASN HB2  H  N N 53  
ASN HB3  H  N N 54  
ASN HD21 H  N N 55  
ASN HD22 H  N N 56  
ASN HXT  H  N N 57  
ASP N    N  N N 58  
ASP CA   C  N S 59  
ASP C    C  N N 60  
ASP O    O  N N 61  
ASP CB   C  N N 62  
ASP CG   C  N N 63  
ASP OD1  O  N N 64  
ASP OD2  O  N N 65  
ASP OXT  O  N N 66  
ASP H    H  N N 67  
ASP H2   H  N N 68  
ASP HA   H  N N 69  
ASP HB2  H  N N 70  
ASP HB3  H  N N 71  
ASP HD2  H  N N 72  
ASP HXT  H  N N 73  
CA  CA   CA N N 74  
CYS N    N  N N 75  
CYS CA   C  N R 76  
CYS C    C  N N 77  
CYS O    O  N N 78  
CYS CB   C  N N 79  
CYS SG   S  N N 80  
CYS OXT  O  N N 81  
CYS H    H  N N 82  
CYS H2   H  N N 83  
CYS HA   H  N N 84  
CYS HB2  H  N N 85  
CYS HB3  H  N N 86  
CYS HG   H  N N 87  
CYS HXT  H  N N 88  
GLN N    N  N N 89  
GLN CA   C  N S 90  
GLN C    C  N N 91  
GLN O    O  N N 92  
GLN CB   C  N N 93  
GLN CG   C  N N 94  
GLN CD   C  N N 95  
GLN OE1  O  N N 96  
GLN NE2  N  N N 97  
GLN OXT  O  N N 98  
GLN H    H  N N 99  
GLN H2   H  N N 100 
GLN HA   H  N N 101 
GLN HB2  H  N N 102 
GLN HB3  H  N N 103 
GLN HG2  H  N N 104 
GLN HG3  H  N N 105 
GLN HE21 H  N N 106 
GLN HE22 H  N N 107 
GLN HXT  H  N N 108 
GLU N    N  N N 109 
GLU CA   C  N S 110 
GLU C    C  N N 111 
GLU O    O  N N 112 
GLU CB   C  N N 113 
GLU CG   C  N N 114 
GLU CD   C  N N 115 
GLU OE1  O  N N 116 
GLU OE2  O  N N 117 
GLU OXT  O  N N 118 
GLU H    H  N N 119 
GLU H2   H  N N 120 
GLU HA   H  N N 121 
GLU HB2  H  N N 122 
GLU HB3  H  N N 123 
GLU HG2  H  N N 124 
GLU HG3  H  N N 125 
GLU HE2  H  N N 126 
GLU HXT  H  N N 127 
GLY N    N  N N 128 
GLY CA   C  N N 129 
GLY C    C  N N 130 
GLY O    O  N N 131 
GLY OXT  O  N N 132 
GLY H    H  N N 133 
GLY H2   H  N N 134 
GLY HA2  H  N N 135 
GLY HA3  H  N N 136 
GLY HXT  H  N N 137 
HIS N    N  N N 138 
HIS CA   C  N S 139 
HIS C    C  N N 140 
HIS O    O  N N 141 
HIS CB   C  N N 142 
HIS CG   C  Y N 143 
HIS ND1  N  Y N 144 
HIS CD2  C  Y N 145 
HIS CE1  C  Y N 146 
HIS NE2  N  Y N 147 
HIS OXT  O  N N 148 
HIS H    H  N N 149 
HIS H2   H  N N 150 
HIS HA   H  N N 151 
HIS HB2  H  N N 152 
HIS HB3  H  N N 153 
HIS HD1  H  N N 154 
HIS HD2  H  N N 155 
HIS HE1  H  N N 156 
HIS HE2  H  N N 157 
HIS HXT  H  N N 158 
HOH O    O  N N 159 
HOH H1   H  N N 160 
HOH H2   H  N N 161 
ILE N    N  N N 162 
ILE CA   C  N S 163 
ILE C    C  N N 164 
ILE O    O  N N 165 
ILE CB   C  N S 166 
ILE CG1  C  N N 167 
ILE CG2  C  N N 168 
ILE CD1  C  N N 169 
ILE OXT  O  N N 170 
ILE H    H  N N 171 
ILE H2   H  N N 172 
ILE HA   H  N N 173 
ILE HB   H  N N 174 
ILE HG12 H  N N 175 
ILE HG13 H  N N 176 
ILE HG21 H  N N 177 
ILE HG22 H  N N 178 
ILE HG23 H  N N 179 
ILE HD11 H  N N 180 
ILE HD12 H  N N 181 
ILE HD13 H  N N 182 
ILE HXT  H  N N 183 
LEU N    N  N N 184 
LEU CA   C  N S 185 
LEU C    C  N N 186 
LEU O    O  N N 187 
LEU CB   C  N N 188 
LEU CG   C  N N 189 
LEU CD1  C  N N 190 
LEU CD2  C  N N 191 
LEU OXT  O  N N 192 
LEU H    H  N N 193 
LEU H2   H  N N 194 
LEU HA   H  N N 195 
LEU HB2  H  N N 196 
LEU HB3  H  N N 197 
LEU HG   H  N N 198 
LEU HD11 H  N N 199 
LEU HD12 H  N N 200 
LEU HD13 H  N N 201 
LEU HD21 H  N N 202 
LEU HD22 H  N N 203 
LEU HD23 H  N N 204 
LEU HXT  H  N N 205 
LYS N    N  N N 206 
LYS CA   C  N S 207 
LYS C    C  N N 208 
LYS O    O  N N 209 
LYS CB   C  N N 210 
LYS CG   C  N N 211 
LYS CD   C  N N 212 
LYS CE   C  N N 213 
LYS NZ   N  N N 214 
LYS OXT  O  N N 215 
LYS H    H  N N 216 
LYS H2   H  N N 217 
LYS HA   H  N N 218 
LYS HB2  H  N N 219 
LYS HB3  H  N N 220 
LYS HG2  H  N N 221 
LYS HG3  H  N N 222 
LYS HD2  H  N N 223 
LYS HD3  H  N N 224 
LYS HE2  H  N N 225 
LYS HE3  H  N N 226 
LYS HZ1  H  N N 227 
LYS HZ2  H  N N 228 
LYS HZ3  H  N N 229 
LYS HXT  H  N N 230 
MET N    N  N N 231 
MET CA   C  N S 232 
MET C    C  N N 233 
MET O    O  N N 234 
MET CB   C  N N 235 
MET CG   C  N N 236 
MET SD   S  N N 237 
MET CE   C  N N 238 
MET OXT  O  N N 239 
MET H    H  N N 240 
MET H2   H  N N 241 
MET HA   H  N N 242 
MET HB2  H  N N 243 
MET HB3  H  N N 244 
MET HG2  H  N N 245 
MET HG3  H  N N 246 
MET HE1  H  N N 247 
MET HE2  H  N N 248 
MET HE3  H  N N 249 
MET HXT  H  N N 250 
PHE N    N  N N 251 
PHE CA   C  N S 252 
PHE C    C  N N 253 
PHE O    O  N N 254 
PHE CB   C  N N 255 
PHE CG   C  Y N 256 
PHE CD1  C  Y N 257 
PHE CD2  C  Y N 258 
PHE CE1  C  Y N 259 
PHE CE2  C  Y N 260 
PHE CZ   C  Y N 261 
PHE OXT  O  N N 262 
PHE H    H  N N 263 
PHE H2   H  N N 264 
PHE HA   H  N N 265 
PHE HB2  H  N N 266 
PHE HB3  H  N N 267 
PHE HD1  H  N N 268 
PHE HD2  H  N N 269 
PHE HE1  H  N N 270 
PHE HE2  H  N N 271 
PHE HZ   H  N N 272 
PHE HXT  H  N N 273 
PRO N    N  N N 274 
PRO CA   C  N S 275 
PRO C    C  N N 276 
PRO O    O  N N 277 
PRO CB   C  N N 278 
PRO CG   C  N N 279 
PRO CD   C  N N 280 
PRO OXT  O  N N 281 
PRO H    H  N N 282 
PRO HA   H  N N 283 
PRO HB2  H  N N 284 
PRO HB3  H  N N 285 
PRO HG2  H  N N 286 
PRO HG3  H  N N 287 
PRO HD2  H  N N 288 
PRO HD3  H  N N 289 
PRO HXT  H  N N 290 
SER N    N  N N 291 
SER CA   C  N S 292 
SER C    C  N N 293 
SER O    O  N N 294 
SER CB   C  N N 295 
SER OG   O  N N 296 
SER OXT  O  N N 297 
SER H    H  N N 298 
SER H2   H  N N 299 
SER HA   H  N N 300 
SER HB2  H  N N 301 
SER HB3  H  N N 302 
SER HG   H  N N 303 
SER HXT  H  N N 304 
THR N    N  N N 305 
THR CA   C  N S 306 
THR C    C  N N 307 
THR O    O  N N 308 
THR CB   C  N R 309 
THR OG1  O  N N 310 
THR CG2  C  N N 311 
THR OXT  O  N N 312 
THR H    H  N N 313 
THR H2   H  N N 314 
THR HA   H  N N 315 
THR HB   H  N N 316 
THR HG1  H  N N 317 
THR HG21 H  N N 318 
THR HG22 H  N N 319 
THR HG23 H  N N 320 
THR HXT  H  N N 321 
TYR N    N  N N 322 
TYR CA   C  N S 323 
TYR C    C  N N 324 
TYR O    O  N N 325 
TYR CB   C  N N 326 
TYR CG   C  Y N 327 
TYR CD1  C  Y N 328 
TYR CD2  C  Y N 329 
TYR CE1  C  Y N 330 
TYR CE2  C  Y N 331 
TYR CZ   C  Y N 332 
TYR OH   O  N N 333 
TYR OXT  O  N N 334 
TYR H    H  N N 335 
TYR H2   H  N N 336 
TYR HA   H  N N 337 
TYR HB2  H  N N 338 
TYR HB3  H  N N 339 
TYR HD1  H  N N 340 
TYR HD2  H  N N 341 
TYR HE1  H  N N 342 
TYR HE2  H  N N 343 
TYR HH   H  N N 344 
TYR HXT  H  N N 345 
VAL N    N  N N 346 
VAL CA   C  N S 347 
VAL C    C  N N 348 
VAL O    O  N N 349 
VAL CB   C  N N 350 
VAL CG1  C  N N 351 
VAL CG2  C  N N 352 
VAL OXT  O  N N 353 
VAL H    H  N N 354 
VAL H2   H  N N 355 
VAL HA   H  N N 356 
VAL HB   H  N N 357 
VAL HG11 H  N N 358 
VAL HG12 H  N N 359 
VAL HG13 H  N N 360 
VAL HG21 H  N N 361 
VAL HG22 H  N N 362 
VAL HG23 H  N N 363 
VAL HXT  H  N N 364 
# 
loop_
_chem_comp_bond.comp_id 
_chem_comp_bond.atom_id_1 
_chem_comp_bond.atom_id_2 
_chem_comp_bond.value_order 
_chem_comp_bond.pdbx_aromatic_flag 
_chem_comp_bond.pdbx_stereo_config 
_chem_comp_bond.pdbx_ordinal 
ALA N   CA   sing N N 1   
ALA N   H    sing N N 2   
ALA N   H2   sing N N 3   
ALA CA  C    sing N N 4   
ALA CA  CB   sing N N 5   
ALA CA  HA   sing N N 6   
ALA C   O    doub N N 7   
ALA C   OXT  sing N N 8   
ALA CB  HB1  sing N N 9   
ALA CB  HB2  sing N N 10  
ALA CB  HB3  sing N N 11  
ALA OXT HXT  sing N N 12  
ARG N   CA   sing N N 13  
ARG N   H    sing N N 14  
ARG N   H2   sing N N 15  
ARG CA  C    sing N N 16  
ARG CA  CB   sing N N 17  
ARG CA  HA   sing N N 18  
ARG C   O    doub N N 19  
ARG C   OXT  sing N N 20  
ARG CB  CG   sing N N 21  
ARG CB  HB2  sing N N 22  
ARG CB  HB3  sing N N 23  
ARG CG  CD   sing N N 24  
ARG CG  HG2  sing N N 25  
ARG CG  HG3  sing N N 26  
ARG CD  NE   sing N N 27  
ARG CD  HD2  sing N N 28  
ARG CD  HD3  sing N N 29  
ARG NE  CZ   sing N N 30  
ARG NE  HE   sing N N 31  
ARG CZ  NH1  sing N N 32  
ARG CZ  NH2  doub N N 33  
ARG NH1 HH11 sing N N 34  
ARG NH1 HH12 sing N N 35  
ARG NH2 HH21 sing N N 36  
ARG NH2 HH22 sing N N 37  
ARG OXT HXT  sing N N 38  
ASN N   CA   sing N N 39  
ASN N   H    sing N N 40  
ASN N   H2   sing N N 41  
ASN CA  C    sing N N 42  
ASN CA  CB   sing N N 43  
ASN CA  HA   sing N N 44  
ASN C   O    doub N N 45  
ASN C   OXT  sing N N 46  
ASN CB  CG   sing N N 47  
ASN CB  HB2  sing N N 48  
ASN CB  HB3  sing N N 49  
ASN CG  OD1  doub N N 50  
ASN CG  ND2  sing N N 51  
ASN ND2 HD21 sing N N 52  
ASN ND2 HD22 sing N N 53  
ASN OXT HXT  sing N N 54  
ASP N   CA   sing N N 55  
ASP N   H    sing N N 56  
ASP N   H2   sing N N 57  
ASP CA  C    sing N N 58  
ASP CA  CB   sing N N 59  
ASP CA  HA   sing N N 60  
ASP C   O    doub N N 61  
ASP C   OXT  sing N N 62  
ASP CB  CG   sing N N 63  
ASP CB  HB2  sing N N 64  
ASP CB  HB3  sing N N 65  
ASP CG  OD1  doub N N 66  
ASP CG  OD2  sing N N 67  
ASP OD2 HD2  sing N N 68  
ASP OXT HXT  sing N N 69  
CYS N   CA   sing N N 70  
CYS N   H    sing N N 71  
CYS N   H2   sing N N 72  
CYS CA  C    sing N N 73  
CYS CA  CB   sing N N 74  
CYS CA  HA   sing N N 75  
CYS C   O    doub N N 76  
CYS C   OXT  sing N N 77  
CYS CB  SG   sing N N 78  
CYS CB  HB2  sing N N 79  
CYS CB  HB3  sing N N 80  
CYS SG  HG   sing N N 81  
CYS OXT HXT  sing N N 82  
GLN N   CA   sing N N 83  
GLN N   H    sing N N 84  
GLN N   H2   sing N N 85  
GLN CA  C    sing N N 86  
GLN CA  CB   sing N N 87  
GLN CA  HA   sing N N 88  
GLN C   O    doub N N 89  
GLN C   OXT  sing N N 90  
GLN CB  CG   sing N N 91  
GLN CB  HB2  sing N N 92  
GLN CB  HB3  sing N N 93  
GLN CG  CD   sing N N 94  
GLN CG  HG2  sing N N 95  
GLN CG  HG3  sing N N 96  
GLN CD  OE1  doub N N 97  
GLN CD  NE2  sing N N 98  
GLN NE2 HE21 sing N N 99  
GLN NE2 HE22 sing N N 100 
GLN OXT HXT  sing N N 101 
GLU N   CA   sing N N 102 
GLU N   H    sing N N 103 
GLU N   H2   sing N N 104 
GLU CA  C    sing N N 105 
GLU CA  CB   sing N N 106 
GLU CA  HA   sing N N 107 
GLU C   O    doub N N 108 
GLU C   OXT  sing N N 109 
GLU CB  CG   sing N N 110 
GLU CB  HB2  sing N N 111 
GLU CB  HB3  sing N N 112 
GLU CG  CD   sing N N 113 
GLU CG  HG2  sing N N 114 
GLU CG  HG3  sing N N 115 
GLU CD  OE1  doub N N 116 
GLU CD  OE2  sing N N 117 
GLU OE2 HE2  sing N N 118 
GLU OXT HXT  sing N N 119 
GLY N   CA   sing N N 120 
GLY N   H    sing N N 121 
GLY N   H2   sing N N 122 
GLY CA  C    sing N N 123 
GLY CA  HA2  sing N N 124 
GLY CA  HA3  sing N N 125 
GLY C   O    doub N N 126 
GLY C   OXT  sing N N 127 
GLY OXT HXT  sing N N 128 
HIS N   CA   sing N N 129 
HIS N   H    sing N N 130 
HIS N   H2   sing N N 131 
HIS CA  C    sing N N 132 
HIS CA  CB   sing N N 133 
HIS CA  HA   sing N N 134 
HIS C   O    doub N N 135 
HIS C   OXT  sing N N 136 
HIS CB  CG   sing N N 137 
HIS CB  HB2  sing N N 138 
HIS CB  HB3  sing N N 139 
HIS CG  ND1  sing Y N 140 
HIS CG  CD2  doub Y N 141 
HIS ND1 CE1  doub Y N 142 
HIS ND1 HD1  sing N N 143 
HIS CD2 NE2  sing Y N 144 
HIS CD2 HD2  sing N N 145 
HIS CE1 NE2  sing Y N 146 
HIS CE1 HE1  sing N N 147 
HIS NE2 HE2  sing N N 148 
HIS OXT HXT  sing N N 149 
HOH O   H1   sing N N 150 
HOH O   H2   sing N N 151 
ILE N   CA   sing N N 152 
ILE N   H    sing N N 153 
ILE N   H2   sing N N 154 
ILE CA  C    sing N N 155 
ILE CA  CB   sing N N 156 
ILE CA  HA   sing N N 157 
ILE C   O    doub N N 158 
ILE C   OXT  sing N N 159 
ILE CB  CG1  sing N N 160 
ILE CB  CG2  sing N N 161 
ILE CB  HB   sing N N 162 
ILE CG1 CD1  sing N N 163 
ILE CG1 HG12 sing N N 164 
ILE CG1 HG13 sing N N 165 
ILE CG2 HG21 sing N N 166 
ILE CG2 HG22 sing N N 167 
ILE CG2 HG23 sing N N 168 
ILE CD1 HD11 sing N N 169 
ILE CD1 HD12 sing N N 170 
ILE CD1 HD13 sing N N 171 
ILE OXT HXT  sing N N 172 
LEU N   CA   sing N N 173 
LEU N   H    sing N N 174 
LEU N   H2   sing N N 175 
LEU CA  C    sing N N 176 
LEU CA  CB   sing N N 177 
LEU CA  HA   sing N N 178 
LEU C   O    doub N N 179 
LEU C   OXT  sing N N 180 
LEU CB  CG   sing N N 181 
LEU CB  HB2  sing N N 182 
LEU CB  HB3  sing N N 183 
LEU CG  CD1  sing N N 184 
LEU CG  CD2  sing N N 185 
LEU CG  HG   sing N N 186 
LEU CD1 HD11 sing N N 187 
LEU CD1 HD12 sing N N 188 
LEU CD1 HD13 sing N N 189 
LEU CD2 HD21 sing N N 190 
LEU CD2 HD22 sing N N 191 
LEU CD2 HD23 sing N N 192 
LEU OXT HXT  sing N N 193 
LYS N   CA   sing N N 194 
LYS N   H    sing N N 195 
LYS N   H2   sing N N 196 
LYS CA  C    sing N N 197 
LYS CA  CB   sing N N 198 
LYS CA  HA   sing N N 199 
LYS C   O    doub N N 200 
LYS C   OXT  sing N N 201 
LYS CB  CG   sing N N 202 
LYS CB  HB2  sing N N 203 
LYS CB  HB3  sing N N 204 
LYS CG  CD   sing N N 205 
LYS CG  HG2  sing N N 206 
LYS CG  HG3  sing N N 207 
LYS CD  CE   sing N N 208 
LYS CD  HD2  sing N N 209 
LYS CD  HD3  sing N N 210 
LYS CE  NZ   sing N N 211 
LYS CE  HE2  sing N N 212 
LYS CE  HE3  sing N N 213 
LYS NZ  HZ1  sing N N 214 
LYS NZ  HZ2  sing N N 215 
LYS NZ  HZ3  sing N N 216 
LYS OXT HXT  sing N N 217 
MET N   CA   sing N N 218 
MET N   H    sing N N 219 
MET N   H2   sing N N 220 
MET CA  C    sing N N 221 
MET CA  CB   sing N N 222 
MET CA  HA   sing N N 223 
MET C   O    doub N N 224 
MET C   OXT  sing N N 225 
MET CB  CG   sing N N 226 
MET CB  HB2  sing N N 227 
MET CB  HB3  sing N N 228 
MET CG  SD   sing N N 229 
MET CG  HG2  sing N N 230 
MET CG  HG3  sing N N 231 
MET SD  CE   sing N N 232 
MET CE  HE1  sing N N 233 
MET CE  HE2  sing N N 234 
MET CE  HE3  sing N N 235 
MET OXT HXT  sing N N 236 
PHE N   CA   sing N N 237 
PHE N   H    sing N N 238 
PHE N   H2   sing N N 239 
PHE CA  C    sing N N 240 
PHE CA  CB   sing N N 241 
PHE CA  HA   sing N N 242 
PHE C   O    doub N N 243 
PHE C   OXT  sing N N 244 
PHE CB  CG   sing N N 245 
PHE CB  HB2  sing N N 246 
PHE CB  HB3  sing N N 247 
PHE CG  CD1  doub Y N 248 
PHE CG  CD2  sing Y N 249 
PHE CD1 CE1  sing Y N 250 
PHE CD1 HD1  sing N N 251 
PHE CD2 CE2  doub Y N 252 
PHE CD2 HD2  sing N N 253 
PHE CE1 CZ   doub Y N 254 
PHE CE1 HE1  sing N N 255 
PHE CE2 CZ   sing Y N 256 
PHE CE2 HE2  sing N N 257 
PHE CZ  HZ   sing N N 258 
PHE OXT HXT  sing N N 259 
PRO N   CA   sing N N 260 
PRO N   CD   sing N N 261 
PRO N   H    sing N N 262 
PRO CA  C    sing N N 263 
PRO CA  CB   sing N N 264 
PRO CA  HA   sing N N 265 
PRO C   O    doub N N 266 
PRO C   OXT  sing N N 267 
PRO CB  CG   sing N N 268 
PRO CB  HB2  sing N N 269 
PRO CB  HB3  sing N N 270 
PRO CG  CD   sing N N 271 
PRO CG  HG2  sing N N 272 
PRO CG  HG3  sing N N 273 
PRO CD  HD2  sing N N 274 
PRO CD  HD3  sing N N 275 
PRO OXT HXT  sing N N 276 
SER N   CA   sing N N 277 
SER N   H    sing N N 278 
SER N   H2   sing N N 279 
SER CA  C    sing N N 280 
SER CA  CB   sing N N 281 
SER CA  HA   sing N N 282 
SER C   O    doub N N 283 
SER C   OXT  sing N N 284 
SER CB  OG   sing N N 285 
SER CB  HB2  sing N N 286 
SER CB  HB3  sing N N 287 
SER OG  HG   sing N N 288 
SER OXT HXT  sing N N 289 
THR N   CA   sing N N 290 
THR N   H    sing N N 291 
THR N   H2   sing N N 292 
THR CA  C    sing N N 293 
THR CA  CB   sing N N 294 
THR CA  HA   sing N N 295 
THR C   O    doub N N 296 
THR C   OXT  sing N N 297 
THR CB  OG1  sing N N 298 
THR CB  CG2  sing N N 299 
THR CB  HB   sing N N 300 
THR OG1 HG1  sing N N 301 
THR CG2 HG21 sing N N 302 
THR CG2 HG22 sing N N 303 
THR CG2 HG23 sing N N 304 
THR OXT HXT  sing N N 305 
TYR N   CA   sing N N 306 
TYR N   H    sing N N 307 
TYR N   H2   sing N N 308 
TYR CA  C    sing N N 309 
TYR CA  CB   sing N N 310 
TYR CA  HA   sing N N 311 
TYR C   O    doub N N 312 
TYR C   OXT  sing N N 313 
TYR CB  CG   sing N N 314 
TYR CB  HB2  sing N N 315 
TYR CB  HB3  sing N N 316 
TYR CG  CD1  doub Y N 317 
TYR CG  CD2  sing Y N 318 
TYR CD1 CE1  sing Y N 319 
TYR CD1 HD1  sing N N 320 
TYR CD2 CE2  doub Y N 321 
TYR CD2 HD2  sing N N 322 
TYR CE1 CZ   doub Y N 323 
TYR CE1 HE1  sing N N 324 
TYR CE2 CZ   sing Y N 325 
TYR CE2 HE2  sing N N 326 
TYR CZ  OH   sing N N 327 
TYR OH  HH   sing N N 328 
TYR OXT HXT  sing N N 329 
VAL N   CA   sing N N 330 
VAL N   H    sing N N 331 
VAL N   H2   sing N N 332 
VAL CA  C    sing N N 333 
VAL CA  CB   sing N N 334 
VAL CA  HA   sing N N 335 
VAL C   O    doub N N 336 
VAL C   OXT  sing N N 337 
VAL CB  CG1  sing N N 338 
VAL CB  CG2  sing N N 339 
VAL CB  HB   sing N N 340 
VAL CG1 HG11 sing N N 341 
VAL CG1 HG12 sing N N 342 
VAL CG1 HG13 sing N N 343 
VAL CG2 HG21 sing N N 344 
VAL CG2 HG22 sing N N 345 
VAL CG2 HG23 sing N N 346 
VAL OXT HXT  sing N N 347 
# 
_atom_sites.entry_id                    2GEB 
_atom_sites.fract_transf_matrix[1][1]   0.01643328 
_atom_sites.fract_transf_matrix[1][2]   -0.00440965 
_atom_sites.fract_transf_matrix[1][3]   -0.00879429 
_atom_sites.fract_transf_matrix[2][1]   -0.00562397 
_atom_sites.fract_transf_matrix[2][2]   -0.00676945 
_atom_sites.fract_transf_matrix[2][3]   -0.00711477 
_atom_sites.fract_transf_matrix[3][1]   -0.00139642 
_atom_sites.fract_transf_matrix[3][2]   0.00825079 
_atom_sites.fract_transf_matrix[3][3]   -0.00674652 
_atom_sites.fract_transf_vector[1]      1.315400 
_atom_sites.fract_transf_vector[2]      1.292856 
_atom_sites.fract_transf_vector[3]      1.057781 
# 
loop_
_atom_type.symbol 
C  
CA 
N  
O  
S  
# 
loop_
_atom_site.group_PDB 
_atom_site.id 
_atom_site.type_symbol 
_atom_site.label_atom_id 
_atom_site.label_alt_id 
_atom_site.label_comp_id 
_atom_site.label_asym_id 
_atom_site.label_entity_id 
_atom_site.label_seq_id 
_atom_site.pdbx_PDB_ins_code 
_atom_site.Cartn_x 
_atom_site.Cartn_y 
_atom_site.Cartn_z 
_atom_site.occupancy 
_atom_site.B_iso_or_equiv 
_atom_site.pdbx_formal_charge 
_atom_site.auth_seq_id 
_atom_site.auth_comp_id 
_atom_site.auth_asym_id 
_atom_site.auth_atom_id 
_atom_site.pdbx_PDB_model_num 
ATOM   1    N  N   . ARG A 1 1   ? 26.068  21.455  -23.939 1.00 37.04 ? -4  ARG A N   1 
ATOM   2    C  CA  . ARG A 1 1   ? 26.294  20.170  -23.208 1.00 35.50 ? -4  ARG A CA  1 
ATOM   3    C  C   . ARG A 1 1   ? 24.990  19.386  -23.087 1.00 33.00 ? -4  ARG A C   1 
ATOM   4    O  O   . ARG A 1 1   ? 23.994  19.900  -22.574 1.00 34.22 ? -4  ARG A O   1 
ATOM   5    C  CB  . ARG A 1 1   ? 26.830  20.460  -21.807 1.00 36.99 ? -4  ARG A CB  1 
ATOM   6    C  CG  . ARG A 1 1   ? 27.253  19.233  -20.976 1.00 39.33 ? -4  ARG A CG  1 
ATOM   7    C  CD  . ARG A 1 1   ? 28.510  18.566  -21.528 1.00 41.68 ? -4  ARG A CD  1 
ATOM   8    N  NE  . ARG A 1 1   ? 29.099  17.649  -20.554 1.00 43.77 ? -4  ARG A NE  1 
ATOM   9    C  CZ  . ARG A 1 1   ? 29.642  18.036  -19.401 1.00 44.70 ? -4  ARG A CZ  1 
ATOM   10   N  NH1 . ARG A 1 1   ? 30.154  17.137  -18.568 1.00 45.61 ? -4  ARG A NH1 1 
ATOM   11   N  NH2 . ARG A 1 1   ? 29.679  19.326  -19.079 1.00 45.68 ? -4  ARG A NH2 1 
ATOM   12   N  N   . GLY A 1 2   ? 24.992  18.143  -23.553 1.00 29.73 ? -3  GLY A N   1 
ATOM   13   C  CA  . GLY A 1 2   ? 23.786  17.346  -23.470 1.00 26.03 ? -3  GLY A CA  1 
ATOM   14   C  C   . GLY A 1 2   ? 23.828  16.316  -22.367 1.00 24.45 ? -3  GLY A C   1 
ATOM   15   O  O   . GLY A 1 2   ? 23.137  15.312  -22.437 1.00 24.03 ? -3  GLY A O   1 
ATOM   16   N  N   . SER A 1 3   ? 24.644  16.566  -21.347 1.00 22.99 ? -2  SER A N   1 
ATOM   17   C  CA  . SER A 1 3   ? 24.769  15.645  -20.222 1.00 21.56 ? -2  SER A CA  1 
ATOM   18   C  C   . SER A 1 3   ? 23.436  15.528  -19.496 1.00 21.01 ? -2  SER A C   1 
ATOM   19   O  O   . SER A 1 3   ? 22.584  16.414  -19.589 1.00 21.35 ? -2  SER A O   1 
ATOM   20   C  CB  . SER A 1 3   ? 25.846  16.120  -19.243 1.00 23.07 ? -2  SER A CB  1 
ATOM   21   O  OG  . SER A 1 3   ? 25.479  17.350  -18.648 1.00 20.94 ? -2  SER A OG  1 
ATOM   22   N  N   . HIS A 1 4   ? 23.263  14.433  -18.769 1.00 20.30 ? -1  HIS A N   1 
ATOM   23   C  CA  . HIS A 1 4   ? 22.027  14.190  -18.048 1.00 18.04 ? -1  HIS A CA  1 
ATOM   24   C  C   . HIS A 1 4   ? 22.159  14.417  -16.546 1.00 18.02 ? -1  HIS A C   1 
ATOM   25   O  O   . HIS A 1 4   ? 23.260  14.574  -16.020 1.00 15.71 ? -1  HIS A O   1 
ATOM   26   C  CB  . HIS A 1 4   ? 21.563  12.750  -18.312 1.00 18.14 ? -1  HIS A CB  1 
ATOM   27   C  CG  . HIS A 1 4   ? 22.536  11.698  -17.862 1.00 18.49 ? -1  HIS A CG  1 
ATOM   28   N  ND1 . HIS A 1 4   ? 22.342  10.359  -18.099 1.00 18.23 ? -1  HIS A ND1 1 
ATOM   29   C  CD2 . HIS A 1 4   ? 23.705  11.798  -17.178 1.00 18.51 ? -1  HIS A CD2 1 
ATOM   30   C  CE1 . HIS A 1 4   ? 23.349  9.670   -17.581 1.00 19.14 ? -1  HIS A CE1 1 
ATOM   31   N  NE2 . HIS A 1 4   ? 24.186  10.520  -17.018 1.00 18.48 ? -1  HIS A NE2 1 
ATOM   32   N  N   . MET A 1 5   ? 21.010  14.450  -15.874 1.00 16.36 ? 1   MET A N   1 
ATOM   33   C  CA  . MET A 1 5   ? 20.923  14.585  -14.423 1.00 18.54 ? 1   MET A CA  1 
ATOM   34   C  C   . MET A 1 5   ? 19.953  13.458  -14.070 1.00 19.95 ? 1   MET A C   1 
ATOM   35   O  O   . MET A 1 5   ? 18.783  13.693  -13.769 1.00 20.32 ? 1   MET A O   1 
ATOM   36   C  CB  . MET A 1 5   ? 20.350  15.947  -14.026 1.00 20.04 ? 1   MET A CB  1 
ATOM   37   C  CG  . MET A 1 5   ? 21.322  17.099  -14.245 1.00 23.02 ? 1   MET A CG  1 
ATOM   38   S  SD  . MET A 1 5   ? 20.740  18.641  -13.516 1.00 28.37 ? 1   MET A SD  1 
ATOM   39   C  CE  . MET A 1 5   ? 21.095  18.354  -11.778 1.00 26.97 ? 1   MET A CE  1 
ATOM   40   N  N   . PRO A 1 6   ? 20.450  12.211  -14.119 1.00 20.80 ? 2   PRO A N   1 
ATOM   41   C  CA  . PRO A 1 6   ? 19.801  10.920  -13.866 1.00 21.01 ? 2   PRO A CA  1 
ATOM   42   C  C   . PRO A 1 6   ? 19.070  10.644  -12.558 1.00 18.34 ? 2   PRO A C   1 
ATOM   43   O  O   . PRO A 1 6   ? 18.140  9.838   -12.543 1.00 17.94 ? 2   PRO A O   1 
ATOM   44   C  CB  . PRO A 1 6   ? 20.936  9.926   -14.090 1.00 22.19 ? 2   PRO A CB  1 
ATOM   45   C  CG  . PRO A 1 6   ? 22.110  10.666  -13.577 1.00 23.38 ? 2   PRO A CG  1 
ATOM   46   C  CD  . PRO A 1 6   ? 21.910  12.023  -14.214 1.00 21.64 ? 2   PRO A CD  1 
ATOM   47   N  N   . SER A 1 7   ? 19.472  11.282  -11.467 1.00 15.20 ? 3   SER A N   1 
ATOM   48   C  CA  . SER A 1 7   ? 18.801  11.013  -10.198 1.00 15.64 ? 3   SER A CA  1 
ATOM   49   C  C   . SER A 1 7   ? 17.289  11.180  -10.264 1.00 14.20 ? 3   SER A C   1 
ATOM   50   O  O   . SER A 1 7   ? 16.784  12.197  -10.732 1.00 13.29 ? 3   SER A O   1 
ATOM   51   C  CB  . SER A 1 7   ? 19.335  11.911  -9.089  1.00 14.97 ? 3   SER A CB  1 
ATOM   52   O  OG  . SER A 1 7   ? 18.560  11.732  -7.913  1.00 16.71 ? 3   SER A OG  1 
ATOM   53   N  N   . PRO A 1 8   ? 16.543  10.168  -9.797  1.00 13.89 ? 4   PRO A N   1 
ATOM   54   C  CA  . PRO A 1 8   ? 15.079  10.239  -9.810  1.00 13.70 ? 4   PRO A CA  1 
ATOM   55   C  C   . PRO A 1 8   ? 14.601  11.435  -8.987  1.00 13.11 ? 4   PRO A C   1 
ATOM   56   O  O   . PRO A 1 8   ? 13.491  11.926  -9.182  1.00 12.70 ? 4   PRO A O   1 
ATOM   57   C  CB  . PRO A 1 8   ? 14.661  8.917   -9.169  1.00 14.98 ? 4   PRO A CB  1 
ATOM   58   C  CG  . PRO A 1 8   ? 15.770  7.994   -9.544  1.00 18.16 ? 4   PRO A CG  1 
ATOM   59   C  CD  . PRO A 1 8   ? 17.004  8.841   -9.351  1.00 14.15 ? 4   PRO A CD  1 
ATOM   60   N  N   . MET A 1 9   ? 15.441  11.895  -8.060  1.00 13.81 ? 5   MET A N   1 
ATOM   61   C  CA  . MET A 1 9   ? 15.078  13.029  -7.213  1.00 13.91 ? 5   MET A CA  1 
ATOM   62   C  C   . MET A 1 9   ? 14.911  14.319  -8.009  1.00 13.77 ? 5   MET A C   1 
ATOM   63   O  O   . MET A 1 9   ? 14.169  15.214  -7.601  1.00 14.00 ? 5   MET A O   1 
ATOM   64   C  CB  . MET A 1 9   ? 16.124  13.236  -6.111  1.00 16.73 ? 5   MET A CB  1 
ATOM   65   C  CG  . MET A 1 9   ? 16.174  12.109  -5.092  1.00 19.12 ? 5   MET A CG  1 
ATOM   66   S  SD  . MET A 1 9   ? 17.214  12.500  -3.677  1.00 21.94 ? 5   MET A SD  1 
ATOM   67   C  CE  . MET A 1 9   ? 18.833  12.252  -4.380  1.00 20.70 ? 5   MET A CE  1 
ATOM   68   N  N   . GLU A 1 10  ? 15.599  14.418  -9.143  1.00 13.26 ? 6   GLU A N   1 
ATOM   69   C  CA  . GLU A 1 10  ? 15.508  15.613  -9.973  1.00 14.72 ? 6   GLU A CA  1 
ATOM   70   C  C   . GLU A 1 10  ? 14.140  15.788  -10.618 1.00 14.82 ? 6   GLU A C   1 
ATOM   71   O  O   . GLU A 1 10  ? 13.809  16.872  -11.093 1.00 17.23 ? 6   GLU A O   1 
ATOM   72   C  CB  . GLU A 1 10  ? 16.574  15.580  -11.072 1.00 16.24 ? 6   GLU A CB  1 
ATOM   73   C  CG  . GLU A 1 10  ? 17.983  15.853  -10.580 1.00 20.97 ? 6   GLU A CG  1 
ATOM   74   C  CD  . GLU A 1 10  ? 18.139  17.260  -10.031 1.00 23.14 ? 6   GLU A CD  1 
ATOM   75   O  OE1 . GLU A 1 10  ? 17.832  18.224  -10.762 1.00 27.76 ? 6   GLU A OE1 1 
ATOM   76   O  OE2 . GLU A 1 10  ? 18.569  17.403  -8.869  1.00 26.87 ? 6   GLU A OE2 1 
ATOM   77   N  N   . ASP A 1 11  ? 13.341  14.726  -10.632 1.00 13.63 ? 7   ASP A N   1 
ATOM   78   C  CA  . ASP A 1 11  ? 12.023  14.794  -11.247 1.00 13.11 ? 7   ASP A CA  1 
ATOM   79   C  C   . ASP A 1 11  ? 10.931  15.125  -10.244 1.00 12.90 ? 7   ASP A C   1 
ATOM   80   O  O   . ASP A 1 11  ? 9.746   15.126  -10.586 1.00 13.30 ? 7   ASP A O   1 
ATOM   81   C  CB  . ASP A 1 11  ? 11.695  13.467  -11.946 1.00 12.38 ? 7   ASP A CB  1 
ATOM   82   C  CG  . ASP A 1 11  ? 12.667  13.139  -13.068 1.00 14.03 ? 7   ASP A CG  1 
ATOM   83   O  OD1 . ASP A 1 11  ? 13.323  14.069  -13.575 1.00 13.67 ? 7   ASP A OD1 1 
ATOM   84   O  OD2 . ASP A 1 11  ? 12.754  11.954  -13.455 1.00 17.22 ? 7   ASP A OD2 1 
ATOM   85   N  N   . ILE A 1 12  ? 11.333  15.415  -9.010  1.00 12.66 ? 8   ILE A N   1 
ATOM   86   C  CA  . ILE A 1 12  ? 10.378  15.732  -7.957  1.00 12.39 ? 8   ILE A CA  1 
ATOM   87   C  C   . ILE A 1 12  ? 10.255  17.228  -7.699  1.00 14.31 ? 8   ILE A C   1 
ATOM   88   O  O   . ILE A 1 12  ? 11.245  17.918  -7.458  1.00 14.72 ? 8   ILE A O   1 
ATOM   89   C  CB  . ILE A 1 12  ? 10.760  15.028  -6.639  1.00 12.00 ? 8   ILE A CB  1 
ATOM   90   C  CG1 . ILE A 1 12  ? 10.841  13.515  -6.867  1.00 11.16 ? 8   ILE A CG1 1 
ATOM   91   C  CG2 . ILE A 1 12  ? 9.738   15.352  -5.560  1.00 13.10 ? 8   ILE A CG2 1 
ATOM   92   C  CD1 . ILE A 1 12  ? 9.554   12.897  -7.418  1.00 10.47 ? 8   ILE A CD1 1 
ATOM   93   N  N   . GLU A 1 13  ? 9.018   17.706  -7.737  1.00 14.46 ? 9   GLU A N   1 
ATOM   94   C  CA  . GLU A 1 13  ? 8.695   19.109  -7.522  1.00 16.93 ? 9   GLU A CA  1 
ATOM   95   C  C   . GLU A 1 13  ? 8.744   19.497  -6.044  1.00 16.94 ? 9   GLU A C   1 
ATOM   96   O  O   . GLU A 1 13  ? 9.167   20.600  -5.693  1.00 18.33 ? 9   GLU A O   1 
ATOM   97   C  CB  . GLU A 1 13  ? 7.305   19.372  -8.093  1.00 19.43 ? 9   GLU A CB  1 
ATOM   98   C  CG  . GLU A 1 13  ? 6.780   20.767  -7.938  1.00 24.68 ? 9   GLU A CG  1 
ATOM   99   C  CD  . GLU A 1 13  ? 5.431   20.907  -8.602  1.00 26.43 ? 9   GLU A CD  1 
ATOM   100  O  OE1 . GLU A 1 13  ? 5.363   20.708  -9.833  1.00 29.37 ? 9   GLU A OE1 1 
ATOM   101  O  OE2 . GLU A 1 13  ? 4.444   21.201  -7.899  1.00 29.36 ? 9   GLU A OE2 1 
ATOM   102  N  N   . GLU A 1 14  ? 8.293   18.597  -5.179  1.00 16.22 ? 10  GLU A N   1 
ATOM   103  C  CA  . GLU A 1 14  ? 8.305   18.851  -3.742  1.00 17.82 ? 10  GLU A CA  1 
ATOM   104  C  C   . GLU A 1 14  ? 8.163   17.546  -2.973  1.00 17.00 ? 10  GLU A C   1 
ATOM   105  O  O   . GLU A 1 14  ? 7.553   16.591  -3.457  1.00 17.46 ? 10  GLU A O   1 
ATOM   106  C  CB  . GLU A 1 14  ? 7.172   19.808  -3.341  1.00 20.60 ? 10  GLU A CB  1 
ATOM   107  C  CG  . GLU A 1 14  ? 5.786   19.188  -3.326  1.00 24.05 ? 10  GLU A CG  1 
ATOM   108  C  CD  . GLU A 1 14  ? 4.743   20.086  -2.672  1.00 26.14 ? 10  GLU A CD  1 
ATOM   109  O  OE1 . GLU A 1 14  ? 4.924   20.474  -1.496  1.00 28.13 ? 10  GLU A OE1 1 
ATOM   110  O  OE2 . GLU A 1 14  ? 3.731   20.400  -3.330  1.00 26.82 ? 10  GLU A OE2 1 
ATOM   111  N  N   . ILE A 1 15  ? 8.743   17.504  -1.779  1.00 15.55 ? 11  ILE A N   1 
ATOM   112  C  CA  . ILE A 1 15  ? 8.665   16.314  -0.940  1.00 15.07 ? 11  ILE A CA  1 
ATOM   113  C  C   . ILE A 1 15  ? 7.502   16.489  0.028   1.00 17.56 ? 11  ILE A C   1 
ATOM   114  O  O   . ILE A 1 15  ? 7.491   17.429  0.828   1.00 17.23 ? 11  ILE A O   1 
ATOM   115  C  CB  . ILE A 1 15  ? 9.969   16.111  -0.131  1.00 15.10 ? 11  ILE A CB  1 
ATOM   116  C  CG1 . ILE A 1 15  ? 11.146  15.910  -1.091  1.00 17.50 ? 11  ILE A CG1 1 
ATOM   117  C  CG2 . ILE A 1 15  ? 9.830   14.906  0.800   1.00 16.02 ? 11  ILE A CG2 1 
ATOM   118  C  CD1 . ILE A 1 15  ? 12.489  15.767  -0.407  1.00 20.35 ? 11  ILE A CD1 1 
ATOM   119  N  N   . LEU A 1 16  ? 6.517   15.600  -0.052  1.00 15.96 ? 12  LEU A N   1 
ATOM   120  C  CA  . LEU A 1 16  ? 5.360   15.683  0.831   1.00 17.58 ? 12  LEU A CA  1 
ATOM   121  C  C   . LEU A 1 16  ? 5.622   14.996  2.165   1.00 18.36 ? 12  LEU A C   1 
ATOM   122  O  O   . LEU A 1 16  ? 5.201   15.480  3.218   1.00 18.47 ? 12  LEU A O   1 
ATOM   123  C  CB  . LEU A 1 16  ? 4.128   15.044  0.183   1.00 18.26 ? 12  LEU A CB  1 
ATOM   124  C  CG  . LEU A 1 16  ? 3.572   15.645  -1.108  1.00 20.79 ? 12  LEU A CG  1 
ATOM   125  C  CD1 . LEU A 1 16  ? 2.248   14.961  -1.443  1.00 18.61 ? 12  LEU A CD1 1 
ATOM   126  C  CD2 . LEU A 1 16  ? 3.363   17.149  -0.937  1.00 20.71 ? 12  LEU A CD2 1 
ATOM   127  N  N   . ILE A 1 17  ? 6.314   13.863  2.111   1.00 17.79 ? 13  ILE A N   1 
ATOM   128  C  CA  . ILE A 1 17  ? 6.629   13.087  3.304   1.00 18.04 ? 13  ILE A CA  1 
ATOM   129  C  C   . ILE A 1 17  ? 8.070   12.596  3.215   1.00 17.40 ? 13  ILE A C   1 
ATOM   130  O  O   . ILE A 1 17  ? 8.428   11.843  2.306   1.00 16.47 ? 13  ILE A O   1 
ATOM   131  C  CB  . ILE A 1 17  ? 5.674   11.890  3.431   1.00 17.58 ? 13  ILE A CB  1 
ATOM   132  C  CG1 . ILE A 1 17  ? 4.232   12.397  3.442   1.00 20.12 ? 13  ILE A CG1 1 
ATOM   133  C  CG2 . ILE A 1 17  ? 5.965   11.109  4.710   1.00 18.28 ? 13  ILE A CG2 1 
ATOM   134  C  CD1 . ILE A 1 17  ? 3.204   11.311  3.332   1.00 20.18 ? 13  ILE A CD1 1 
ATOM   135  N  N   . THR A 1 18  ? 8.891   13.030  4.167   1.00 17.18 ? 14  THR A N   1 
ATOM   136  C  CA  . THR A 1 18  ? 10.306  12.678  4.193   1.00 17.55 ? 14  THR A CA  1 
ATOM   137  C  C   . THR A 1 18  ? 10.583  11.244  4.618   1.00 17.48 ? 14  THR A C   1 
ATOM   138  O  O   . THR A 1 18  ? 9.735   10.576  5.206   1.00 17.13 ? 14  THR A O   1 
ATOM   139  C  CB  . THR A 1 18  ? 11.089  13.588  5.154   1.00 19.40 ? 14  THR A CB  1 
ATOM   140  O  OG1 . THR A 1 18  ? 10.704  13.294  6.502   1.00 17.82 ? 14  THR A OG1 1 
ATOM   141  C  CG2 . THR A 1 18  ? 10.799  15.050  4.859   1.00 19.60 ? 14  THR A CG2 1 
ATOM   142  N  N   . GLU A 1 19  ? 11.792  10.789  4.319   1.00 17.84 ? 15  GLU A N   1 
ATOM   143  C  CA  . GLU A 1 19  ? 12.220  9.449   4.672   1.00 19.21 ? 15  GLU A CA  1 
ATOM   144  C  C   . GLU A 1 19  ? 12.121  9.263   6.184   1.00 20.21 ? 15  GLU A C   1 
ATOM   145  O  O   . GLU A 1 19  ? 11.677  8.222   6.662   1.00 18.63 ? 15  GLU A O   1 
ATOM   146  C  CB  . GLU A 1 19  ? 13.661  9.219   4.208   1.00 19.90 ? 15  GLU A CB  1 
ATOM   147  C  CG  . GLU A 1 19  ? 14.208  7.841   4.537   1.00 21.01 ? 15  GLU A CG  1 
ATOM   148  C  CD  . GLU A 1 19  ? 15.623  7.639   4.028   1.00 23.21 ? 15  GLU A CD  1 
ATOM   149  O  OE1 . GLU A 1 19  ? 16.171  6.535   4.223   1.00 26.88 ? 15  GLU A OE1 1 
ATOM   150  O  OE2 . GLU A 1 19  ? 16.187  8.582   3.435   1.00 24.59 ? 15  GLU A OE2 1 
ATOM   151  N  N   . GLU A 1 20  ? 12.531  10.277  6.941   1.00 21.74 ? 16  GLU A N   1 
ATOM   152  C  CA  . GLU A 1 20  ? 12.461  10.176  8.393   1.00 22.96 ? 16  GLU A CA  1 
ATOM   153  C  C   . GLU A 1 20  ? 11.030  10.113  8.900   1.00 21.14 ? 16  GLU A C   1 
ATOM   154  O  O   . GLU A 1 20  ? 10.742  9.394   9.857   1.00 21.86 ? 16  GLU A O   1 
ATOM   155  C  CB  . GLU A 1 20  ? 13.199  11.338  9.060   1.00 26.52 ? 16  GLU A CB  1 
ATOM   156  C  CG  . GLU A 1 20  ? 14.702  11.139  9.078   1.00 32.32 ? 16  GLU A CG  1 
ATOM   157  C  CD  . GLU A 1 20  ? 15.084  9.673   9.202   1.00 36.05 ? 16  GLU A CD  1 
ATOM   158  O  OE1 . GLU A 1 20  ? 14.919  9.102   10.305  1.00 37.87 ? 16  GLU A OE1 1 
ATOM   159  O  OE2 . GLU A 1 20  ? 15.529  9.088   8.191   1.00 37.75 ? 16  GLU A OE2 1 
ATOM   160  N  N   . GLN A 1 21  ? 10.135  10.867  8.273   1.00 18.89 ? 17  GLN A N   1 
ATOM   161  C  CA  . GLN A 1 21  ? 8.741   10.859  8.691   1.00 18.66 ? 17  GLN A CA  1 
ATOM   162  C  C   . GLN A 1 21  ? 8.155   9.475   8.422   1.00 16.68 ? 17  GLN A C   1 
ATOM   163  O  O   . GLN A 1 21  ? 7.405   8.936   9.238   1.00 15.66 ? 17  GLN A O   1 
ATOM   164  C  CB  . GLN A 1 21  ? 7.953   11.928  7.936   1.00 19.67 ? 17  GLN A CB  1 
ATOM   165  C  CG  . GLN A 1 21  ? 8.421   13.339  8.227   1.00 23.44 ? 17  GLN A CG  1 
ATOM   166  C  CD  . GLN A 1 21  ? 7.638   14.382  7.466   1.00 25.32 ? 17  GLN A CD  1 
ATOM   167  O  OE1 . GLN A 1 21  ? 7.581   14.358  6.239   1.00 24.66 ? 17  GLN A OE1 1 
ATOM   168  N  NE2 . GLN A 1 21  ? 7.027   15.312  8.195   1.00 28.89 ? 17  GLN A NE2 1 
ATOM   169  N  N   . LEU A 1 22  ? 8.511   8.898   7.280   1.00 15.98 ? 18  LEU A N   1 
ATOM   170  C  CA  . LEU A 1 22  ? 8.027   7.567   6.931   1.00 14.75 ? 18  LEU A CA  1 
ATOM   171  C  C   . LEU A 1 22  ? 8.548   6.542   7.935   1.00 15.31 ? 18  LEU A C   1 
ATOM   172  O  O   . LEU A 1 22  ? 7.799   5.695   8.417   1.00 15.10 ? 18  LEU A O   1 
ATOM   173  C  CB  . LEU A 1 22  ? 8.479   7.188   5.516   1.00 13.74 ? 18  LEU A CB  1 
ATOM   174  C  CG  . LEU A 1 22  ? 7.713   7.843   4.363   1.00 12.19 ? 18  LEU A CG  1 
ATOM   175  C  CD1 . LEU A 1 22  ? 8.428   7.560   3.050   1.00 12.17 ? 18  LEU A CD1 1 
ATOM   176  C  CD2 . LEU A 1 22  ? 6.280   7.312   4.321   1.00 12.31 ? 18  LEU A CD2 1 
ATOM   177  N  N   . LYS A 1 23  ? 9.837   6.627   8.247   1.00 16.57 ? 19  LYS A N   1 
ATOM   178  C  CA  . LYS A 1 23  ? 10.462  5.705   9.188   1.00 18.09 ? 19  LYS A CA  1 
ATOM   179  C  C   . LYS A 1 23  ? 9.798   5.752   10.563  1.00 17.30 ? 19  LYS A C   1 
ATOM   180  O  O   . LYS A 1 23  ? 9.515   4.711   11.164  1.00 16.59 ? 19  LYS A O   1 
ATOM   181  C  CB  . LYS A 1 23  ? 11.953  6.025   9.313   1.00 20.77 ? 19  LYS A CB  1 
ATOM   182  C  CG  . LYS A 1 23  ? 12.780  5.615   8.104   1.00 26.78 ? 19  LYS A CG  1 
ATOM   183  C  CD  . LYS A 1 23  ? 14.216  6.093   8.231   1.00 30.61 ? 19  LYS A CD  1 
ATOM   184  C  CE  . LYS A 1 23  ? 15.027  5.695   7.011   1.00 32.83 ? 19  LYS A CE  1 
ATOM   185  N  NZ  . LYS A 1 23  ? 16.433  6.188   7.062   1.00 36.07 ? 19  LYS A NZ  1 
ATOM   186  N  N   . ALA A 1 24  ? 9.541   6.960   11.049  1.00 17.18 ? 20  ALA A N   1 
ATOM   187  C  CA  . ALA A 1 24  ? 8.911   7.140   12.353  1.00 17.29 ? 20  ALA A CA  1 
ATOM   188  C  C   . ALA A 1 24  ? 7.472   6.635   12.367  1.00 17.11 ? 20  ALA A C   1 
ATOM   189  O  O   . ALA A 1 24  ? 7.025   6.054   13.355  1.00 15.90 ? 20  ALA A O   1 
ATOM   190  C  CB  . ALA A 1 24  ? 8.946   8.612   12.752  1.00 17.57 ? 20  ALA A CB  1 
ATOM   191  N  N   . LYS A 1 25  ? 6.746   6.861   11.275  1.00 14.99 ? 21  LYS A N   1 
ATOM   192  C  CA  . LYS A 1 25  ? 5.356   6.421   11.193  1.00 14.56 ? 21  LYS A CA  1 
ATOM   193  C  C   . LYS A 1 25  ? 5.280   4.903   11.122  1.00 13.55 ? 21  LYS A C   1 
ATOM   194  O  O   . LYS A 1 25  ? 4.383   4.290   11.705  1.00 12.57 ? 21  LYS A O   1 
ATOM   195  C  CB  . LYS A 1 25  ? 4.666   7.035   9.973   1.00 14.46 ? 21  LYS A CB  1 
ATOM   196  C  CG  . LYS A 1 25  ? 3.199   6.639   9.821   1.00 14.60 ? 21  LYS A CG  1 
ATOM   197  C  CD  . LYS A 1 25  ? 2.353   7.057   11.024  1.00 15.64 ? 21  LYS A CD  1 
ATOM   198  C  CE  . LYS A 1 25  ? 2.342   8.567   11.219  1.00 15.30 ? 21  LYS A CE  1 
ATOM   199  N  NZ  . LYS A 1 25  ? 1.417   8.958   12.320  1.00 17.44 ? 21  LYS A NZ  1 
ATOM   200  N  N   . VAL A 1 26  ? 6.221   4.296   10.407  1.00 13.73 ? 22  VAL A N   1 
ATOM   201  C  CA  . VAL A 1 26  ? 6.251   2.844   10.289  1.00 13.84 ? 22  VAL A CA  1 
ATOM   202  C  C   . VAL A 1 26  ? 6.530   2.230   11.661  1.00 14.48 ? 22  VAL A C   1 
ATOM   203  O  O   . VAL A 1 26  ? 5.940   1.213   12.028  1.00 13.36 ? 22  VAL A O   1 
ATOM   204  C  CB  . VAL A 1 26  ? 7.322   2.396   9.275   1.00 13.65 ? 22  VAL A CB  1 
ATOM   205  C  CG1 . VAL A 1 26  ? 7.549   0.898   9.374   1.00 17.09 ? 22  VAL A CG1 1 
ATOM   206  C  CG2 . VAL A 1 26  ? 6.870   2.766   7.867   1.00 14.24 ? 22  VAL A CG2 1 
ATOM   207  N  N   . LYS A 1 27  ? 7.426   2.853   12.420  1.00 14.89 ? 23  LYS A N   1 
ATOM   208  C  CA  . LYS A 1 27  ? 7.748   2.362   13.761  1.00 14.84 ? 23  LYS A CA  1 
ATOM   209  C  C   . LYS A 1 27  ? 6.502   2.463   14.642  1.00 14.19 ? 23  LYS A C   1 
ATOM   210  O  O   . LYS A 1 27  ? 6.165   1.530   15.378  1.00 14.07 ? 23  LYS A O   1 
ATOM   211  C  CB  . LYS A 1 27  ? 8.881   3.196   14.376  1.00 16.76 ? 23  LYS A CB  1 
ATOM   212  C  CG  . LYS A 1 27  ? 9.250   2.797   15.803  1.00 20.06 ? 23  LYS A CG  1 
ATOM   213  C  CD  . LYS A 1 27  ? 10.396  3.651   16.338  1.00 23.83 ? 23  LYS A CD  1 
ATOM   214  C  CE  . LYS A 1 27  ? 10.687  3.347   17.805  1.00 27.24 ? 23  LYS A CE  1 
ATOM   215  N  NZ  . LYS A 1 27  ? 12.006  2.681   17.991  1.00 30.29 ? 23  LYS A NZ  1 
ATOM   216  N  N   . GLU A 1 28  ? 5.820   3.601   14.549  1.00 12.97 ? 24  GLU A N   1 
ATOM   217  C  CA  . GLU A 1 28  ? 4.608   3.861   15.317  1.00 13.94 ? 24  GLU A CA  1 
ATOM   218  C  C   . GLU A 1 28  ? 3.520   2.838   15.014  1.00 13.67 ? 24  GLU A C   1 
ATOM   219  O  O   . GLU A 1 28  ? 2.960   2.222   15.920  1.00 14.40 ? 24  GLU A O   1 
ATOM   220  C  CB  . GLU A 1 28  ? 4.072   5.259   14.994  1.00 16.85 ? 24  GLU A CB  1 
ATOM   221  C  CG  . GLU A 1 28  ? 2.834   5.655   15.788  1.00 19.34 ? 24  GLU A CG  1 
ATOM   222  C  CD  . GLU A 1 28  ? 2.160   6.896   15.228  1.00 22.38 ? 24  GLU A CD  1 
ATOM   223  O  OE1 . GLU A 1 28  ? 2.826   7.650   14.492  1.00 23.33 ? 24  GLU A OE1 1 
ATOM   224  O  OE2 . GLU A 1 28  ? 0.968   7.120   15.531  1.00 25.65 ? 24  GLU A OE2 1 
ATOM   225  N  N   . LEU A 1 29  ? 3.215   2.668   13.733  1.00 12.01 ? 25  LEU A N   1 
ATOM   226  C  CA  . LEU A 1 29  ? 2.180   1.726   13.327  1.00 12.57 ? 25  LEU A CA  1 
ATOM   227  C  C   . LEU A 1 29  ? 2.533   0.300   13.737  1.00 12.36 ? 25  LEU A C   1 
ATOM   228  O  O   . LEU A 1 29  ? 1.669   -0.454  14.183  1.00 13.20 ? 25  LEU A O   1 
ATOM   229  C  CB  . LEU A 1 29  ? 1.960   1.798   11.813  1.00 13.24 ? 25  LEU A CB  1 
ATOM   230  C  CG  . LEU A 1 29  ? 1.408   3.127   11.279  1.00 13.62 ? 25  LEU A CG  1 
ATOM   231  C  CD1 . LEU A 1 29  ? 1.305   3.067   9.760   1.00 14.76 ? 25  LEU A CD1 1 
ATOM   232  C  CD2 . LEU A 1 29  ? 0.044   3.409   11.892  1.00 14.97 ? 25  LEU A CD2 1 
ATOM   233  N  N   . GLY A 1 30  ? 3.805   -0.056  13.597  1.00 12.72 ? 26  GLY A N   1 
ATOM   234  C  CA  . GLY A 1 30  ? 4.239   -1.396  13.954  1.00 13.73 ? 26  GLY A CA  1 
ATOM   235  C  C   . GLY A 1 30  ? 4.089   -1.693  15.435  1.00 15.17 ? 26  GLY A C   1 
ATOM   236  O  O   . GLY A 1 30  ? 3.740   -2.811  15.820  1.00 14.17 ? 26  GLY A O   1 
ATOM   237  N  N   . GLU A 1 31  ? 4.360   -0.699  16.273  1.00 15.21 ? 27  GLU A N   1 
ATOM   238  C  CA  . GLU A 1 31  ? 4.239   -0.891  17.710  1.00 18.75 ? 27  GLU A CA  1 
ATOM   239  C  C   . GLU A 1 31  ? 2.763   -1.076  18.066  1.00 18.14 ? 27  GLU A C   1 
ATOM   240  O  O   . GLU A 1 31  ? 2.422   -1.868  18.941  1.00 16.38 ? 27  GLU A O   1 
ATOM   241  C  CB  . GLU A 1 31  ? 4.839   0.310   18.454  1.00 21.38 ? 27  GLU A CB  1 
ATOM   242  C  CG  . GLU A 1 31  ? 4.823   0.180   19.970  1.00 27.97 ? 27  GLU A CG  1 
ATOM   243  C  CD  . GLU A 1 31  ? 3.549   0.719   20.584  1.00 30.20 ? 27  GLU A CD  1 
ATOM   244  O  OE1 . GLU A 1 31  ? 3.300   0.434   21.774  1.00 32.81 ? 27  GLU A OE1 1 
ATOM   245  O  OE2 . GLU A 1 31  ? 2.807   1.436   19.883  1.00 32.66 ? 27  GLU A OE2 1 
ATOM   246  N  N   . MET A 1 32  ? 1.890   -0.356  17.366  1.00 16.59 ? 28  MET A N   1 
ATOM   247  C  CA  . MET A 1 32  ? 0.455   -0.455  17.609  1.00 16.85 ? 28  MET A CA  1 
ATOM   248  C  C   . MET A 1 32  ? -0.044  -1.844  17.226  1.00 16.06 ? 28  MET A C   1 
ATOM   249  O  O   . MET A 1 32  ? -0.767  -2.488  17.990  1.00 16.43 ? 28  MET A O   1 
ATOM   250  C  CB  . MET A 1 32  ? -0.290  0.595   16.785  1.00 19.37 ? 28  MET A CB  1 
ATOM   251  C  CG  . MET A 1 32  ? -0.036  2.022   17.221  1.00 22.65 ? 28  MET A CG  1 
ATOM   252  S  SD  . MET A 1 32  ? -0.690  3.204   16.027  1.00 26.54 ? 28  MET A SD  1 
ATOM   253  C  CE  . MET A 1 32  ? -2.428  2.824   16.092  1.00 24.10 ? 28  MET A CE  1 
ATOM   254  N  N   . ILE A 1 33  ? 0.349   -2.296  16.038  1.00 13.79 ? 29  ILE A N   1 
ATOM   255  C  CA  . ILE A 1 33  ? -0.050  -3.602  15.531  1.00 12.23 ? 29  ILE A CA  1 
ATOM   256  C  C   . ILE A 1 33  ? 0.495   -4.734  16.409  1.00 12.57 ? 29  ILE A C   1 
ATOM   257  O  O   . ILE A 1 33  ? -0.157  -5.767  16.575  1.00 13.32 ? 29  ILE A O   1 
ATOM   258  C  CB  . ILE A 1 33  ? 0.425   -3.783  14.059  1.00 12.41 ? 29  ILE A CB  1 
ATOM   259  C  CG1 . ILE A 1 33  ? -0.348  -2.817  13.150  1.00 13.33 ? 29  ILE A CG1 1 
ATOM   260  C  CG2 . ILE A 1 33  ? 0.219   -5.226  13.611  1.00 12.71 ? 29  ILE A CG2 1 
ATOM   261  C  CD1 . ILE A 1 33  ? 0.233   -2.666  11.744  1.00 11.57 ? 29  ILE A CD1 1 
ATOM   262  N  N   . THR A 1 34  ? 1.687   -4.537  16.971  1.00 12.13 ? 30  THR A N   1 
ATOM   263  C  CA  . THR A 1 34  ? 2.300   -5.533  17.847  1.00 12.99 ? 30  THR A CA  1 
ATOM   264  C  C   . THR A 1 34  ? 1.402   -5.735  19.062  1.00 14.01 ? 30  THR A C   1 
ATOM   265  O  O   . THR A 1 34  ? 1.183   -6.860  19.515  1.00 13.56 ? 30  THR A O   1 
ATOM   266  C  CB  . THR A 1 34  ? 3.699   -5.065  18.314  1.00 14.33 ? 30  THR A CB  1 
ATOM   267  O  OG1 . THR A 1 34  ? 4.572   -4.986  17.181  1.00 14.77 ? 30  THR A OG1 1 
ATOM   268  C  CG2 . THR A 1 34  ? 4.290   -6.035  19.336  1.00 12.43 ? 30  THR A CG2 1 
ATOM   269  N  N   . ARG A 1 35  ? 0.883   -4.629  19.588  1.00 15.21 ? 31  ARG A N   1 
ATOM   270  C  CA  . ARG A 1 35  ? -0.002  -4.679  20.744  1.00 17.40 ? 31  ARG A CA  1 
ATOM   271  C  C   . ARG A 1 35  ? -1.349  -5.297  20.384  1.00 16.26 ? 31  ARG A C   1 
ATOM   272  O  O   . ARG A 1 35  ? -1.819  -6.212  21.061  1.00 14.48 ? 31  ARG A O   1 
ATOM   273  C  CB  . ARG A 1 35  ? -0.224  -3.274  21.311  1.00 20.86 ? 31  ARG A CB  1 
ATOM   274  C  CG  . ARG A 1 35  ? 0.718   -2.897  22.448  1.00 26.48 ? 31  ARG A CG  1 
ATOM   275  C  CD  . ARG A 1 35  ? 0.509   -1.453  22.889  1.00 30.54 ? 31  ARG A CD  1 
ATOM   276  N  NE  . ARG A 1 35  ? 0.959   -0.502  21.875  1.00 34.29 ? 31  ARG A NE  1 
ATOM   277  C  CZ  . ARG A 1 35  ? 0.175   0.399   21.289  1.00 35.82 ? 31  ARG A CZ  1 
ATOM   278  N  NH1 . ARG A 1 35  ? -1.107  0.478   21.613  1.00 38.57 ? 31  ARG A NH1 1 
ATOM   279  N  NH2 . ARG A 1 35  ? 0.670   1.227   20.381  1.00 37.81 ? 31  ARG A NH2 1 
ATOM   280  N  N   . ASP A 1 36  ? -1.958  -4.801  19.309  1.00 15.74 ? 32  ASP A N   1 
ATOM   281  C  CA  . ASP A 1 36  ? -3.273  -5.263  18.874  1.00 16.75 ? 32  ASP A CA  1 
ATOM   282  C  C   . ASP A 1 36  ? -3.368  -6.720  18.428  1.00 17.27 ? 32  ASP A C   1 
ATOM   283  O  O   . ASP A 1 36  ? -4.408  -7.353  18.613  1.00 17.00 ? 32  ASP A O   1 
ATOM   284  C  CB  . ASP A 1 36  ? -3.811  -4.362  17.752  1.00 17.39 ? 32  ASP A CB  1 
ATOM   285  C  CG  . ASP A 1 36  ? -3.947  -2.908  18.179  1.00 19.28 ? 32  ASP A CG  1 
ATOM   286  O  OD1 . ASP A 1 36  ? -4.023  -2.649  19.399  1.00 21.15 ? 32  ASP A OD1 1 
ATOM   287  O  OD2 . ASP A 1 36  ? -3.993  -2.025  17.294  1.00 19.47 ? 32  ASP A OD2 1 
ATOM   288  N  N   . TYR A 1 37  ? -2.298  -7.258  17.848  1.00 14.80 ? 33  TYR A N   1 
ATOM   289  C  CA  . TYR A 1 37  ? -2.320  -8.636  17.376  1.00 13.88 ? 33  TYR A CA  1 
ATOM   290  C  C   . TYR A 1 37  ? -1.619  -9.677  18.249  1.00 13.38 ? 33  TYR A C   1 
ATOM   291  O  O   . TYR A 1 37  ? -1.349  -10.789 17.794  1.00 13.46 ? 33  TYR A O   1 
ATOM   292  C  CB  . TYR A 1 37  ? -1.775  -8.715  15.942  1.00 13.13 ? 33  TYR A CB  1 
ATOM   293  C  CG  . TYR A 1 37  ? -2.739  -8.175  14.900  1.00 11.29 ? 33  TYR A CG  1 
ATOM   294  C  CD1 . TYR A 1 37  ? -2.887  -6.799  14.692  1.00 11.21 ? 33  TYR A CD1 1 
ATOM   295  C  CD2 . TYR A 1 37  ? -3.524  -9.042  14.143  1.00 11.15 ? 33  TYR A CD2 1 
ATOM   296  C  CE1 . TYR A 1 37  ? -3.799  -6.306  13.750  1.00 12.40 ? 33  TYR A CE1 1 
ATOM   297  C  CE2 . TYR A 1 37  ? -4.435  -8.562  13.205  1.00 11.73 ? 33  TYR A CE2 1 
ATOM   298  C  CZ  . TYR A 1 37  ? -4.569  -7.195  13.012  1.00 12.12 ? 33  TYR A CZ  1 
ATOM   299  O  OH  . TYR A 1 37  ? -5.477  -6.730  12.083  1.00 13.60 ? 33  TYR A OH  1 
ATOM   300  N  N   . GLU A 1 38  ? -1.317  -9.336  19.497  1.00 15.39 ? 34  GLU A N   1 
ATOM   301  C  CA  . GLU A 1 38  ? -0.691  -10.328 20.365  1.00 16.20 ? 34  GLU A CA  1 
ATOM   302  C  C   . GLU A 1 38  ? -1.693  -11.471 20.501  1.00 15.68 ? 34  GLU A C   1 
ATOM   303  O  O   . GLU A 1 38  ? -2.886  -11.238 20.692  1.00 13.90 ? 34  GLU A O   1 
ATOM   304  C  CB  . GLU A 1 38  ? -0.386  -9.757  21.755  1.00 19.80 ? 34  GLU A CB  1 
ATOM   305  C  CG  . GLU A 1 38  ? 0.032   -10.849 22.746  1.00 22.00 ? 34  GLU A CG  1 
ATOM   306  C  CD  . GLU A 1 38  ? 0.266   -10.341 24.156  1.00 25.22 ? 34  GLU A CD  1 
ATOM   307  O  OE1 . GLU A 1 38  ? -0.250  -9.256  24.494  1.00 24.83 ? 34  GLU A OE1 1 
ATOM   308  O  OE2 . GLU A 1 38  ? 0.953   -11.046 24.928  1.00 22.68 ? 34  GLU A OE2 1 
ATOM   309  N  N   . GLY A 1 39  ? -1.212  -12.703 20.383  1.00 15.46 ? 35  GLY A N   1 
ATOM   310  C  CA  . GLY A 1 39  ? -2.100  -13.845 20.502  1.00 16.04 ? 35  GLY A CA  1 
ATOM   311  C  C   . GLY A 1 39  ? -2.907  -14.134 19.252  1.00 17.80 ? 35  GLY A C   1 
ATOM   312  O  O   . GLY A 1 39  ? -3.659  -15.111 19.201  1.00 18.67 ? 35  GLY A O   1 
ATOM   313  N  N   . LYS A 1 40  ? -2.775  -13.284 18.238  1.00 15.99 ? 36  LYS A N   1 
ATOM   314  C  CA  . LYS A 1 40  ? -3.496  -13.504 16.990  1.00 15.43 ? 36  LYS A CA  1 
ATOM   315  C  C   . LYS A 1 40  ? -2.600  -14.218 15.983  1.00 15.74 ? 36  LYS A C   1 
ATOM   316  O  O   . LYS A 1 40  ? -1.393  -14.348 16.191  1.00 17.51 ? 36  LYS A O   1 
ATOM   317  C  CB  . LYS A 1 40  ? -3.975  -12.171 16.408  1.00 15.67 ? 36  LYS A CB  1 
ATOM   318  C  CG  . LYS A 1 40  ? -4.915  -11.409 17.330  1.00 18.27 ? 36  LYS A CG  1 
ATOM   319  C  CD  . LYS A 1 40  ? -6.154  -12.235 17.648  1.00 22.28 ? 36  LYS A CD  1 
ATOM   320  C  CE  . LYS A 1 40  ? -7.088  -11.493 18.591  1.00 23.47 ? 36  LYS A CE  1 
ATOM   321  N  NZ  . LYS A 1 40  ? -7.499  -10.178 18.028  1.00 27.61 ? 36  LYS A NZ  1 
ATOM   322  N  N   . ASP A 1 41  ? -3.201  -14.692 14.897  1.00 15.94 ? 37  ASP A N   1 
ATOM   323  C  CA  . ASP A 1 41  ? -2.469  -15.395 13.846  1.00 13.81 ? 37  ASP A CA  1 
ATOM   324  C  C   . ASP A 1 41  ? -2.374  -14.399 12.694  1.00 12.40 ? 37  ASP A C   1 
ATOM   325  O  O   . ASP A 1 41  ? -3.153  -14.447 11.744  1.00 12.55 ? 37  ASP A O   1 
ATOM   326  C  CB  . ASP A 1 41  ? -3.250  -16.640 13.429  1.00 15.46 ? 37  ASP A CB  1 
ATOM   327  C  CG  . ASP A 1 41  ? -2.411  -17.623 12.645  1.00 17.33 ? 37  ASP A CG  1 
ATOM   328  O  OD1 . ASP A 1 41  ? -2.916  -18.732 12.373  1.00 19.10 ? 37  ASP A OD1 1 
ATOM   329  O  OD2 . ASP A 1 41  ? -1.257  -17.294 12.300  1.00 17.99 ? 37  ASP A OD2 1 
ATOM   330  N  N   . LEU A 1 42  ? -1.404  -13.501 12.798  1.00 10.65 ? 38  LEU A N   1 
ATOM   331  C  CA  . LEU A 1 42  ? -1.220  -12.427 11.835  1.00 9.98  ? 38  LEU A CA  1 
ATOM   332  C  C   . LEU A 1 42  ? -0.601  -12.779 10.493  1.00 10.15 ? 38  LEU A C   1 
ATOM   333  O  O   . LEU A 1 42  ? 0.480   -13.369 10.413  1.00 9.06  ? 38  LEU A O   1 
ATOM   334  C  CB  . LEU A 1 42  ? -0.407  -11.304 12.488  1.00 9.92  ? 38  LEU A CB  1 
ATOM   335  C  CG  . LEU A 1 42  ? -0.122  -10.034 11.681  1.00 10.74 ? 38  LEU A CG  1 
ATOM   336  C  CD1 . LEU A 1 42  ? -1.427  -9.363  11.275  1.00 11.39 ? 38  LEU A CD1 1 
ATOM   337  C  CD2 . LEU A 1 42  ? 0.736   -9.092  12.518  1.00 11.58 ? 38  LEU A CD2 1 
ATOM   338  N  N   . VAL A 1 43  ? -1.315  -12.402 9.439   1.00 8.66  ? 39  VAL A N   1 
ATOM   339  C  CA  . VAL A 1 43  ? -0.858  -12.614 8.075   1.00 9.96  ? 39  VAL A CA  1 
ATOM   340  C  C   . VAL A 1 43  ? -0.954  -11.262 7.393   1.00 9.24  ? 39  VAL A C   1 
ATOM   341  O  O   . VAL A 1 43  ? -2.041  -10.676 7.308   1.00 10.09 ? 39  VAL A O   1 
ATOM   342  C  CB  . VAL A 1 43  ? -1.750  -13.613 7.303   1.00 11.79 ? 39  VAL A CB  1 
ATOM   343  C  CG1 . VAL A 1 43  ? -1.243  -13.761 5.863   1.00 11.51 ? 39  VAL A CG1 1 
ATOM   344  C  CG2 . VAL A 1 43  ? -1.751  -14.963 7.997   1.00 11.13 ? 39  VAL A CG2 1 
ATOM   345  N  N   . LEU A 1 44  ? 0.179   -10.750 6.928   1.00 7.05  ? 40  LEU A N   1 
ATOM   346  C  CA  . LEU A 1 44  ? 0.189   -9.467  6.239   1.00 8.42  ? 40  LEU A CA  1 
ATOM   347  C  C   . LEU A 1 44  ? 0.080   -9.780  4.756   1.00 8.81  ? 40  LEU A C   1 
ATOM   348  O  O   . LEU A 1 44  ? 0.877   -10.550 4.231   1.00 9.74  ? 40  LEU A O   1 
ATOM   349  C  CB  . LEU A 1 44  ? 1.500   -8.722  6.494   1.00 8.75  ? 40  LEU A CB  1 
ATOM   350  C  CG  . LEU A 1 44  ? 1.891   -8.422  7.941   1.00 11.08 ? 40  LEU A CG  1 
ATOM   351  C  CD1 . LEU A 1 44  ? 3.201   -7.641  7.941   1.00 10.01 ? 40  LEU A CD1 1 
ATOM   352  C  CD2 . LEU A 1 44  ? 0.792   -7.625  8.630   1.00 12.28 ? 40  LEU A CD2 1 
ATOM   353  N  N   . ILE A 1 45  ? -0.909  -9.202  4.085   1.00 10.10 ? 41  ILE A N   1 
ATOM   354  C  CA  . ILE A 1 45  ? -1.069  -9.443  2.654   1.00 10.53 ? 41  ILE A CA  1 
ATOM   355  C  C   . ILE A 1 45  ? -0.963  -8.123  1.908   1.00 9.12  ? 41  ILE A C   1 
ATOM   356  O  O   . ILE A 1 45  ? -1.740  -7.203  2.150   1.00 9.97  ? 41  ILE A O   1 
ATOM   357  C  CB  . ILE A 1 45  ? -2.425  -10.109 2.332   1.00 11.79 ? 41  ILE A CB  1 
ATOM   358  C  CG1 . ILE A 1 45  ? -2.498  -11.475 3.026   1.00 14.19 ? 41  ILE A CG1 1 
ATOM   359  C  CG2 . ILE A 1 45  ? -2.597  -10.249 0.817   1.00 12.74 ? 41  ILE A CG2 1 
ATOM   360  C  CD1 . ILE A 1 45  ? -3.155  -12.571 2.216   1.00 20.24 ? 41  ILE A CD1 1 
ATOM   361  N  N   . GLY A 1 46  ? 0.018   -8.032  1.016   1.00 10.74 ? 42  GLY A N   1 
ATOM   362  C  CA  . GLY A 1 46  ? 0.196   -6.814  0.248   1.00 11.05 ? 42  GLY A CA  1 
ATOM   363  C  C   . GLY A 1 46  ? -0.046  -7.028  -1.234  1.00 12.75 ? 42  GLY A C   1 
ATOM   364  O  O   . GLY A 1 46  ? 0.079   -8.143  -1.745  1.00 11.47 ? 42  GLY A O   1 
ATOM   365  N  N   . VAL A 1 47  ? -0.399  -5.956  -1.934  1.00 10.51 ? 43  VAL A N   1 
ATOM   366  C  CA  . VAL A 1 47  ? -0.629  -6.044  -3.367  1.00 11.30 ? 43  VAL A CA  1 
ATOM   367  C  C   . VAL A 1 47  ? 0.622   -5.532  -4.077  1.00 10.65 ? 43  VAL A C   1 
ATOM   368  O  O   . VAL A 1 47  ? 1.013   -4.376  -3.901  1.00 10.73 ? 43  VAL A O   1 
ATOM   369  C  CB  . VAL A 1 47  ? -1.843  -5.193  -3.800  1.00 13.89 ? 43  VAL A CB  1 
ATOM   370  C  CG1 . VAL A 1 47  ? -2.039  -5.287  -5.314  1.00 15.94 ? 43  VAL A CG1 1 
ATOM   371  C  CG2 . VAL A 1 47  ? -3.093  -5.679  -3.077  1.00 17.00 ? 43  VAL A CG2 1 
ATOM   372  N  N   . LEU A 1 48  ? 1.253   -6.402  -4.857  1.00 10.57 ? 44  LEU A N   1 
ATOM   373  C  CA  . LEU A 1 48  ? 2.460   -6.052  -5.600  1.00 11.04 ? 44  LEU A CA  1 
ATOM   374  C  C   . LEU A 1 48  ? 2.114   -5.067  -6.717  1.00 11.18 ? 44  LEU A C   1 
ATOM   375  O  O   . LEU A 1 48  ? 0.989   -5.067  -7.212  1.00 13.25 ? 44  LEU A O   1 
ATOM   376  C  CB  . LEU A 1 48  ? 3.076   -7.312  -6.205  1.00 11.19 ? 44  LEU A CB  1 
ATOM   377  C  CG  . LEU A 1 48  ? 3.543   -8.364  -5.199  1.00 11.01 ? 44  LEU A CG  1 
ATOM   378  C  CD1 . LEU A 1 48  ? 3.743   -9.695  -5.906  1.00 12.97 ? 44  LEU A CD1 1 
ATOM   379  C  CD2 . LEU A 1 48  ? 4.826   -7.889  -4.532  1.00 12.55 ? 44  LEU A CD2 1 
ATOM   380  N  N   . LYS A 1 49  ? 3.065   -4.216  -7.102  1.00 10.85 ? 45  LYS A N   1 
ATOM   381  C  CA  . LYS A 1 49  ? 4.400   -4.179  -6.508  1.00 10.58 ? 45  LYS A CA  1 
ATOM   382  C  C   . LYS A 1 49  ? 4.548   -2.970  -5.583  1.00 10.55 ? 45  LYS A C   1 
ATOM   383  O  O   . LYS A 1 49  ? 5.540   -2.843  -4.867  1.00 10.59 ? 45  LYS A O   1 
ATOM   384  C  CB  . LYS A 1 49  ? 5.455   -4.102  -7.616  1.00 12.82 ? 45  LYS A CB  1 
ATOM   385  C  CG  . LYS A 1 49  ? 5.487   -5.331  -8.512  1.00 12.17 ? 45  LYS A CG  1 
ATOM   386  C  CD  . LYS A 1 49  ? 6.504   -5.201  -9.640  1.00 17.62 ? 45  LYS A CD  1 
ATOM   387  C  CE  . LYS A 1 49  ? 6.063   -4.181  -10.679 1.00 17.26 ? 45  LYS A CE  1 
ATOM   388  N  NZ  . LYS A 1 49  ? 6.914   -4.276  -11.900 1.00 23.75 ? 45  LYS A NZ  1 
ATOM   389  N  N   . GLY A 1 50  ? 3.548   -2.095  -5.596  1.00 11.31 ? 46  GLY A N   1 
ATOM   390  C  CA  . GLY A 1 50  ? 3.602   -0.888  -4.788  1.00 12.18 ? 46  GLY A CA  1 
ATOM   391  C  C   . GLY A 1 50  ? 3.757   -1.071  -3.291  1.00 12.06 ? 46  GLY A C   1 
ATOM   392  O  O   . GLY A 1 50  ? 4.358   -0.235  -2.618  1.00 14.15 ? 46  GLY A O   1 
ATOM   393  N  N   . ALA A 1 51  ? 3.229   -2.168  -2.765  1.00 11.00 ? 47  ALA A N   1 
ATOM   394  C  CA  . ALA A 1 51  ? 3.290   -2.422  -1.333  1.00 10.01 ? 47  ALA A CA  1 
ATOM   395  C  C   . ALA A 1 51  ? 4.627   -2.919  -0.793  1.00 8.94  ? 47  ALA A C   1 
ATOM   396  O  O   . ALA A 1 51  ? 4.794   -3.016  0.421   1.00 9.01  ? 47  ALA A O   1 
ATOM   397  C  CB  . ALA A 1 51  ? 2.191   -3.415  -0.955  1.00 10.96 ? 47  ALA A CB  1 
ATOM   398  N  N   . ILE A 1 52  ? 5.588   -3.208  -1.665  1.00 9.71  ? 48  ILE A N   1 
ATOM   399  C  CA  . ILE A 1 52  ? 6.859   -3.756  -1.196  1.00 10.99 ? 48  ILE A CA  1 
ATOM   400  C  C   . ILE A 1 52  ? 7.634   -2.971  -0.151  1.00 10.23 ? 48  ILE A C   1 
ATOM   401  O  O   . ILE A 1 52  ? 8.122   -3.557  0.812   1.00 9.95  ? 48  ILE A O   1 
ATOM   402  C  CB  . ILE A 1 52  ? 7.815   -4.070  -2.370  1.00 14.96 ? 48  ILE A CB  1 
ATOM   403  C  CG1 . ILE A 1 52  ? 8.126   -2.797  -3.160  1.00 15.74 ? 48  ILE A CG1 1 
ATOM   404  C  CG2 . ILE A 1 52  ? 7.193   -5.128  -3.259  1.00 16.97 ? 48  ILE A CG2 1 
ATOM   405  C  CD1 . ILE A 1 52  ? 9.156   -3.000  -4.265  1.00 20.71 ? 48  ILE A CD1 1 
ATOM   406  N  N   . MET A 1 53  ? 7.756   -1.660  -0.320  1.00 9.06  ? 49  MET A N   1 
ATOM   407  C  CA  . MET A 1 53  ? 8.514   -0.871  0.646   1.00 10.40 ? 49  MET A CA  1 
ATOM   408  C  C   . MET A 1 53  ? 7.833   -0.837  2.010   1.00 10.17 ? 49  MET A C   1 
ATOM   409  O  O   . MET A 1 53  ? 8.474   -1.068  3.040   1.00 10.77 ? 49  MET A O   1 
ATOM   410  C  CB  . MET A 1 53  ? 8.714   0.560   0.137   1.00 10.95 ? 49  MET A CB  1 
ATOM   411  C  CG  . MET A 1 53  ? 9.228   0.652   -1.296  1.00 15.09 ? 49  MET A CG  1 
ATOM   412  S  SD  . MET A 1 53  ? 10.781  -0.213  -1.561  1.00 16.78 ? 49  MET A SD  1 
ATOM   413  C  CE  . MET A 1 53  ? 11.115  0.168   -3.291  1.00 14.51 ? 49  MET A CE  1 
ATOM   414  N  N   . PHE A 1 54  ? 6.534   -0.549  2.014   1.00 8.76  ? 50  PHE A N   1 
ATOM   415  C  CA  . PHE A 1 54  ? 5.774   -0.478  3.262   1.00 10.11 ? 50  PHE A CA  1 
ATOM   416  C  C   . PHE A 1 54  ? 5.685   -1.850  3.935   1.00 9.78  ? 50  PHE A C   1 
ATOM   417  O  O   . PHE A 1 54  ? 5.770   -1.956  5.160   1.00 10.13 ? 50  PHE A O   1 
ATOM   418  C  CB  . PHE A 1 54  ? 4.375   0.091   2.983   1.00 9.13  ? 50  PHE A CB  1 
ATOM   419  C  CG  . PHE A 1 54  ? 3.562   0.370   4.220   1.00 8.42  ? 50  PHE A CG  1 
ATOM   420  C  CD1 . PHE A 1 54  ? 4.157   0.908   5.365   1.00 10.84 ? 50  PHE A CD1 1 
ATOM   421  C  CD2 . PHE A 1 54  ? 2.188   0.141   4.226   1.00 10.49 ? 50  PHE A CD2 1 
ATOM   422  C  CE1 . PHE A 1 54  ? 3.390   1.223   6.493   1.00 11.01 ? 50  PHE A CE1 1 
ATOM   423  C  CE2 . PHE A 1 54  ? 1.409   0.455   5.351   1.00 10.71 ? 50  PHE A CE2 1 
ATOM   424  C  CZ  . PHE A 1 54  ? 2.014   0.992   6.485   1.00 11.36 ? 50  PHE A CZ  1 
ATOM   425  N  N   . MET A 1 55  ? 5.528   -2.901  3.139   1.00 9.79  ? 51  MET A N   1 
ATOM   426  C  CA  . MET A 1 55  ? 5.450   -4.248  3.696   1.00 10.05 ? 51  MET A CA  1 
ATOM   427  C  C   . MET A 1 55  ? 6.748   -4.588  4.419   1.00 9.27  ? 51  MET A C   1 
ATOM   428  O  O   . MET A 1 55  ? 6.738   -5.106  5.533   1.00 9.17  ? 51  MET A O   1 
ATOM   429  C  CB  . MET A 1 55  ? 5.212   -5.281  2.595   1.00 11.04 ? 51  MET A CB  1 
ATOM   430  C  CG  . MET A 1 55  ? 5.234   -6.721  3.096   1.00 11.77 ? 51  MET A CG  1 
ATOM   431  S  SD  . MET A 1 55  ? 3.865   -7.075  4.221   1.00 12.88 ? 51  MET A SD  1 
ATOM   432  C  CE  . MET A 1 55  ? 2.541   -7.336  3.028   1.00 11.17 ? 51  MET A CE  1 
ATOM   433  N  N   . SER A 1 56  ? 7.871   -4.295  3.772   1.00 9.12  ? 52  SER A N   1 
ATOM   434  C  CA  . SER A 1 56  ? 9.175   -4.575  4.357   1.00 10.48 ? 52  SER A CA  1 
ATOM   435  C  C   . SER A 1 56  ? 9.368   -3.817  5.666   1.00 10.08 ? 52  SER A C   1 
ATOM   436  O  O   . SER A 1 56  ? 9.719   -4.408  6.685   1.00 11.14 ? 52  SER A O   1 
ATOM   437  C  CB  . SER A 1 56  ? 10.286  -4.180  3.380   1.00 11.95 ? 52  SER A CB  1 
ATOM   438  O  OG  . SER A 1 56  ? 11.535  -4.097  4.048   1.00 19.57 ? 52  SER A OG  1 
ATOM   439  N  N   . GLY A 1 57  ? 9.128   -2.510  5.631   1.00 9.51  ? 53  GLY A N   1 
ATOM   440  C  CA  . GLY A 1 57  ? 9.307   -1.687  6.815   1.00 11.52 ? 53  GLY A CA  1 
ATOM   441  C  C   . GLY A 1 57  ? 8.346   -1.985  7.948   1.00 11.85 ? 53  GLY A C   1 
ATOM   442  O  O   . GLY A 1 57  ? 8.756   -2.108  9.103   1.00 10.30 ? 53  GLY A O   1 
ATOM   443  N  N   . LEU A 1 58  ? 7.065   -2.103  7.619   1.00 11.67 ? 54  LEU A N   1 
ATOM   444  C  CA  . LEU A 1 58  ? 6.056   -2.378  8.629   1.00 10.48 ? 54  LEU A CA  1 
ATOM   445  C  C   . LEU A 1 58  ? 6.275   -3.739  9.283   1.00 11.17 ? 54  LEU A C   1 
ATOM   446  O  O   . LEU A 1 58  ? 6.231   -3.857  10.505  1.00 10.54 ? 54  LEU A O   1 
ATOM   447  C  CB  . LEU A 1 58  ? 4.659   -2.332  8.012   1.00 9.87  ? 54  LEU A CB  1 
ATOM   448  C  CG  . LEU A 1 58  ? 3.503   -2.454  9.008   1.00 10.55 ? 54  LEU A CG  1 
ATOM   449  C  CD1 . LEU A 1 58  ? 3.495   -1.232  9.916   1.00 12.27 ? 54  LEU A CD1 1 
ATOM   450  C  CD2 . LEU A 1 58  ? 2.188   -2.552  8.261   1.00 10.61 ? 54  LEU A CD2 1 
ATOM   451  N  N   . SER A 1 59  ? 6.519   -4.767  8.475   1.00 10.60 ? 55  SER A N   1 
ATOM   452  C  CA  . SER A 1 59  ? 6.713   -6.098  9.036   1.00 10.94 ? 55  SER A CA  1 
ATOM   453  C  C   . SER A 1 59  ? 7.872   -6.129  10.027  1.00 10.97 ? 55  SER A C   1 
ATOM   454  O  O   . SER A 1 59  ? 7.766   -6.724  11.096  1.00 10.35 ? 55  SER A O   1 
ATOM   455  C  CB  . SER A 1 59  ? 6.931   -7.134  7.925   1.00 11.99 ? 55  SER A CB  1 
ATOM   456  O  OG  . SER A 1 59  ? 8.139   -6.918  7.218   1.00 10.47 ? 55  SER A OG  1 
ATOM   457  N  N   . ARG A 1 60  ? 8.976   -5.479  9.682   1.00 11.63 ? 56  ARG A N   1 
ATOM   458  C  CA  . ARG A 1 60  ? 10.126  -5.461  10.575  1.00 13.23 ? 56  ARG A CA  1 
ATOM   459  C  C   . ARG A 1 60  ? 9.889   -4.617  11.827  1.00 14.44 ? 56  ARG A C   1 
ATOM   460  O  O   . ARG A 1 60  ? 10.673  -4.676  12.776  1.00 14.95 ? 56  ARG A O   1 
ATOM   461  C  CB  . ARG A 1 60  ? 11.369  -4.995  9.816   1.00 13.55 ? 56  ARG A CB  1 
ATOM   462  C  CG  . ARG A 1 60  ? 11.914  -6.083  8.888   1.00 14.37 ? 56  ARG A CG  1 
ATOM   463  C  CD  . ARG A 1 60  ? 13.118  -5.626  8.091   1.00 18.24 ? 56  ARG A CD  1 
ATOM   464  N  NE  . ARG A 1 60  ? 12.746  -4.646  7.077   1.00 18.52 ? 56  ARG A NE  1 
ATOM   465  C  CZ  . ARG A 1 60  ? 13.274  -3.433  6.988   1.00 20.94 ? 56  ARG A CZ  1 
ATOM   466  N  NH1 . ARG A 1 60  ? 14.202  -3.048  7.856   1.00 22.75 ? 56  ARG A NH1 1 
ATOM   467  N  NH2 . ARG A 1 60  ? 12.863  -2.600  6.041   1.00 20.90 ? 56  ARG A NH2 1 
ATOM   468  N  N   . ALA A 1 61  ? 8.801   -3.847  11.834  1.00 13.21 ? 57  ALA A N   1 
ATOM   469  C  CA  . ALA A 1 61  ? 8.455   -3.014  12.984  1.00 13.37 ? 57  ALA A CA  1 
ATOM   470  C  C   . ALA A 1 61  ? 7.397   -3.708  13.854  1.00 12.74 ? 57  ALA A C   1 
ATOM   471  O  O   . ALA A 1 61  ? 6.942   -3.155  14.856  1.00 13.08 ? 57  ALA A O   1 
ATOM   472  C  CB  . ALA A 1 61  ? 7.941   -1.655  12.513  1.00 13.95 ? 57  ALA A CB  1 
ATOM   473  N  N   . ILE A 1 62  ? 7.002   -4.915  13.461  1.00 9.42  ? 58  ILE A N   1 
ATOM   474  C  CA  . ILE A 1 62  ? 6.017   -5.678  14.221  1.00 9.57  ? 58  ILE A CA  1 
ATOM   475  C  C   . ILE A 1 62  ? 6.731   -6.834  14.915  1.00 11.79 ? 58  ILE A C   1 
ATOM   476  O  O   . ILE A 1 62  ? 7.255   -7.740  14.261  1.00 11.46 ? 58  ILE A O   1 
ATOM   477  C  CB  . ILE A 1 62  ? 4.914   -6.241  13.304  1.00 9.39  ? 58  ILE A CB  1 
ATOM   478  C  CG1 . ILE A 1 62  ? 4.144   -5.093  12.653  1.00 9.91  ? 58  ILE A CG1 1 
ATOM   479  C  CG2 . ILE A 1 62  ? 3.958   -7.108  14.125  1.00 9.27  ? 58  ILE A CG2 1 
ATOM   480  C  CD1 . ILE A 1 62  ? 3.225   -5.536  11.532  1.00 10.58 ? 58  ILE A CD1 1 
ATOM   481  N  N   . ASP A 1 63  ? 6.754   -6.794  16.243  1.00 12.13 ? 59  ASP A N   1 
ATOM   482  C  CA  . ASP A 1 63  ? 7.428   -7.817  17.033  1.00 11.95 ? 59  ASP A CA  1 
ATOM   483  C  C   . ASP A 1 63  ? 6.511   -8.996  17.353  1.00 12.75 ? 59  ASP A C   1 
ATOM   484  O  O   . ASP A 1 63  ? 6.236   -9.301  18.519  1.00 12.96 ? 59  ASP A O   1 
ATOM   485  C  CB  . ASP A 1 63  ? 7.972   -7.179  18.314  1.00 13.29 ? 59  ASP A CB  1 
ATOM   486  C  CG  . ASP A 1 63  ? 8.911   -8.091  19.070  1.00 14.76 ? 59  ASP A CG  1 
ATOM   487  O  OD1 . ASP A 1 63  ? 9.475   -9.022  18.450  1.00 13.26 ? 59  ASP A OD1 1 
ATOM   488  O  OD2 . ASP A 1 63  ? 9.100   -7.860  20.284  1.00 15.35 ? 59  ASP A OD2 1 
ATOM   489  N  N   . LEU A 1 64  ? 6.046   -9.659  16.299  1.00 12.55 ? 60  LEU A N   1 
ATOM   490  C  CA  . LEU A 1 64  ? 5.151   -10.807 16.415  1.00 11.14 ? 60  LEU A CA  1 
ATOM   491  C  C   . LEU A 1 64  ? 5.528   -11.851 15.369  1.00 13.18 ? 60  LEU A C   1 
ATOM   492  O  O   . LEU A 1 64  ? 6.119   -11.517 14.346  1.00 12.82 ? 60  LEU A O   1 
ATOM   493  C  CB  . LEU A 1 64  ? 3.708   -10.377 16.168  1.00 10.97 ? 60  LEU A CB  1 
ATOM   494  C  CG  . LEU A 1 64  ? 3.063   -9.355  17.104  1.00 9.97  ? 60  LEU A CG  1 
ATOM   495  C  CD1 . LEU A 1 64  ? 1.699   -8.967  16.555  1.00 10.71 ? 60  LEU A CD1 1 
ATOM   496  C  CD2 . LEU A 1 64  ? 2.939   -9.943  18.507  1.00 12.02 ? 60  LEU A CD2 1 
ATOM   497  N  N   . PRO A 1 65  ? 5.176   -13.127 15.611  1.00 12.55 ? 61  PRO A N   1 
ATOM   498  C  CA  . PRO A 1 65  ? 5.463   -14.248 14.703  1.00 13.79 ? 61  PRO A CA  1 
ATOM   499  C  C   . PRO A 1 65  ? 4.521   -14.302 13.501  1.00 14.54 ? 61  PRO A C   1 
ATOM   500  O  O   . PRO A 1 65  ? 3.850   -15.308 13.270  1.00 17.59 ? 61  PRO A O   1 
ATOM   501  C  CB  . PRO A 1 65  ? 5.304   -15.463 15.610  1.00 13.81 ? 61  PRO A CB  1 
ATOM   502  C  CG  . PRO A 1 65  ? 4.212   -15.040 16.530  1.00 13.50 ? 61  PRO A CG  1 
ATOM   503  C  CD  . PRO A 1 65  ? 4.609   -13.618 16.882  1.00 13.78 ? 61  PRO A CD  1 
ATOM   504  N  N   . LEU A 1 66  ? 4.507   -13.225 12.726  1.00 12.64 ? 62  LEU A N   1 
ATOM   505  C  CA  . LEU A 1 66  ? 3.632   -13.096 11.559  1.00 10.86 ? 62  LEU A CA  1 
ATOM   506  C  C   . LEU A 1 66  ? 4.128   -13.776 10.286  1.00 9.90  ? 62  LEU A C   1 
ATOM   507  O  O   . LEU A 1 66  ? 5.280   -14.189 10.186  1.00 8.93  ? 62  LEU A O   1 
ATOM   508  C  CB  . LEU A 1 66  ? 3.420   -11.602 11.278  1.00 10.21 ? 62  LEU A CB  1 
ATOM   509  C  CG  . LEU A 1 66  ? 4.684   -10.826 10.879  1.00 11.03 ? 62  LEU A CG  1 
ATOM   510  C  CD1 . LEU A 1 66  ? 4.907   -10.933 9.370   1.00 10.94 ? 62  LEU A CD1 1 
ATOM   511  C  CD2 . LEU A 1 66  ? 4.544   -9.359  11.268  1.00 12.07 ? 62  LEU A CD2 1 
ATOM   512  N  N   . SER A 1 67  ? 3.226   -13.899 9.314   1.00 9.80  ? 63  SER A N   1 
ATOM   513  C  CA  . SER A 1 67  ? 3.562   -14.459 8.015   1.00 10.63 ? 63  SER A CA  1 
ATOM   514  C  C   . SER A 1 67  ? 3.237   -13.368 7.006   1.00 11.05 ? 63  SER A C   1 
ATOM   515  O  O   . SER A 1 67  ? 2.419   -12.486 7.273   1.00 11.54 ? 63  SER A O   1 
ATOM   516  C  CB  . SER A 1 67  ? 2.732   -15.708 7.715   1.00 11.61 ? 63  SER A CB  1 
ATOM   517  O  OG  . SER A 1 67  ? 3.158   -16.800 8.513   1.00 13.06 ? 63  SER A OG  1 
ATOM   518  N  N   . ILE A 1 68  ? 3.885   -13.428 5.850   1.00 9.27  ? 64  ILE A N   1 
ATOM   519  C  CA  . ILE A 1 68  ? 3.678   -12.435 4.803   1.00 9.91  ? 64  ILE A CA  1 
ATOM   520  C  C   . ILE A 1 68  ? 3.299   -13.108 3.496   1.00 8.83  ? 64  ILE A C   1 
ATOM   521  O  O   . ILE A 1 68  ? 3.794   -14.190 3.182   1.00 9.45  ? 64  ILE A O   1 
ATOM   522  C  CB  . ILE A 1 68  ? 4.973   -11.630 4.542   1.00 11.69 ? 64  ILE A CB  1 
ATOM   523  C  CG1 . ILE A 1 68  ? 5.367   -10.843 5.791   1.00 12.65 ? 64  ILE A CG1 1 
ATOM   524  C  CG2 . ILE A 1 68  ? 4.784   -10.696 3.346   1.00 14.28 ? 64  ILE A CG2 1 
ATOM   525  C  CD1 . ILE A 1 68  ? 6.747   -10.206 5.695   1.00 13.63 ? 64  ILE A CD1 1 
ATOM   526  N  N   . ASP A 1 69  ? 2.409   -12.477 2.741   1.00 9.52  ? 65  ASP A N   1 
ATOM   527  C  CA  . ASP A 1 69  ? 2.046   -13.008 1.440   1.00 10.07 ? 65  ASP A CA  1 
ATOM   528  C  C   . ASP A 1 69  ? 1.653   -11.881 0.508   1.00 10.60 ? 65  ASP A C   1 
ATOM   529  O  O   . ASP A 1 69  ? 1.495   -10.732 0.936   1.00 10.70 ? 65  ASP A O   1 
ATOM   530  C  CB  . ASP A 1 69  ? 0.920   -14.041 1.519   1.00 12.07 ? 65  ASP A CB  1 
ATOM   531  C  CG  . ASP A 1 69  ? 1.110   -15.154 0.507   1.00 13.64 ? 65  ASP A CG  1 
ATOM   532  O  OD1 . ASP A 1 69  ? 1.695   -14.872 -0.558  1.00 15.51 ? 65  ASP A OD1 1 
ATOM   533  O  OD2 . ASP A 1 69  ? 0.692   -16.305 0.761   1.00 19.30 ? 65  ASP A OD2 1 
ATOM   534  N  N   . PHE A 1 70  ? 1.490   -12.205 -0.768  1.00 9.22  ? 66  PHE A N   1 
ATOM   535  C  CA  . PHE A 1 70  ? 1.161   -11.179 -1.744  1.00 9.22  ? 66  PHE A CA  1 
ATOM   536  C  C   . PHE A 1 70  ? 0.133   -11.579 -2.778  1.00 9.49  ? 66  PHE A C   1 
ATOM   537  O  O   . PHE A 1 70  ? -0.115  -12.758 -3.023  1.00 10.17 ? 66  PHE A O   1 
ATOM   538  C  CB  . PHE A 1 70  ? 2.412   -10.753 -2.519  1.00 10.44 ? 66  PHE A CB  1 
ATOM   539  C  CG  . PHE A 1 70  ? 3.497   -10.167 -1.667  1.00 10.23 ? 66  PHE A CG  1 
ATOM   540  C  CD1 . PHE A 1 70  ? 4.525   -10.968 -1.182  1.00 11.40 ? 66  PHE A CD1 1 
ATOM   541  C  CD2 . PHE A 1 70  ? 3.502   -8.806  -1.369  1.00 11.21 ? 66  PHE A CD2 1 
ATOM   542  C  CE1 . PHE A 1 70  ? 5.549   -10.418 -0.411  1.00 11.95 ? 66  PHE A CE1 1 
ATOM   543  C  CE2 . PHE A 1 70  ? 4.525   -8.250  -0.596  1.00 12.11 ? 66  PHE A CE2 1 
ATOM   544  C  CZ  . PHE A 1 70  ? 5.549   -9.059  -0.120  1.00 12.19 ? 66  PHE A CZ  1 
ATOM   545  N  N   . LEU A 1 71  ? -0.431  -10.551 -3.398  1.00 11.19 ? 67  LEU A N   1 
ATOM   546  C  CA  . LEU A 1 71  ? -1.383  -10.695 -4.486  1.00 12.21 ? 67  LEU A CA  1 
ATOM   547  C  C   . LEU A 1 71  ? -0.799  -9.846  -5.607  1.00 11.86 ? 67  LEU A C   1 
ATOM   548  O  O   . LEU A 1 71  ? -0.223  -8.786  -5.357  1.00 12.99 ? 67  LEU A O   1 
ATOM   549  C  CB  . LEU A 1 71  ? -2.752  -10.120 -4.113  1.00 13.54 ? 67  LEU A CB  1 
ATOM   550  C  CG  . LEU A 1 71  ? -3.591  -10.834 -3.056  1.00 14.71 ? 67  LEU A CG  1 
ATOM   551  C  CD1 . LEU A 1 71  ? -4.798  -9.974  -2.701  1.00 17.23 ? 67  LEU A CD1 1 
ATOM   552  C  CD2 . LEU A 1 71  ? -4.038  -12.177 -3.595  1.00 16.90 ? 67  LEU A CD2 1 
ATOM   553  N  N   . ALA A 1 72  ? -0.919  -10.328 -6.835  1.00 12.54 ? 68  ALA A N   1 
ATOM   554  C  CA  . ALA A 1 72  ? -0.481  -9.581  -8.000  1.00 12.82 ? 68  ALA A CA  1 
ATOM   555  C  C   . ALA A 1 72  ? -1.751  -9.566  -8.836  1.00 12.98 ? 68  ALA A C   1 
ATOM   556  O  O   . ALA A 1 72  ? -2.347  -10.613 -9.070  1.00 12.92 ? 68  ALA A O   1 
ATOM   557  C  CB  . ALA A 1 72  ? 0.631   -10.313 -8.729  1.00 14.90 ? 68  ALA A CB  1 
ATOM   558  N  N   . VAL A 1 73  ? -2.179  -8.384  -9.259  1.00 13.46 ? 69  VAL A N   1 
ATOM   559  C  CA  . VAL A 1 73  ? -3.402  -8.284  -10.042 1.00 15.38 ? 69  VAL A CA  1 
ATOM   560  C  C   . VAL A 1 73  ? -3.229  -7.467  -11.311 1.00 17.92 ? 69  VAL A C   1 
ATOM   561  O  O   . VAL A 1 73  ? -2.194  -6.825  -11.516 1.00 17.69 ? 69  VAL A O   1 
ATOM   562  C  CB  . VAL A 1 73  ? -4.537  -7.665  -9.204  1.00 15.85 ? 69  VAL A CB  1 
ATOM   563  C  CG1 . VAL A 1 73  ? -4.821  -8.525  -7.975  1.00 16.10 ? 69  VAL A CG1 1 
ATOM   564  C  CG2 . VAL A 1 73  ? -4.158  -6.252  -8.785  1.00 17.87 ? 69  VAL A CG2 1 
ATOM   565  N  N   . SER A 1 74  ? -4.253  -7.504  -12.157 1.00 19.10 ? 70  SER A N   1 
ATOM   566  C  CA  . SER A 1 74  ? -4.249  -6.780  -13.421 1.00 21.90 ? 70  SER A CA  1 
ATOM   567  C  C   . SER A 1 74  ? -5.662  -6.303  -13.742 1.00 22.55 ? 70  SER A C   1 
ATOM   568  O  O   . SER A 1 74  ? -6.639  -6.806  -13.187 1.00 21.28 ? 70  SER A O   1 
ATOM   569  C  CB  . SER A 1 74  ? -3.723  -7.681  -14.542 1.00 21.90 ? 70  SER A CB  1 
ATOM   570  O  OG  . SER A 1 74  ? -3.619  -6.968  -15.764 1.00 27.48 ? 70  SER A OG  1 
ATOM   571  N  N   . SER A 1 75  ? -5.768  -5.339  -14.648 1.00 25.20 ? 71  SER A N   1 
ATOM   572  C  CA  . SER A 1 75  ? -7.061  -4.787  -15.026 1.00 27.27 ? 71  SER A CA  1 
ATOM   573  C  C   . SER A 1 75  ? -7.728  -5.545  -16.170 1.00 27.25 ? 71  SER A C   1 
ATOM   574  O  O   . SER A 1 75  ? -7.053  -6.118  -17.023 1.00 26.63 ? 71  SER A O   1 
ATOM   575  C  CB  . SER A 1 75  ? -6.895  -3.321  -15.428 1.00 29.21 ? 71  SER A CB  1 
ATOM   576  O  OG  . SER A 1 75  ? -8.126  -2.772  -15.858 1.00 33.54 ? 71  SER A OG  1 
ATOM   577  N  N   . TYR A 1 76  ? -9.060  -5.554  -16.173 1.00 27.55 ? 72  TYR A N   1 
ATOM   578  C  CA  . TYR A 1 76  ? -9.816  -6.217  -17.232 1.00 29.46 ? 72  TYR A CA  1 
ATOM   579  C  C   . TYR A 1 76  ? -10.111 -5.226  -18.348 1.00 33.39 ? 72  TYR A C   1 
ATOM   580  O  O   . TYR A 1 76  ? -10.621 -5.597  -19.405 1.00 34.31 ? 72  TYR A O   1 
ATOM   581  C  CB  . TYR A 1 76  ? -11.133 -6.787  -16.691 1.00 25.35 ? 72  TYR A CB  1 
ATOM   582  C  CG  . TYR A 1 76  ? -10.997 -8.185  -16.127 1.00 19.95 ? 72  TYR A CG  1 
ATOM   583  C  CD1 . TYR A 1 76  ? -11.091 -8.422  -14.757 1.00 18.88 ? 72  TYR A CD1 1 
ATOM   584  C  CD2 . TYR A 1 76  ? -10.737 -9.270  -16.967 1.00 19.29 ? 72  TYR A CD2 1 
ATOM   585  C  CE1 . TYR A 1 76  ? -10.926 -9.702  -14.235 1.00 17.10 ? 72  TYR A CE1 1 
ATOM   586  C  CE2 . TYR A 1 76  ? -10.569 -10.556 -16.456 1.00 16.60 ? 72  TYR A CE2 1 
ATOM   587  C  CZ  . TYR A 1 76  ? -10.663 -10.764 -15.089 1.00 17.15 ? 72  TYR A CZ  1 
ATOM   588  O  OH  . TYR A 1 76  ? -10.486 -12.031 -14.573 1.00 13.79 ? 72  TYR A OH  1 
ATOM   589  N  N   . GLY A 1 77  ? -9.780  -3.962  -18.109 1.00 37.10 ? 73  GLY A N   1 
ATOM   590  C  CA  . GLY A 1 77  ? -10.017 -2.932  -19.106 1.00 41.66 ? 73  GLY A CA  1 
ATOM   591  C  C   . GLY A 1 77  ? -10.885 -1.815  -18.562 1.00 44.65 ? 73  GLY A C   1 
ATOM   592  O  O   . GLY A 1 77  ? -10.717 -1.390  -17.420 1.00 45.07 ? 73  GLY A O   1 
ATOM   593  N  N   . SER A 1 78  ? -11.817 -1.338  -19.382 1.00 47.42 ? 74  SER A N   1 
ATOM   594  C  CA  . SER A 1 78  ? -12.721 -0.269  -18.975 1.00 49.72 ? 74  SER A CA  1 
ATOM   595  C  C   . SER A 1 78  ? -13.772 -0.827  -18.023 1.00 51.02 ? 74  SER A C   1 
ATOM   596  O  O   . SER A 1 78  ? -14.975 -0.658  -18.231 1.00 51.72 ? 74  SER A O   1 
ATOM   597  C  CB  . SER A 1 78  ? -13.397 0.344   -20.204 1.00 49.87 ? 74  SER A CB  1 
ATOM   598  O  OG  . SER A 1 78  ? -14.270 1.395   -19.832 1.00 50.67 ? 74  SER A OG  1 
ATOM   599  N  N   . SER A 1 79  ? -13.301 -1.492  -16.973 1.00 52.17 ? 75  SER A N   1 
ATOM   600  C  CA  . SER A 1 79  ? -14.183 -2.101  -15.985 1.00 52.89 ? 75  SER A CA  1 
ATOM   601  C  C   . SER A 1 79  ? -13.598 -1.944  -14.585 1.00 53.08 ? 75  SER A C   1 
ATOM   602  O  O   . SER A 1 79  ? -14.320 -1.717  -13.615 1.00 53.59 ? 75  SER A O   1 
ATOM   603  C  CB  . SER A 1 79  ? -14.369 -3.584  -16.298 1.00 53.77 ? 75  SER A CB  1 
ATOM   604  O  OG  . SER A 1 79  ? -14.288 -3.812  -17.695 1.00 54.78 ? 75  SER A OG  1 
ATOM   605  N  N   . THR A 1 80  ? -12.283 -2.092  -14.495 1.00 52.38 ? 76  THR A N   1 
ATOM   606  C  CA  . THR A 1 80  ? -11.586 -1.973  -13.226 1.00 51.31 ? 76  THR A CA  1 
ATOM   607  C  C   . THR A 1 80  ? -11.637 -0.528  -12.748 1.00 50.84 ? 76  THR A C   1 
ATOM   608  O  O   . THR A 1 80  ? -11.555 -0.257  -11.549 1.00 49.79 ? 76  THR A O   1 
ATOM   609  C  CB  . THR A 1 80  ? -10.110 -2.389  -13.362 1.00 51.39 ? 76  THR A CB  1 
ATOM   610  O  OG1 . THR A 1 80  ? -10.031 -3.724  -13.876 1.00 50.80 ? 76  THR A OG1 1 
ATOM   611  C  CG2 . THR A 1 80  ? -9.412  -2.326  -12.016 1.00 51.02 ? 76  THR A CG2 1 
ATOM   612  N  N   . LYS A 1 81  ? -11.788 0.394   -13.695 1.00 50.15 ? 77  LYS A N   1 
ATOM   613  C  CA  . LYS A 1 81  ? -11.832 1.818   -13.385 1.00 49.29 ? 77  LYS A CA  1 
ATOM   614  C  C   . LYS A 1 81  ? -13.068 2.260   -12.606 1.00 47.57 ? 77  LYS A C   1 
ATOM   615  O  O   . LYS A 1 81  ? -12.961 3.091   -11.704 1.00 48.12 ? 77  LYS A O   1 
ATOM   616  C  CB  . LYS A 1 81  ? -11.694 2.637   -14.674 1.00 50.77 ? 77  LYS A CB  1 
ATOM   617  C  CG  . LYS A 1 81  ? -12.674 2.257   -15.785 1.00 52.10 ? 77  LYS A CG  1 
ATOM   618  C  CD  . LYS A 1 81  ? -13.924 3.129   -15.766 1.00 53.37 ? 77  LYS A CD  1 
ATOM   619  C  CE  . LYS A 1 81  ? -14.719 2.978   -17.065 1.00 54.10 ? 77  LYS A CE  1 
ATOM   620  N  NZ  . LYS A 1 81  ? -15.917 3.867   -17.112 1.00 54.80 ? 77  LYS A NZ  1 
ATOM   621  N  N   . SER A 1 82  ? -14.230 1.705   -12.935 1.00 45.39 ? 78  SER A N   1 
ATOM   622  C  CA  . SER A 1 82  ? -15.459 2.091   -12.251 1.00 43.41 ? 78  SER A CA  1 
ATOM   623  C  C   . SER A 1 82  ? -15.958 1.080   -11.214 1.00 41.17 ? 78  SER A C   1 
ATOM   624  O  O   . SER A 1 82  ? -16.770 1.423   -10.347 1.00 40.76 ? 78  SER A O   1 
ATOM   625  C  CB  . SER A 1 82  ? -16.556 2.343   -13.286 1.00 44.05 ? 78  SER A CB  1 
ATOM   626  O  OG  . SER A 1 82  ? -16.872 1.152   -13.985 1.00 44.81 ? 78  SER A OG  1 
ATOM   627  N  N   . SER A 1 83  ? -15.482 -0.158  -11.293 1.00 37.73 ? 79  SER A N   1 
ATOM   628  C  CA  . SER A 1 83  ? -15.931 -1.179  -10.359 1.00 35.20 ? 79  SER A CA  1 
ATOM   629  C  C   . SER A 1 83  ? -14.844 -1.668  -9.414  1.00 31.12 ? 79  SER A C   1 
ATOM   630  O  O   . SER A 1 83  ? -15.145 -2.183  -8.334  1.00 31.16 ? 79  SER A O   1 
ATOM   631  C  CB  . SER A 1 83  ? -16.511 -2.371  -11.129 1.00 36.34 ? 79  SER A CB  1 
ATOM   632  O  OG  . SER A 1 83  ? -15.534 -2.963  -11.968 1.00 40.04 ? 79  SER A OG  1 
ATOM   633  N  N   . GLY A 1 84  ? -13.588 -1.510  -9.817  1.00 26.69 ? 80  GLY A N   1 
ATOM   634  C  CA  . GLY A 1 84  ? -12.486 -1.956  -8.982  1.00 22.31 ? 80  GLY A CA  1 
ATOM   635  C  C   . GLY A 1 84  ? -12.217 -3.440  -9.152  1.00 20.32 ? 80  GLY A C   1 
ATOM   636  O  O   . GLY A 1 84  ? -11.404 -4.029  -8.433  1.00 18.87 ? 80  GLY A O   1 
ATOM   637  N  N   . ILE A 1 85  ? -12.912 -4.052  -10.106 1.00 17.46 ? 81  ILE A N   1 
ATOM   638  C  CA  . ILE A 1 85  ? -12.752 -5.475  -10.380 1.00 15.38 ? 81  ILE A CA  1 
ATOM   639  C  C   . ILE A 1 85  ? -11.392 -5.723  -11.011 1.00 15.26 ? 81  ILE A C   1 
ATOM   640  O  O   . ILE A 1 85  ? -10.989 -5.014  -11.930 1.00 16.36 ? 81  ILE A O   1 
ATOM   641  C  CB  . ILE A 1 85  ? -13.844 -5.973  -11.356 1.00 16.33 ? 81  ILE A CB  1 
ATOM   642  C  CG1 . ILE A 1 85  ? -15.222 -5.806  -10.716 1.00 14.79 ? 81  ILE A CG1 1 
ATOM   643  C  CG2 . ILE A 1 85  ? -13.593 -7.432  -11.730 1.00 14.89 ? 81  ILE A CG2 1 
ATOM   644  C  CD1 . ILE A 1 85  ? -16.376 -6.021  -11.686 1.00 17.16 ? 81  ILE A CD1 1 
ATOM   645  N  N   . VAL A 1 86  ? -10.675 -6.729  -10.523 1.00 15.33 ? 82  VAL A N   1 
ATOM   646  C  CA  . VAL A 1 86  ? -9.368  -7.032  -11.087 1.00 14.45 ? 82  VAL A CA  1 
ATOM   647  C  C   . VAL A 1 86  ? -9.171  -8.520  -11.314 1.00 13.54 ? 82  VAL A C   1 
ATOM   648  O  O   . VAL A 1 86  ? -9.874  -9.349  -10.737 1.00 14.43 ? 82  VAL A O   1 
ATOM   649  C  CB  . VAL A 1 86  ? -8.219  -6.518  -10.184 1.00 15.62 ? 82  VAL A CB  1 
ATOM   650  C  CG1 . VAL A 1 86  ? -8.221  -4.998  -10.158 1.00 15.40 ? 82  VAL A CG1 1 
ATOM   651  C  CG2 . VAL A 1 86  ? -8.360  -7.091  -8.780  1.00 16.98 ? 82  VAL A CG2 1 
ATOM   652  N  N   . LYS A 1 87  ? -8.210  -8.833  -12.175 1.00 13.48 ? 83  LYS A N   1 
ATOM   653  C  CA  . LYS A 1 87  ? -7.857  -10.204 -12.508 1.00 12.96 ? 83  LYS A CA  1 
ATOM   654  C  C   . LYS A 1 87  ? -6.712  -10.606 -11.582 1.00 13.37 ? 83  LYS A C   1 
ATOM   655  O  O   . LYS A 1 87  ? -5.842  -9.790  -11.268 1.00 13.34 ? 83  LYS A O   1 
ATOM   656  C  CB  . LYS A 1 87  ? -7.409  -10.280 -13.971 1.00 15.03 ? 83  LYS A CB  1 
ATOM   657  C  CG  . LYS A 1 87  ? -6.867  -11.629 -14.409 1.00 16.84 ? 83  LYS A CG  1 
ATOM   658  C  CD  . LYS A 1 87  ? -6.725  -11.699 -15.929 1.00 20.72 ? 83  LYS A CD  1 
ATOM   659  C  CE  . LYS A 1 87  ? -5.818  -10.609 -16.471 1.00 22.60 ? 83  LYS A CE  1 
ATOM   660  N  NZ  . LYS A 1 87  ? -5.764  -10.628 -17.966 1.00 21.49 ? 83  LYS A NZ  1 
ATOM   661  N  N   . ILE A 1 88  ? -6.719  -11.856 -11.136 1.00 11.68 ? 84  ILE A N   1 
ATOM   662  C  CA  . ILE A 1 88  ? -5.671  -12.346 -10.249 1.00 13.15 ? 84  ILE A CA  1 
ATOM   663  C  C   . ILE A 1 88  ? -4.544  -12.987 -11.055 1.00 13.57 ? 84  ILE A C   1 
ATOM   664  O  O   . ILE A 1 88  ? -4.757  -13.981 -11.748 1.00 13.34 ? 84  ILE A O   1 
ATOM   665  C  CB  . ILE A 1 88  ? -6.231  -13.396 -9.258  1.00 12.51 ? 84  ILE A CB  1 
ATOM   666  C  CG1 . ILE A 1 88  ? -7.434  -12.817 -8.504  1.00 14.75 ? 84  ILE A CG1 1 
ATOM   667  C  CG2 . ILE A 1 88  ? -5.137  -13.847 -8.298  1.00 12.12 ? 84  ILE A CG2 1 
ATOM   668  C  CD1 . ILE A 1 88  ? -7.153  -11.516 -7.768  1.00 17.93 ? 84  ILE A CD1 1 
ATOM   669  N  N   . ILE A 1 89  ? -3.347  -12.411 -10.970 1.00 11.73 ? 85  ILE A N   1 
ATOM   670  C  CA  . ILE A 1 89  ? -2.189  -12.938 -11.687 1.00 14.41 ? 85  ILE A CA  1 
ATOM   671  C  C   . ILE A 1 89  ? -1.383  -13.824 -10.740 1.00 15.50 ? 85  ILE A C   1 
ATOM   672  O  O   . ILE A 1 89  ? -0.789  -14.818 -11.152 1.00 17.90 ? 85  ILE A O   1 
ATOM   673  C  CB  . ILE A 1 89  ? -1.300  -11.798 -12.211 1.00 15.08 ? 85  ILE A CB  1 
ATOM   674  C  CG1 . ILE A 1 89  ? -2.122  -10.875 -13.115 1.00 17.68 ? 85  ILE A CG1 1 
ATOM   675  C  CG2 . ILE A 1 89  ? -0.116  -12.371 -12.971 1.00 17.81 ? 85  ILE A CG2 1 
ATOM   676  C  CD1 . ILE A 1 89  ? -2.732  -11.576 -14.318 1.00 16.98 ? 85  ILE A CD1 1 
ATOM   677  N  N   . LYS A 1 90  ? -1.356  -13.434 -9.471  1.00 12.93 ? 86  LYS A N   1 
ATOM   678  C  CA  . LYS A 1 90  ? -0.680  -14.202 -8.433  1.00 12.75 ? 86  LYS A CA  1 
ATOM   679  C  C   . LYS A 1 90  ? -1.572  -14.126 -7.204  1.00 10.56 ? 86  LYS A C   1 
ATOM   680  O  O   . LYS A 1 90  ? -1.801  -13.046 -6.656  1.00 11.61 ? 86  LYS A O   1 
ATOM   681  C  CB  . LYS A 1 90  ? 0.701   -13.621 -8.100  1.00 14.52 ? 86  LYS A CB  1 
ATOM   682  C  CG  . LYS A 1 90  ? 1.409   -14.355 -6.955  1.00 18.00 ? 86  LYS A CG  1 
ATOM   683  C  CD  . LYS A 1 90  ? 1.704   -15.805 -7.318  1.00 17.55 ? 86  LYS A CD  1 
ATOM   684  C  CE  . LYS A 1 90  ? 2.492   -16.530 -6.225  1.00 18.67 ? 86  LYS A CE  1 
ATOM   685  N  NZ  . LYS A 1 90  ? 1.702   -16.784 -4.987  1.00 19.68 ? 86  LYS A NZ  1 
ATOM   686  N  N   . ASP A 1 91  ? -2.087  -15.277 -6.788  1.00 10.14 ? 87  ASP A N   1 
ATOM   687  C  CA  . ASP A 1 91  ? -2.961  -15.359 -5.625  1.00 8.98  ? 87  ASP A CA  1 
ATOM   688  C  C   . ASP A 1 91  ? -2.080  -15.636 -4.411  1.00 9.57  ? 87  ASP A C   1 
ATOM   689  O  O   . ASP A 1 91  ? -0.925  -16.037 -4.559  1.00 10.52 ? 87  ASP A O   1 
ATOM   690  C  CB  . ASP A 1 91  ? -3.955  -16.507 -5.807  1.00 10.32 ? 87  ASP A CB  1 
ATOM   691  C  CG  . ASP A 1 91  ? -5.269  -16.260 -5.097  1.00 9.61  ? 87  ASP A CG  1 
ATOM   692  O  OD1 . ASP A 1 91  ? -5.297  -15.446 -4.149  1.00 11.04 ? 87  ASP A OD1 1 
ATOM   693  O  OD2 . ASP A 1 91  ? -6.275  -16.886 -5.487  1.00 12.20 ? 87  ASP A OD2 1 
ATOM   694  N  N   . HIS A 1 92  ? -2.604  -15.422 -3.211  1.00 9.54  ? 88  HIS A N   1 
ATOM   695  C  CA  . HIS A 1 92  ? -1.794  -15.703 -2.031  1.00 9.39  ? 88  HIS A CA  1 
ATOM   696  C  C   . HIS A 1 92  ? -1.750  -17.215 -1.813  1.00 11.85 ? 88  HIS A C   1 
ATOM   697  O  O   . HIS A 1 92  ? -2.715  -17.919 -2.107  1.00 11.13 ? 88  HIS A O   1 
ATOM   698  C  CB  . HIS A 1 92  ? -2.341  -14.976 -0.791  1.00 11.62 ? 88  HIS A CB  1 
ATOM   699  C  CG  . HIS A 1 92  ? -3.718  -15.392 -0.383  1.00 8.95  ? 88  HIS A CG  1 
ATOM   700  N  ND1 . HIS A 1 92  ? -4.855  -14.716 -0.782  1.00 11.61 ? 88  HIS A ND1 1 
ATOM   701  C  CD2 . HIS A 1 92  ? -4.143  -16.397 0.418   1.00 8.32  ? 88  HIS A CD2 1 
ATOM   702  C  CE1 . HIS A 1 92  ? -5.916  -15.290 -0.239  1.00 9.57  ? 88  HIS A CE1 1 
ATOM   703  N  NE2 . HIS A 1 92  ? -5.513  -16.311 0.492   1.00 14.08 ? 88  HIS A NE2 1 
ATOM   704  N  N   . ASP A 1 93  ? -0.622  -17.718 -1.321  1.00 11.12 ? 89  ASP A N   1 
ATOM   705  C  CA  . ASP A 1 93  ? -0.476  -19.154 -1.098  1.00 13.52 ? 89  ASP A CA  1 
ATOM   706  C  C   . ASP A 1 93  ? -0.886  -19.600 0.292   1.00 14.45 ? 89  ASP A C   1 
ATOM   707  O  O   . ASP A 1 93  ? -1.291  -20.747 0.489   1.00 14.56 ? 89  ASP A O   1 
ATOM   708  C  CB  . ASP A 1 93  ? 0.971   -19.586 -1.342  1.00 15.88 ? 89  ASP A CB  1 
ATOM   709  C  CG  . ASP A 1 93  ? 1.407   -19.366 -2.769  1.00 17.45 ? 89  ASP A CG  1 
ATOM   710  O  OD1 . ASP A 1 93  ? 0.764   -19.930 -3.681  1.00 20.69 ? 89  ASP A OD1 1 
ATOM   711  O  OD2 . ASP A 1 93  ? 2.388   -18.627 -2.978  1.00 16.64 ? 89  ASP A OD2 1 
ATOM   712  N  N   . ILE A 1 94  ? -0.771  -18.701 1.259   1.00 12.18 ? 90  ILE A N   1 
ATOM   713  C  CA  . ILE A 1 94  ? -1.134  -19.039 2.623   1.00 13.43 ? 90  ILE A CA  1 
ATOM   714  C  C   . ILE A 1 94  ? -2.644  -19.178 2.776   1.00 13.13 ? 90  ILE A C   1 
ATOM   715  O  O   . ILE A 1 94  ? -3.410  -18.361 2.271   1.00 13.32 ? 90  ILE A O   1 
ATOM   716  C  CB  . ILE A 1 94  ? -0.606  -17.974 3.618   1.00 12.99 ? 90  ILE A CB  1 
ATOM   717  C  CG1 . ILE A 1 94  ? 0.926   -17.976 3.607   1.00 16.26 ? 90  ILE A CG1 1 
ATOM   718  C  CG2 . ILE A 1 94  ? -1.136  -18.252 5.027   1.00 15.38 ? 90  ILE A CG2 1 
ATOM   719  C  CD1 . ILE A 1 94  ? 1.548   -16.886 4.448   1.00 15.31 ? 90  ILE A CD1 1 
ATOM   720  N  N   . ASP A 1 95  ? -3.059  -20.242 3.452   1.00 14.13 ? 91  ASP A N   1 
ATOM   721  C  CA  . ASP A 1 95  ? -4.473  -20.485 3.703   1.00 14.09 ? 91  ASP A CA  1 
ATOM   722  C  C   . ASP A 1 95  ? -4.843  -19.524 4.830   1.00 14.40 ? 91  ASP A C   1 
ATOM   723  O  O   . ASP A 1 95  ? -4.372  -19.672 5.956   1.00 14.45 ? 91  ASP A O   1 
ATOM   724  C  CB  . ASP A 1 95  ? -4.665  -21.938 4.145   1.00 16.42 ? 91  ASP A CB  1 
ATOM   725  C  CG  . ASP A 1 95  ? -6.102  -22.273 4.467   1.00 19.71 ? 91  ASP A CG  1 
ATOM   726  O  OD1 . ASP A 1 95  ? -6.353  -23.435 4.846   1.00 23.29 ? 91  ASP A OD1 1 
ATOM   727  O  OD2 . ASP A 1 95  ? -6.977  -21.392 4.348   1.00 18.02 ? 91  ASP A OD2 1 
ATOM   728  N  N   . ILE A 1 96  ? -5.676  -18.534 4.527   1.00 14.72 ? 92  ILE A N   1 
ATOM   729  C  CA  . ILE A 1 96  ? -6.047  -17.550 5.536   1.00 13.10 ? 92  ILE A CA  1 
ATOM   730  C  C   . ILE A 1 96  ? -7.299  -17.861 6.342   1.00 13.02 ? 92  ILE A C   1 
ATOM   731  O  O   . ILE A 1 96  ? -7.704  -17.059 7.174   1.00 11.97 ? 92  ILE A O   1 
ATOM   732  C  CB  . ILE A 1 96  ? -6.212  -16.147 4.915   1.00 12.23 ? 92  ILE A CB  1 
ATOM   733  C  CG1 . ILE A 1 96  ? -7.339  -16.158 3.882   1.00 11.97 ? 92  ILE A CG1 1 
ATOM   734  C  CG2 . ILE A 1 96  ? -4.907  -15.724 4.261   1.00 11.40 ? 92  ILE A CG2 1 
ATOM   735  C  CD1 . ILE A 1 96  ? -7.688  -14.783 3.333   1.00 15.38 ? 92  ILE A CD1 1 
ATOM   736  N  N   . GLU A 1 97  ? -7.917  -19.013 6.111   1.00 12.92 ? 93  GLU A N   1 
ATOM   737  C  CA  . GLU A 1 97  ? -9.115  -19.348 6.870   1.00 13.80 ? 93  GLU A CA  1 
ATOM   738  C  C   . GLU A 1 97  ? -8.800  -19.440 8.362   1.00 12.58 ? 93  GLU A C   1 
ATOM   739  O  O   . GLU A 1 97  ? -7.883  -20.149 8.773   1.00 14.50 ? 93  GLU A O   1 
ATOM   740  C  CB  . GLU A 1 97  ? -9.718  -20.668 6.381   1.00 16.84 ? 93  GLU A CB  1 
ATOM   741  C  CG  . GLU A 1 97  ? -10.848 -21.175 7.261   1.00 19.39 ? 93  GLU A CG  1 
ATOM   742  C  CD  . GLU A 1 97  ? -11.605 -22.332 6.642   1.00 23.88 ? 93  GLU A CD  1 
ATOM   743  O  OE1 . GLU A 1 97  ? -10.988 -23.136 5.916   1.00 23.97 ? 93  GLU A OE1 1 
ATOM   744  O  OE2 . GLU A 1 97  ? -12.823 -22.444 6.893   1.00 26.82 ? 93  GLU A OE2 1 
ATOM   745  N  N   . GLY A 1 98  ? -9.561  -18.704 9.165   1.00 12.98 ? 94  GLY A N   1 
ATOM   746  C  CA  . GLY A 1 98  ? -9.358  -18.717 10.602  1.00 12.15 ? 94  GLY A CA  1 
ATOM   747  C  C   . GLY A 1 98  ? -8.181  -17.883 11.061  1.00 13.85 ? 94  GLY A C   1 
ATOM   748  O  O   . GLY A 1 98  ? -7.821  -17.913 12.235  1.00 13.80 ? 94  GLY A O   1 
ATOM   749  N  N   . LYS A 1 99  ? -7.569  -17.145 10.139  1.00 12.23 ? 95  LYS A N   1 
ATOM   750  C  CA  . LYS A 1 99  ? -6.429  -16.311 10.499  1.00 11.99 ? 95  LYS A CA  1 
ATOM   751  C  C   . LYS A 1 99  ? -6.801  -14.839 10.541  1.00 12.72 ? 95  LYS A C   1 
ATOM   752  O  O   . LYS A 1 99  ? -7.876  -14.440 10.095  1.00 12.94 ? 95  LYS A O   1 
ATOM   753  C  CB  . LYS A 1 99  ? -5.264  -16.542 9.531   1.00 14.61 ? 95  LYS A CB  1 
ATOM   754  C  CG  . LYS A 1 99  ? -4.672  -17.940 9.642   1.00 16.64 ? 95  LYS A CG  1 
ATOM   755  C  CD  . LYS A 1 99  ? -3.513  -18.147 8.691   1.00 18.04 ? 95  LYS A CD  1 
ATOM   756  C  CE  . LYS A 1 99  ? -2.911  -19.536 8.852   1.00 20.69 ? 95  LYS A CE  1 
ATOM   757  N  NZ  . LYS A 1 99  ? -2.238  -19.710 10.169  1.00 26.91 ? 95  LYS A NZ  1 
ATOM   758  N  N   . ASP A 1 100 ? -5.901  -14.037 11.094  1.00 11.00 ? 96  ASP A N   1 
ATOM   759  C  CA  . ASP A 1 100 ? -6.125  -12.609 11.230  1.00 10.86 ? 96  ASP A CA  1 
ATOM   760  C  C   . ASP A 1 100 ? -5.295  -11.879 10.192  1.00 11.46 ? 96  ASP A C   1 
ATOM   761  O  O   . ASP A 1 100 ? -4.099  -11.648 10.368  1.00 11.53 ? 96  ASP A O   1 
ATOM   762  C  CB  . ASP A 1 100 ? -5.763  -12.198 12.651  1.00 12.24 ? 96  ASP A CB  1 
ATOM   763  C  CG  . ASP A 1 100 ? -6.542  -12.992 13.682  1.00 11.96 ? 96  ASP A CG  1 
ATOM   764  O  OD1 . ASP A 1 100 ? -7.768  -12.775 13.795  1.00 14.84 ? 96  ASP A OD1 1 
ATOM   765  O  OD2 . ASP A 1 100 ? -5.942  -13.851 14.361  1.00 12.38 ? 96  ASP A OD2 1 
ATOM   766  N  N   . VAL A 1 101 ? -5.965  -11.530 9.099   1.00 10.48 ? 97  VAL A N   1 
ATOM   767  C  CA  . VAL A 1 101 ? -5.346  -10.868 7.958   1.00 10.25 ? 97  VAL A CA  1 
ATOM   768  C  C   . VAL A 1 101 ? -5.348  -9.348  8.010   1.00 8.83  ? 97  VAL A C   1 
ATOM   769  O  O   . VAL A 1 101 ? -6.363  -8.724  8.334   1.00 9.11  ? 97  VAL A O   1 
ATOM   770  C  CB  . VAL A 1 101 ? -6.058  -11.309 6.656   1.00 10.00 ? 97  VAL A CB  1 
ATOM   771  C  CG1 . VAL A 1 101 ? -5.426  -10.635 5.444   1.00 11.80 ? 97  VAL A CG1 1 
ATOM   772  C  CG2 . VAL A 1 101 ? -6.000  -12.828 6.528   1.00 11.67 ? 97  VAL A CG2 1 
ATOM   773  N  N   . LEU A 1 102 ? -4.196  -8.761  7.695   1.00 8.05  ? 98  LEU A N   1 
ATOM   774  C  CA  . LEU A 1 102 ? -4.053  -7.314  7.648   1.00 8.75  ? 98  LEU A CA  1 
ATOM   775  C  C   . LEU A 1 102 ? -3.585  -6.954  6.240   1.00 9.92  ? 98  LEU A C   1 
ATOM   776  O  O   . LEU A 1 102 ? -2.467  -7.293  5.847   1.00 10.15 ? 98  LEU A O   1 
ATOM   777  C  CB  . LEU A 1 102 ? -3.025  -6.827  8.674   1.00 11.07 ? 98  LEU A CB  1 
ATOM   778  C  CG  . LEU A 1 102 ? -2.772  -5.314  8.673   1.00 9.74  ? 98  LEU A CG  1 
ATOM   779  C  CD1 . LEU A 1 102 ? -4.062  -4.563  9.021   1.00 13.77 ? 98  LEU A CD1 1 
ATOM   780  C  CD2 . LEU A 1 102 ? -1.676  -4.975  9.667   1.00 13.72 ? 98  LEU A CD2 1 
ATOM   781  N  N   . ILE A 1 103 ? -4.449  -6.299  5.470   1.00 9.70  ? 99  ILE A N   1 
ATOM   782  C  CA  . ILE A 1 103 ? -4.084  -5.894  4.122   1.00 9.96  ? 99  ILE A CA  1 
ATOM   783  C  C   . ILE A 1 103 ? -3.130  -4.719  4.268   1.00 11.83 ? 99  ILE A C   1 
ATOM   784  O  O   . ILE A 1 103 ? -3.403  -3.781  5.019   1.00 13.49 ? 99  ILE A O   1 
ATOM   785  C  CB  . ILE A 1 103 ? -5.322  -5.460  3.301   1.00 9.81  ? 99  ILE A CB  1 
ATOM   786  C  CG1 . ILE A 1 103 ? -6.272  -6.646  3.117   1.00 12.30 ? 99  ILE A CG1 1 
ATOM   787  C  CG2 . ILE A 1 103 ? -4.889  -4.937  1.940   1.00 10.16 ? 99  ILE A CG2 1 
ATOM   788  C  CD1 . ILE A 1 103 ? -7.605  -6.278  2.481   1.00 12.02 ? 99  ILE A CD1 1 
ATOM   789  N  N   . VAL A 1 104 ? -2.000  -4.784  3.572   1.00 10.52 ? 100 VAL A N   1 
ATOM   790  C  CA  . VAL A 1 104 ? -1.003  -3.722  3.633   1.00 11.76 ? 100 VAL A CA  1 
ATOM   791  C  C   . VAL A 1 104 ? -0.975  -3.030  2.283   1.00 12.35 ? 100 VAL A C   1 
ATOM   792  O  O   . VAL A 1 104 ? -0.604  -3.632  1.273   1.00 11.24 ? 100 VAL A O   1 
ATOM   793  C  CB  . VAL A 1 104 ? 0.397   -4.287  3.961   1.00 11.49 ? 100 VAL A CB  1 
ATOM   794  C  CG1 . VAL A 1 104 ? 1.428   -3.158  3.989   1.00 10.45 ? 100 VAL A CG1 1 
ATOM   795  C  CG2 . VAL A 1 104 ? 0.366   -4.997  5.303   1.00 14.25 ? 100 VAL A CG2 1 
ATOM   796  N  N   . GLU A 1 105 ? -1.364  -1.758  2.285   1.00 14.47 ? 101 GLU A N   1 
ATOM   797  C  CA  . GLU A 1 105 ? -1.445  -0.960  1.073   1.00 14.98 ? 101 GLU A CA  1 
ATOM   798  C  C   . GLU A 1 105 ? -0.465  0.192   0.988   1.00 14.23 ? 101 GLU A C   1 
ATOM   799  O  O   . GLU A 1 105 ? -0.020  0.726   2.005   1.00 12.13 ? 101 GLU A O   1 
ATOM   800  C  CB  . GLU A 1 105 ? -2.861  -0.396  0.929   1.00 18.44 ? 101 GLU A CB  1 
ATOM   801  C  CG  . GLU A 1 105 ? -3.812  -1.279  0.144   1.00 24.82 ? 101 GLU A CG  1 
ATOM   802  C  CD  . GLU A 1 105 ? -3.456  -1.334  -1.338  1.00 27.97 ? 101 GLU A CD  1 
ATOM   803  O  OE1 . GLU A 1 105 ? -4.179  -1.987  -2.124  1.00 33.90 ? 101 GLU A OE1 1 
ATOM   804  O  OE2 . GLU A 1 105 ? -2.445  -0.720  -1.723  1.00 29.29 ? 101 GLU A OE2 1 
ATOM   805  N  N   . ASP A 1 106 ? -0.150  0.579   -0.243  1.00 12.84 ? 102 ASP A N   1 
ATOM   806  C  CA  . ASP A 1 106 ? 0.747   1.695   -0.476  1.00 14.21 ? 102 ASP A CA  1 
ATOM   807  C  C   . ASP A 1 106 ? -0.070  2.984   -0.451  1.00 14.70 ? 102 ASP A C   1 
ATOM   808  O  O   . ASP A 1 106 ? 0.286   3.948   0.225   1.00 14.67 ? 102 ASP A O   1 
ATOM   809  C  CB  . ASP A 1 106 ? 1.483   1.527   -1.822  1.00 14.65 ? 102 ASP A CB  1 
ATOM   810  C  CG  . ASP A 1 106 ? 0.541   1.305   -3.004  1.00 17.99 ? 102 ASP A CG  1 
ATOM   811  O  OD1 . ASP A 1 106 ? -0.635  0.941   -2.800  1.00 17.27 ? 102 ASP A OD1 1 
ATOM   812  O  OD2 . ASP A 1 106 ? 0.993   1.477   -4.158  1.00 16.69 ? 102 ASP A OD2 1 
ATOM   813  N  N   . ILE A 1 107 ? -1.178  2.995   -1.177  1.00 12.60 ? 103 ILE A N   1 
ATOM   814  C  CA  . ILE A 1 107 ? -2.021  4.178   -1.198  1.00 13.66 ? 103 ILE A CA  1 
ATOM   815  C  C   . ILE A 1 107 ? -3.467  3.798   -1.442  1.00 14.60 ? 103 ILE A C   1 
ATOM   816  O  O   . ILE A 1 107 ? -3.757  2.850   -2.171  1.00 17.17 ? 103 ILE A O   1 
ATOM   817  C  CB  . ILE A 1 107 ? -1.558  5.181   -2.290  1.00 15.39 ? 103 ILE A CB  1 
ATOM   818  C  CG1 . ILE A 1 107 ? -2.386  6.468   -2.199  1.00 16.59 ? 103 ILE A CG1 1 
ATOM   819  C  CG2 . ILE A 1 107 ? -1.699  4.560   -3.672  1.00 16.54 ? 103 ILE A CG2 1 
ATOM   820  C  CD1 . ILE A 1 107 ? -1.929  7.562   -3.158  1.00 19.05 ? 103 ILE A CD1 1 
ATOM   821  N  N   . ILE A 1 108 ? -4.369  4.525   -0.797  1.00 13.55 ? 104 ILE A N   1 
ATOM   822  C  CA  . ILE A 1 108 ? -5.793  4.298   -0.956  1.00 13.75 ? 104 ILE A CA  1 
ATOM   823  C  C   . ILE A 1 108 ? -6.396  5.607   -1.434  1.00 15.48 ? 104 ILE A C   1 
ATOM   824  O  O   . ILE A 1 108 ? -6.193  6.647   -0.809  1.00 16.12 ? 104 ILE A O   1 
ATOM   825  C  CB  . ILE A 1 108 ? -6.463  3.919   0.388   1.00 15.02 ? 104 ILE A CB  1 
ATOM   826  C  CG1 . ILE A 1 108 ? -5.865  2.614   0.914   1.00 16.57 ? 104 ILE A CG1 1 
ATOM   827  C  CG2 . ILE A 1 108 ? -7.974  3.803   0.203   1.00 15.96 ? 104 ILE A CG2 1 
ATOM   828  C  CD1 . ILE A 1 108 ? -6.394  2.187   2.267   1.00 18.00 ? 104 ILE A CD1 1 
ATOM   829  N  N   . ASP A 1 109 ? -7.109  5.569   -2.551  1.00 14.82 ? 105 ASP A N   1 
ATOM   830  C  CA  . ASP A 1 109 ? -7.748  6.773   -3.049  1.00 16.16 ? 105 ASP A CA  1 
ATOM   831  C  C   . ASP A 1 109 ? -9.232  6.527   -3.295  1.00 15.61 ? 105 ASP A C   1 
ATOM   832  O  O   . ASP A 1 109 ? -10.061 6.904   -2.465  1.00 16.23 ? 105 ASP A O   1 
ATOM   833  C  CB  . ASP A 1 109 ? -7.033  7.324   -4.302  1.00 15.77 ? 105 ASP A CB  1 
ATOM   834  C  CG  . ASP A 1 109 ? -6.644  6.248   -5.305  1.00 17.99 ? 105 ASP A CG  1 
ATOM   835  O  OD1 . ASP A 1 109 ? -5.562  6.390   -5.917  1.00 19.96 ? 105 ASP A OD1 1 
ATOM   836  O  OD2 . ASP A 1 109 ? -7.403  5.283   -5.510  1.00 18.22 ? 105 ASP A OD2 1 
ATOM   837  N  N   . SER A 1 110 ? -9.578  5.878   -4.400  1.00 16.06 ? 106 SER A N   1 
ATOM   838  C  CA  . SER A 1 110 ? -10.984 5.599   -4.678  1.00 16.02 ? 106 SER A CA  1 
ATOM   839  C  C   . SER A 1 110 ? -11.504 4.509   -3.741  1.00 14.63 ? 106 SER A C   1 
ATOM   840  O  O   . SER A 1 110 ? -12.661 4.538   -3.317  1.00 16.03 ? 106 SER A O   1 
ATOM   841  C  CB  . SER A 1 110 ? -11.165 5.136   -6.126  1.00 16.25 ? 106 SER A CB  1 
ATOM   842  O  OG  . SER A 1 110 ? -10.655 3.826   -6.303  1.00 17.01 ? 106 SER A OG  1 
ATOM   843  N  N   . GLY A 1 111 ? -10.640 3.549   -3.426  1.00 14.27 ? 107 GLY A N   1 
ATOM   844  C  CA  . GLY A 1 111 ? -11.027 2.457   -2.553  1.00 14.48 ? 107 GLY A CA  1 
ATOM   845  C  C   . GLY A 1 111 ? -11.761 1.359   -3.302  1.00 13.59 ? 107 GLY A C   1 
ATOM   846  O  O   . GLY A 1 111 ? -12.124 0.336   -2.720  1.00 13.02 ? 107 GLY A O   1 
ATOM   847  N  N   . LEU A 1 112 ? -11.970 1.562   -4.600  1.00 13.14 ? 108 LEU A N   1 
ATOM   848  C  CA  . LEU A 1 112 ? -12.684 0.585   -5.421  1.00 13.35 ? 108 LEU A CA  1 
ATOM   849  C  C   . LEU A 1 112 ? -11.993 -0.776  -5.508  1.00 12.80 ? 108 LEU A C   1 
ATOM   850  O  O   . LEU A 1 112 ? -12.601 -1.807  -5.216  1.00 12.19 ? 108 LEU A O   1 
ATOM   851  C  CB  . LEU A 1 112 ? -12.904 1.146   -6.830  1.00 14.07 ? 108 LEU A CB  1 
ATOM   852  C  CG  . LEU A 1 112 ? -13.856 2.345   -6.921  1.00 18.21 ? 108 LEU A CG  1 
ATOM   853  C  CD1 . LEU A 1 112 ? -13.911 2.855   -8.352  1.00 20.57 ? 108 LEU A CD1 1 
ATOM   854  C  CD2 . LEU A 1 112 ? -15.241 1.931   -6.448  1.00 18.28 ? 108 LEU A CD2 1 
ATOM   855  N  N   . THR A 1 113 ? -10.729 -0.789  -5.908  1.00 13.47 ? 109 THR A N   1 
ATOM   856  C  CA  . THR A 1 113 ? -10.017 -2.055  -6.011  1.00 13.11 ? 109 THR A CA  1 
ATOM   857  C  C   . THR A 1 113 ? -9.825  -2.679  -4.631  1.00 12.65 ? 109 THR A C   1 
ATOM   858  O  O   . THR A 1 113 ? -9.918  -3.898  -4.475  1.00 11.27 ? 109 THR A O   1 
ATOM   859  C  CB  . THR A 1 113 ? -8.652  -1.867  -6.697  1.00 15.21 ? 109 THR A CB  1 
ATOM   860  O  OG1 . THR A 1 113 ? -8.864  -1.434  -8.049  1.00 18.60 ? 109 THR A OG1 1 
ATOM   861  C  CG2 . THR A 1 113 ? -7.875  -3.168  -6.714  1.00 16.21 ? 109 THR A CG2 1 
ATOM   862  N  N   . LEU A 1 114 ? -9.571  -1.843  -3.627  1.00 11.04 ? 110 LEU A N   1 
ATOM   863  C  CA  . LEU A 1 114 ? -9.378  -2.339  -2.268  1.00 12.18 ? 110 LEU A CA  1 
ATOM   864  C  C   . LEU A 1 114 ? -10.654 -3.018  -1.775  1.00 12.55 ? 110 LEU A C   1 
ATOM   865  O  O   . LEU A 1 114 ? -10.606 -4.090  -1.167  1.00 12.02 ? 110 LEU A O   1 
ATOM   866  C  CB  . LEU A 1 114 ? -8.995  -1.189  -1.331  1.00 13.95 ? 110 LEU A CB  1 
ATOM   867  C  CG  . LEU A 1 114 ? -8.802  -1.530  0.149   1.00 15.04 ? 110 LEU A CG  1 
ATOM   868  C  CD1 . LEU A 1 114 ? -7.770  -2.646  0.299   1.00 15.01 ? 110 LEU A CD1 1 
ATOM   869  C  CD2 . LEU A 1 114 ? -8.358  -0.279  0.896   1.00 16.32 ? 110 LEU A CD2 1 
ATOM   870  N  N   . ALA A 1 115 ? -11.798 -2.397  -2.049  1.00 11.98 ? 111 ALA A N   1 
ATOM   871  C  CA  . ALA A 1 115 ? -13.075 -2.965  -1.628  1.00 13.49 ? 111 ALA A CA  1 
ATOM   872  C  C   . ALA A 1 115 ? -13.280 -4.314  -2.305  1.00 12.08 ? 111 ALA A C   1 
ATOM   873  O  O   . ALA A 1 115 ? -13.777 -5.255  -1.688  1.00 12.58 ? 111 ALA A O   1 
ATOM   874  C  CB  . ALA A 1 115 ? -14.210 -2.026  -1.987  1.00 12.69 ? 111 ALA A CB  1 
ATOM   875  N  N   . TYR A 1 116 ? -12.900 -4.400  -3.575  1.00 11.28 ? 112 TYR A N   1 
ATOM   876  C  CA  . TYR A 1 116 ? -13.041 -5.641  -4.325  1.00 11.27 ? 112 TYR A CA  1 
ATOM   877  C  C   . TYR A 1 116 ? -12.140 -6.741  -3.755  1.00 11.81 ? 112 TYR A C   1 
ATOM   878  O  O   . TYR A 1 116 ? -12.569 -7.889  -3.597  1.00 11.94 ? 112 TYR A O   1 
ATOM   879  C  CB  . TYR A 1 116 ? -12.708 -5.409  -5.801  1.00 11.68 ? 112 TYR A CB  1 
ATOM   880  C  CG  . TYR A 1 116 ? -12.793 -6.666  -6.632  1.00 13.11 ? 112 TYR A CG  1 
ATOM   881  C  CD1 . TYR A 1 116 ? -14.027 -7.184  -7.024  1.00 15.47 ? 112 TYR A CD1 1 
ATOM   882  C  CD2 . TYR A 1 116 ? -11.641 -7.357  -6.998  1.00 12.26 ? 112 TYR A CD2 1 
ATOM   883  C  CE1 . TYR A 1 116 ? -14.109 -8.360  -7.759  1.00 17.75 ? 112 TYR A CE1 1 
ATOM   884  C  CE2 . TYR A 1 116 ? -11.713 -8.537  -7.733  1.00 15.85 ? 112 TYR A CE2 1 
ATOM   885  C  CZ  . TYR A 1 116 ? -12.949 -9.032  -8.108  1.00 17.22 ? 112 TYR A CZ  1 
ATOM   886  O  OH  . TYR A 1 116 ? -13.027 -10.201 -8.823  1.00 16.32 ? 112 TYR A OH  1 
ATOM   887  N  N   . LEU A 1 117 ? -10.894 -6.403  -3.444  1.00 12.09 ? 113 LEU A N   1 
ATOM   888  C  CA  . LEU A 1 117 ? -9.980  -7.395  -2.887  1.00 13.60 ? 113 LEU A CA  1 
ATOM   889  C  C   . LEU A 1 117 ? -10.442 -7.813  -1.489  1.00 14.36 ? 113 LEU A C   1 
ATOM   890  O  O   . LEU A 1 117 ? -10.324 -8.979  -1.105  1.00 12.24 ? 113 LEU A O   1 
ATOM   891  C  CB  . LEU A 1 117 ? -8.552  -6.838  -2.854  1.00 16.01 ? 113 LEU A CB  1 
ATOM   892  C  CG  . LEU A 1 117 ? -7.977  -6.635  -4.264  1.00 19.00 ? 113 LEU A CG  1 
ATOM   893  C  CD1 . LEU A 1 117 ? -6.584  -6.025  -4.169  1.00 21.59 ? 113 LEU A CD1 1 
ATOM   894  C  CD2 . LEU A 1 117 ? -7.928  -7.969  -5.009  1.00 21.41 ? 113 LEU A CD2 1 
ATOM   895  N  N   . ARG A 1 118 ? -10.984 -6.856  -0.740  1.00 12.75 ? 114 ARG A N   1 
ATOM   896  C  CA  . ARG A 1 118 ? -11.479 -7.124  0.605   1.00 12.89 ? 114 ARG A CA  1 
ATOM   897  C  C   . ARG A 1 118 ? -12.563 -8.195  0.527   1.00 13.30 ? 114 ARG A C   1 
ATOM   898  O  O   . ARG A 1 118 ? -12.542 -9.164  1.286   1.00 13.54 ? 114 ARG A O   1 
ATOM   899  C  CB  . ARG A 1 118 ? -12.054 -5.845  1.228   1.00 15.19 ? 114 ARG A CB  1 
ATOM   900  C  CG  . ARG A 1 118 ? -12.634 -6.024  2.634   1.00 17.87 ? 114 ARG A CG  1 
ATOM   901  C  CD  . ARG A 1 118 ? -13.431 -4.788  3.024   1.00 21.25 ? 114 ARG A CD  1 
ATOM   902  N  NE  . ARG A 1 118 ? -14.581 -4.613  2.133   1.00 26.11 ? 114 ARG A NE  1 
ATOM   903  C  CZ  . ARG A 1 118 ? -15.147 -3.442  1.857   1.00 25.87 ? 114 ARG A CZ  1 
ATOM   904  N  NH1 . ARG A 1 118 ? -14.674 -2.325  2.391   1.00 25.30 ? 114 ARG A NH1 1 
ATOM   905  N  NH2 . ARG A 1 118 ? -16.204 -3.394  1.062   1.00 28.94 ? 114 ARG A NH2 1 
ATOM   906  N  N   . GLU A 1 119 ? -13.507 -8.027  -0.396  1.00 14.07 ? 115 GLU A N   1 
ATOM   907  C  CA  . GLU A 1 119 ? -14.586 -8.996  -0.533  1.00 15.65 ? 115 GLU A CA  1 
ATOM   908  C  C   . GLU A 1 119 ? -14.047 -10.361 -0.942  1.00 16.36 ? 115 GLU A C   1 
ATOM   909  O  O   . GLU A 1 119 ? -14.532 -11.394 -0.476  1.00 15.38 ? 115 GLU A O   1 
ATOM   910  C  CB  . GLU A 1 119 ? -15.619 -8.500  -1.547  1.00 18.07 ? 115 GLU A CB  1 
ATOM   911  C  CG  . GLU A 1 119 ? -16.401 -7.297  -1.066  1.00 22.84 ? 115 GLU A CG  1 
ATOM   912  C  CD  . GLU A 1 119 ? -17.073 -7.536  0.272   1.00 26.25 ? 115 GLU A CD  1 
ATOM   913  O  OE1 . GLU A 1 119 ? -16.861 -6.703  1.175   1.00 28.38 ? 115 GLU A OE1 1 
ATOM   914  O  OE2 . GLU A 1 119 ? -17.806 -8.540  0.421   1.00 27.90 ? 115 GLU A OE2 1 
ATOM   915  N  N   . THR A 1 120 ? -13.035 -10.365 -1.801  1.00 14.49 ? 116 THR A N   1 
ATOM   916  C  CA  . THR A 1 120 ? -12.440 -11.617 -2.249  1.00 14.73 ? 116 THR A CA  1 
ATOM   917  C  C   . THR A 1 120 ? -11.769 -12.338 -1.080  1.00 14.79 ? 116 THR A C   1 
ATOM   918  O  O   . THR A 1 120 ? -11.915 -13.549 -0.924  1.00 15.51 ? 116 THR A O   1 
ATOM   919  C  CB  . THR A 1 120 ? -11.412 -11.368 -3.366  1.00 15.19 ? 116 THR A CB  1 
ATOM   920  O  OG1 . THR A 1 120 ? -12.061 -10.726 -4.474  1.00 14.67 ? 116 THR A OG1 1 
ATOM   921  C  CG2 . THR A 1 120 ? -10.806 -12.688 -3.839  1.00 17.12 ? 116 THR A CG2 1 
ATOM   922  N  N   . LEU A 1 121 ? -11.038 -11.598 -0.252  1.00 14.02 ? 117 LEU A N   1 
ATOM   923  C  CA  . LEU A 1 121 ? -10.373 -12.212 0.892   1.00 13.66 ? 117 LEU A CA  1 
ATOM   924  C  C   . LEU A 1 121 ? -11.381 -12.671 1.943   1.00 14.50 ? 117 LEU A C   1 
ATOM   925  O  O   . LEU A 1 121 ? -11.181 -13.699 2.594   1.00 13.94 ? 117 LEU A O   1 
ATOM   926  C  CB  . LEU A 1 121 ? -9.364  -11.238 1.508   1.00 13.39 ? 117 LEU A CB  1 
ATOM   927  C  CG  . LEU A 1 121 ? -8.206  -10.864 0.572   1.00 12.80 ? 117 LEU A CG  1 
ATOM   928  C  CD1 . LEU A 1 121 ? -7.266  -9.901  1.277   1.00 14.80 ? 117 LEU A CD1 1 
ATOM   929  C  CD2 . LEU A 1 121 ? -7.460  -12.119 0.148   1.00 15.24 ? 117 LEU A CD2 1 
ATOM   930  N  N   . LEU A 1 122 ? -12.463 -11.917 2.113   1.00 13.95 ? 118 LEU A N   1 
ATOM   931  C  CA  . LEU A 1 122 ? -13.485 -12.303 3.087   1.00 16.13 ? 118 LEU A CA  1 
ATOM   932  C  C   . LEU A 1 122 ? -14.076 -13.646 2.676   1.00 16.92 ? 118 LEU A C   1 
ATOM   933  O  O   . LEU A 1 122 ? -14.470 -14.448 3.524   1.00 17.99 ? 118 LEU A O   1 
ATOM   934  C  CB  . LEU A 1 122 ? -14.598 -11.248 3.163   1.00 16.06 ? 118 LEU A CB  1 
ATOM   935  C  CG  . LEU A 1 122 ? -14.262 -9.958  3.916   1.00 17.43 ? 118 LEU A CG  1 
ATOM   936  C  CD1 . LEU A 1 122 ? -15.366 -8.926  3.719   1.00 18.59 ? 118 LEU A CD1 1 
ATOM   937  C  CD2 . LEU A 1 122 ? -14.077 -10.269 5.396   1.00 19.41 ? 118 LEU A CD2 1 
ATOM   938  N  N   . GLY A 1 123 ? -14.124 -13.882 1.369   1.00 16.32 ? 119 GLY A N   1 
ATOM   939  C  CA  . GLY A 1 123 ? -14.661 -15.129 0.855   1.00 18.27 ? 119 GLY A CA  1 
ATOM   940  C  C   . GLY A 1 123 ? -13.845 -16.345 1.252   1.00 18.43 ? 119 GLY A C   1 
ATOM   941  O  O   . GLY A 1 123 ? -14.286 -17.485 1.081   1.00 19.51 ? 119 GLY A O   1 
ATOM   942  N  N   . ARG A 1 124 ? -12.651 -16.118 1.789   1.00 16.00 ? 120 ARG A N   1 
ATOM   943  C  CA  . ARG A 1 124 ? -11.806 -17.228 2.197   1.00 15.80 ? 120 ARG A CA  1 
ATOM   944  C  C   . ARG A 1 124 ? -11.833 -17.474 3.697   1.00 14.57 ? 120 ARG A C   1 
ATOM   945  O  O   . ARG A 1 124 ? -10.974 -18.154 4.263   1.00 13.83 ? 120 ARG A O   1 
ATOM   946  C  CB  . ARG A 1 124 ? -10.394 -17.021 1.662   1.00 15.01 ? 120 ARG A CB  1 
ATOM   947  C  CG  . ARG A 1 124 ? -10.412 -17.240 0.160   1.00 18.84 ? 120 ARG A CG  1 
ATOM   948  C  CD  . ARG A 1 124 ? -9.203  -16.739 -0.562  1.00 18.27 ? 120 ARG A CD  1 
ATOM   949  N  NE  . ARG A 1 124 ? -9.295  -17.101 -1.973  1.00 15.59 ? 120 ARG A NE  1 
ATOM   950  C  CZ  . ARG A 1 124 ? -8.491  -16.628 -2.919  1.00 15.51 ? 120 ARG A CZ  1 
ATOM   951  N  NH1 . ARG A 1 124 ? -7.534  -15.763 -2.605  1.00 12.54 ? 120 ARG A NH1 1 
ATOM   952  N  NH2 . ARG A 1 124 ? -8.637  -17.032 -4.175  1.00 13.34 ? 120 ARG A NH2 1 
ATOM   953  N  N   . LYS A 1 125 ? -12.853 -16.899 4.324   1.00 15.32 ? 121 LYS A N   1 
ATOM   954  C  CA  . LYS A 1 125 ? -13.123 -17.070 5.738   1.00 15.15 ? 121 LYS A CA  1 
ATOM   955  C  C   . LYS A 1 125 ? -12.049 -16.763 6.777   1.00 13.94 ? 121 LYS A C   1 
ATOM   956  O  O   . LYS A 1 125 ? -11.810 -17.571 7.674   1.00 12.78 ? 121 LYS A O   1 
ATOM   957  C  CB  . LYS A 1 125 ? -13.631 -18.498 5.965   1.00 18.63 ? 121 LYS A CB  1 
ATOM   958  C  CG  . LYS A 1 125 ? -14.752 -18.901 5.023   1.00 22.74 ? 121 LYS A CG  1 
ATOM   959  C  CD  . LYS A 1 125 ? -15.113 -20.379 5.165   1.00 27.10 ? 121 LYS A CD  1 
ATOM   960  C  CE  . LYS A 1 125 ? -15.757 -20.694 6.509   1.00 30.61 ? 121 LYS A CE  1 
ATOM   961  N  NZ  . LYS A 1 125 ? -14.824 -21.347 7.468   1.00 33.37 ? 121 LYS A NZ  1 
ATOM   962  N  N   . PRO A 1 126 ? -11.377 -15.606 6.672   1.00 13.46 ? 122 PRO A N   1 
ATOM   963  C  CA  . PRO A 1 126 ? -10.361 -15.309 7.687   1.00 13.97 ? 122 PRO A CA  1 
ATOM   964  C  C   . PRO A 1 126 ? -11.102 -14.997 8.992   1.00 13.65 ? 122 PRO A C   1 
ATOM   965  O  O   . PRO A 1 126 ? -12.270 -14.608 8.958   1.00 14.72 ? 122 PRO A O   1 
ATOM   966  C  CB  . PRO A 1 126 ? -9.659  -14.080 7.115   1.00 12.39 ? 122 PRO A CB  1 
ATOM   967  C  CG  . PRO A 1 126 ? -10.767 -13.385 6.367   1.00 14.32 ? 122 PRO A CG  1 
ATOM   968  C  CD  . PRO A 1 126 ? -11.445 -14.540 5.657   1.00 13.81 ? 122 PRO A CD  1 
ATOM   969  N  N   . ARG A 1 127 ? -10.445 -15.178 10.132  1.00 12.71 ? 123 ARG A N   1 
ATOM   970  C  CA  . ARG A 1 127 ? -11.082 -14.882 11.417  1.00 15.21 ? 123 ARG A CA  1 
ATOM   971  C  C   . ARG A 1 127 ? -11.359 -13.381 11.498  1.00 15.15 ? 123 ARG A C   1 
ATOM   972  O  O   . ARG A 1 127 ? -12.404 -12.950 11.989  1.00 16.43 ? 123 ARG A O   1 
ATOM   973  C  CB  . ARG A 1 127 ? -10.175 -15.294 12.575  1.00 16.35 ? 123 ARG A CB  1 
ATOM   974  C  CG  . ARG A 1 127 ? -10.739 -14.956 13.950  1.00 22.42 ? 123 ARG A CG  1 
ATOM   975  C  CD  . ARG A 1 127 ? -9.659  -15.065 15.013  1.00 26.74 ? 123 ARG A CD  1 
ATOM   976  N  NE  . ARG A 1 127 ? -9.357  -16.449 15.352  1.00 32.60 ? 123 ARG A NE  1 
ATOM   977  C  CZ  . ARG A 1 127 ? -8.227  -16.844 15.928  1.00 34.20 ? 123 ARG A CZ  1 
ATOM   978  N  NH1 . ARG A 1 127 ? -7.291  -15.954 16.225  1.00 34.72 ? 123 ARG A NH1 1 
ATOM   979  N  NH2 . ARG A 1 127 ? -8.030  -18.127 16.201  1.00 34.27 ? 123 ARG A NH2 1 
ATOM   980  N  N   . SER A 1 128 ? -10.404 -12.587 11.027  1.00 14.40 ? 124 SER A N   1 
ATOM   981  C  CA  . SER A 1 128 ? -10.559 -11.138 11.002  1.00 12.65 ? 124 SER A CA  1 
ATOM   982  C  C   . SER A 1 128 ? -9.833  -10.585 9.786   1.00 13.47 ? 124 SER A C   1 
ATOM   983  O  O   . SER A 1 128 ? -8.886  -11.197 9.284   1.00 10.15 ? 124 SER A O   1 
ATOM   984  C  CB  . SER A 1 128 ? -10.004 -10.491 12.278  1.00 13.01 ? 124 SER A CB  1 
ATOM   985  O  OG  . SER A 1 128 ? -8.598  -10.638 12.395  1.00 14.43 ? 124 SER A OG  1 
ATOM   986  N  N   . LEU A 1 129 ? -10.286 -9.427  9.318   1.00 12.76 ? 125 LEU A N   1 
ATOM   987  C  CA  . LEU A 1 129 ? -9.685  -8.782  8.164   1.00 13.42 ? 125 LEU A CA  1 
ATOM   988  C  C   . LEU A 1 129 ? -9.659  -7.279  8.394   1.00 14.36 ? 125 LEU A C   1 
ATOM   989  O  O   . LEU A 1 129 ? -10.706 -6.653  8.561   1.00 13.75 ? 125 LEU A O   1 
ATOM   990  C  CB  . LEU A 1 129 ? -10.495 -9.101  6.902   1.00 14.70 ? 125 LEU A CB  1 
ATOM   991  C  CG  . LEU A 1 129 ? -10.035 -8.485  5.578   1.00 15.64 ? 125 LEU A CG  1 
ATOM   992  C  CD1 . LEU A 1 129 ? -8.623  -8.941  5.253   1.00 16.30 ? 125 LEU A CD1 1 
ATOM   993  C  CD2 . LEU A 1 129 ? -10.994 -8.905  4.470   1.00 17.73 ? 125 LEU A CD2 1 
ATOM   994  N  N   . LYS A 1 130 ? -8.455  -6.713  8.423   1.00 12.80 ? 126 LYS A N   1 
ATOM   995  C  CA  . LYS A 1 130 ? -8.281  -5.278  8.616   1.00 12.25 ? 126 LYS A CA  1 
ATOM   996  C  C   . LYS A 1 130 ? -7.417  -4.699  7.507   1.00 12.01 ? 126 LYS A C   1 
ATOM   997  O  O   . LYS A 1 130 ? -6.820  -5.438  6.724   1.00 11.28 ? 126 LYS A O   1 
ATOM   998  C  CB  . LYS A 1 130 ? -7.640  -4.981  9.972   1.00 14.39 ? 126 LYS A CB  1 
ATOM   999  C  CG  . LYS A 1 130 ? -8.598  -5.130  11.143  1.00 17.36 ? 126 LYS A CG  1 
ATOM   1000 C  CD  . LYS A 1 130 ? -7.981  -4.616  12.432  1.00 22.09 ? 126 LYS A CD  1 
ATOM   1001 C  CE  . LYS A 1 130 ? -9.029  -4.505  13.522  1.00 27.41 ? 126 LYS A CE  1 
ATOM   1002 N  NZ  . LYS A 1 130 ? -9.852  -5.747  13.589  1.00 28.35 ? 126 LYS A NZ  1 
ATOM   1003 N  N   . ILE A 1 131 ? -7.346  -3.372  7.462   1.00 12.20 ? 127 ILE A N   1 
ATOM   1004 C  CA  . ILE A 1 131 ? -6.590  -2.671  6.435   1.00 13.74 ? 127 ILE A CA  1 
ATOM   1005 C  C   . ILE A 1 131 ? -5.630  -1.634  7.011   1.00 13.55 ? 127 ILE A C   1 
ATOM   1006 O  O   . ILE A 1 131 ? -5.986  -0.877  7.914   1.00 15.25 ? 127 ILE A O   1 
ATOM   1007 C  CB  . ILE A 1 131 ? -7.555  -1.959  5.458   1.00 15.21 ? 127 ILE A CB  1 
ATOM   1008 C  CG1 . ILE A 1 131 ? -8.401  -2.997  4.719   1.00 15.83 ? 127 ILE A CG1 1 
ATOM   1009 C  CG2 . ILE A 1 131 ? -6.777  -1.099  4.468   1.00 16.29 ? 127 ILE A CG2 1 
ATOM   1010 C  CD1 . ILE A 1 131 ? -9.467  -2.389  3.826   1.00 14.94 ? 127 ILE A CD1 1 
ATOM   1011 N  N   . CYS A 1 132 ? -4.413  -1.609  6.474   1.00 13.33 ? 128 CYS A N   1 
ATOM   1012 C  CA  . CYS A 1 132 ? -3.389  -0.657  6.893   1.00 14.19 ? 128 CYS A CA  1 
ATOM   1013 C  C   . CYS A 1 132 ? -2.752  -0.080  5.635   1.00 15.70 ? 128 CYS A C   1 
ATOM   1014 O  O   . CYS A 1 132 ? -2.332  -0.826  4.750   1.00 17.00 ? 128 CYS A O   1 
ATOM   1015 C  CB  . CYS A 1 132 ? -2.313  -1.349  7.735   1.00 15.82 ? 128 CYS A CB  1 
ATOM   1016 S  SG  . CYS A 1 132 ? -0.909  -0.284  8.212   1.00 18.68 ? 128 CYS A SG  1 
ATOM   1017 N  N   . THR A 1 133 ? -2.689  1.245   5.549   1.00 14.30 ? 129 THR A N   1 
ATOM   1018 C  CA  . THR A 1 133 ? -2.087  1.900   4.395   1.00 14.01 ? 129 THR A CA  1 
ATOM   1019 C  C   . THR A 1 133 ? -1.150  2.999   4.878   1.00 14.04 ? 129 THR A C   1 
ATOM   1020 O  O   . THR A 1 133 ? -1.416  3.647   5.885   1.00 15.19 ? 129 THR A O   1 
ATOM   1021 C  CB  . THR A 1 133 ? -3.157  2.536   3.478   1.00 13.13 ? 129 THR A CB  1 
ATOM   1022 O  OG1 . THR A 1 133 ? -2.524  3.058   2.304   1.00 15.10 ? 129 THR A OG1 1 
ATOM   1023 C  CG2 . THR A 1 133 ? -3.885  3.668   4.197   1.00 14.71 ? 129 THR A CG2 1 
ATOM   1024 N  N   . ILE A 1 134 ? -0.046  3.199   4.167   1.00 13.54 ? 130 ILE A N   1 
ATOM   1025 C  CA  . ILE A 1 134 ? 0.896   4.234   4.559   1.00 14.27 ? 130 ILE A CA  1 
ATOM   1026 C  C   . ILE A 1 134 ? 0.394   5.596   4.077   1.00 13.99 ? 130 ILE A C   1 
ATOM   1027 O  O   . ILE A 1 134 ? 0.635   6.613   4.727   1.00 14.35 ? 130 ILE A O   1 
ATOM   1028 C  CB  . ILE A 1 134 ? 2.326   3.945   4.009   1.00 12.83 ? 130 ILE A CB  1 
ATOM   1029 C  CG1 . ILE A 1 134 ? 3.301   5.035   4.474   1.00 15.12 ? 130 ILE A CG1 1 
ATOM   1030 C  CG2 . ILE A 1 134 ? 2.305   3.849   2.493   1.00 11.56 ? 130 ILE A CG2 1 
ATOM   1031 C  CD1 . ILE A 1 134 ? 3.528   5.061   5.980   1.00 15.08 ? 130 ILE A CD1 1 
ATOM   1032 N  N   . LEU A 1 135 ? -0.326  5.603   2.953   1.00 12.95 ? 131 LEU A N   1 
ATOM   1033 C  CA  . LEU A 1 135 ? -0.872  6.839   2.386   1.00 13.82 ? 131 LEU A CA  1 
ATOM   1034 C  C   . LEU A 1 135 ? -2.363  6.743   2.068   1.00 13.52 ? 131 LEU A C   1 
ATOM   1035 O  O   . LEU A 1 135 ? -2.857  5.705   1.622   1.00 12.97 ? 131 LEU A O   1 
ATOM   1036 C  CB  . LEU A 1 135 ? -0.129  7.220   1.101   1.00 15.35 ? 131 LEU A CB  1 
ATOM   1037 C  CG  . LEU A 1 135 ? 1.309   7.728   1.202   1.00 18.56 ? 131 LEU A CG  1 
ATOM   1038 C  CD1 . LEU A 1 135 ? 1.854   7.995   -0.197  1.00 19.50 ? 131 LEU A CD1 1 
ATOM   1039 C  CD2 . LEU A 1 135 ? 1.335   9.003   2.029   1.00 19.69 ? 131 LEU A CD2 1 
ATOM   1040 N  N   . ASP A 1 136 ? -3.073  7.843   2.287   1.00 12.18 ? 132 ASP A N   1 
ATOM   1041 C  CA  . ASP A 1 136 ? -4.500  7.897   2.024   1.00 13.54 ? 132 ASP A CA  1 
ATOM   1042 C  C   . ASP A 1 136 ? -4.873  9.251   1.428   1.00 13.46 ? 132 ASP A C   1 
ATOM   1043 O  O   . ASP A 1 136 ? -4.411  10.289  1.900   1.00 13.18 ? 132 ASP A O   1 
ATOM   1044 C  CB  . ASP A 1 136 ? -5.269  7.662   3.335   1.00 16.47 ? 132 ASP A CB  1 
ATOM   1045 C  CG  . ASP A 1 136 ? -6.776  7.716   3.156   1.00 20.39 ? 132 ASP A CG  1 
ATOM   1046 O  OD1 . ASP A 1 136 ? -7.248  7.696   2.002   1.00 20.61 ? 132 ASP A OD1 1 
ATOM   1047 O  OD2 . ASP A 1 136 ? -7.493  7.768   4.182   1.00 22.68 ? 132 ASP A OD2 1 
ATOM   1048 N  N   . LYS A 1 137 ? -5.682  9.219   0.371   1.00 14.18 ? 133 LYS A N   1 
ATOM   1049 C  CA  . LYS A 1 137 ? -6.185  10.422  -0.296  1.00 13.38 ? 133 LYS A CA  1 
ATOM   1050 C  C   . LYS A 1 137 ? -7.697  10.374  -0.076  1.00 13.43 ? 133 LYS A C   1 
ATOM   1051 O  O   . LYS A 1 137 ? -8.449  9.975   -0.964  1.00 13.95 ? 133 LYS A O   1 
ATOM   1052 C  CB  . LYS A 1 137 ? -5.911  10.383  -1.802  1.00 12.25 ? 133 LYS A CB  1 
ATOM   1053 C  CG  . LYS A 1 137 ? -4.467  10.606  -2.231  1.00 12.07 ? 133 LYS A CG  1 
ATOM   1054 C  CD  . LYS A 1 137 ? -4.383  10.542  -3.750  1.00 12.56 ? 133 LYS A CD  1 
ATOM   1055 C  CE  . LYS A 1 137 ? -3.017  10.928  -4.287  1.00 12.36 ? 133 LYS A CE  1 
ATOM   1056 N  NZ  . LYS A 1 137 ? -3.030  10.904  -5.777  1.00 11.50 ? 133 LYS A NZ  1 
ATOM   1057 N  N   . PRO A 1 138 ? -8.159  10.786  1.112   1.00 15.33 ? 134 PRO A N   1 
ATOM   1058 C  CA  . PRO A 1 138 ? -9.587  10.781  1.453   1.00 17.08 ? 134 PRO A CA  1 
ATOM   1059 C  C   . PRO A 1 138 ? -10.549 11.433  0.454   1.00 16.19 ? 134 PRO A C   1 
ATOM   1060 O  O   . PRO A 1 138 ? -11.660 10.937  0.249   1.00 16.01 ? 134 PRO A O   1 
ATOM   1061 C  CB  . PRO A 1 138 ? -9.616  11.458  2.825   1.00 17.99 ? 134 PRO A CB  1 
ATOM   1062 C  CG  . PRO A 1 138 ? -8.414  12.363  2.790   1.00 19.04 ? 134 PRO A CG  1 
ATOM   1063 C  CD  . PRO A 1 138 ? -7.374  11.474  2.152   1.00 16.35 ? 134 PRO A CD  1 
ATOM   1064 N  N   . GLU A 1 139 ? -10.126 12.523  -0.178  1.00 15.84 ? 135 GLU A N   1 
ATOM   1065 C  CA  . GLU A 1 139 ? -10.989 13.220  -1.127  1.00 16.57 ? 135 GLU A CA  1 
ATOM   1066 C  C   . GLU A 1 139 ? -11.311 12.410  -2.378  1.00 17.00 ? 135 GLU A C   1 
ATOM   1067 O  O   . GLU A 1 139 ? -12.271 12.717  -3.086  1.00 17.62 ? 135 GLU A O   1 
ATOM   1068 C  CB  . GLU A 1 139 ? -10.357 14.552  -1.545  1.00 15.96 ? 135 GLU A CB  1 
ATOM   1069 C  CG  . GLU A 1 139 ? -9.089  14.404  -2.385  1.00 17.05 ? 135 GLU A CG  1 
ATOM   1070 C  CD  . GLU A 1 139 ? -8.458  15.739  -2.751  1.00 17.25 ? 135 GLU A CD  1 
ATOM   1071 O  OE1 . GLU A 1 139 ? -8.901  16.372  -3.735  1.00 17.65 ? 135 GLU A OE1 1 
ATOM   1072 O  OE2 . GLU A 1 139 ? -7.525  16.158  -2.048  1.00 17.85 ? 135 GLU A OE2 1 
ATOM   1073 N  N   . ARG A 1 140 ? -10.516 11.377  -2.644  1.00 15.97 ? 136 ARG A N   1 
ATOM   1074 C  CA  . ARG A 1 140 ? -10.697 10.539  -3.831  1.00 15.18 ? 136 ARG A CA  1 
ATOM   1075 C  C   . ARG A 1 140 ? -11.675 9.377   -3.663  1.00 15.60 ? 136 ARG A C   1 
ATOM   1076 O  O   . ARG A 1 140 ? -12.023 8.716   -4.641  1.00 15.75 ? 136 ARG A O   1 
ATOM   1077 C  CB  . ARG A 1 140 ? -9.338  9.968   -4.264  1.00 14.76 ? 136 ARG A CB  1 
ATOM   1078 C  CG  . ARG A 1 140 ? -8.414  10.950  -4.973  1.00 16.13 ? 136 ARG A CG  1 
ATOM   1079 C  CD  . ARG A 1 140 ? -8.824  11.137  -6.427  1.00 15.66 ? 136 ARG A CD  1 
ATOM   1080 N  NE  . ARG A 1 140 ? -8.681  9.906   -7.205  1.00 18.07 ? 136 ARG A NE  1 
ATOM   1081 C  CZ  . ARG A 1 140 ? -7.527  9.442   -7.682  1.00 19.19 ? 136 ARG A CZ  1 
ATOM   1082 N  NH1 . ARG A 1 140 ? -6.395  10.105  -7.469  1.00 18.07 ? 136 ARG A NH1 1 
ATOM   1083 N  NH2 . ARG A 1 140 ? -7.501  8.306   -8.369  1.00 18.79 ? 136 ARG A NH2 1 
ATOM   1084 N  N   . ARG A 1 141 ? -12.121 9.139   -2.435  1.00 15.75 ? 137 ARG A N   1 
ATOM   1085 C  CA  . ARG A 1 141 ? -13.012 8.018   -2.141  1.00 16.40 ? 137 ARG A CA  1 
ATOM   1086 C  C   . ARG A 1 141 ? -14.262 7.889   -3.016  1.00 17.36 ? 137 ARG A C   1 
ATOM   1087 O  O   . ARG A 1 141 ? -14.972 8.868   -3.275  1.00 16.68 ? 137 ARG A O   1 
ATOM   1088 C  CB  . ARG A 1 141 ? -13.405 8.056   -0.657  1.00 17.08 ? 137 ARG A CB  1 
ATOM   1089 C  CG  . ARG A 1 141 ? -13.565 6.684   -0.025  1.00 20.45 ? 137 ARG A CG  1 
ATOM   1090 C  CD  . ARG A 1 141 ? -12.264 5.881   -0.065  1.00 17.28 ? 137 ARG A CD  1 
ATOM   1091 N  NE  . ARG A 1 141 ? -11.613 5.785   1.242   1.00 17.36 ? 137 ARG A NE  1 
ATOM   1092 C  CZ  . ARG A 1 141 ? -10.437 6.327   1.545   1.00 19.43 ? 137 ARG A CZ  1 
ATOM   1093 N  NH1 . ARG A 1 141 ? -9.933  6.173   2.765   1.00 18.40 ? 137 ARG A NH1 1 
ATOM   1094 N  NH2 . ARG A 1 141 ? -9.763  7.025   0.636   1.00 17.64 ? 137 ARG A NH2 1 
ATOM   1095 N  N   . GLU A 1 142 ? -14.514 6.664   -3.476  1.00 18.82 ? 138 GLU A N   1 
ATOM   1096 C  CA  . GLU A 1 142 ? -15.672 6.351   -4.309  1.00 21.01 ? 138 GLU A CA  1 
ATOM   1097 C  C   . GLU A 1 142 ? -16.413 5.146   -3.730  1.00 22.22 ? 138 GLU A C   1 
ATOM   1098 O  O   . GLU A 1 142 ? -17.463 4.744   -4.235  1.00 21.63 ? 138 GLU A O   1 
ATOM   1099 C  CB  . GLU A 1 142 ? -15.235 6.043   -5.742  1.00 23.94 ? 138 GLU A CB  1 
ATOM   1100 C  CG  . GLU A 1 142 ? -14.657 7.238   -6.480  1.00 28.14 ? 138 GLU A CG  1 
ATOM   1101 C  CD  . GLU A 1 142 ? -15.687 8.326   -6.714  1.00 32.29 ? 138 GLU A CD  1 
ATOM   1102 O  OE1 . GLU A 1 142 ? -15.285 9.482   -6.970  1.00 34.82 ? 138 GLU A OE1 1 
ATOM   1103 O  OE2 . GLU A 1 142 ? -16.898 8.022   -6.646  1.00 33.99 ? 138 GLU A OE2 1 
ATOM   1104 N  N   . ALA A 1 143 ? -15.852 4.577   -2.668  1.00 21.20 ? 139 ALA A N   1 
ATOM   1105 C  CA  . ALA A 1 143 ? -16.443 3.420   -2.000  1.00 23.39 ? 139 ALA A CA  1 
ATOM   1106 C  C   . ALA A 1 143 ? -16.196 3.529   -0.500  1.00 24.15 ? 139 ALA A C   1 
ATOM   1107 O  O   . ALA A 1 143 ? -15.304 4.261   -0.067  1.00 24.72 ? 139 ALA A O   1 
ATOM   1108 C  CB  . ALA A 1 143 ? -15.833 2.133   -2.541  1.00 24.06 ? 139 ALA A CB  1 
ATOM   1109 N  N   . ASP A 1 144 ? -16.983 2.802   0.289   1.00 23.79 ? 140 ASP A N   1 
ATOM   1110 C  CA  . ASP A 1 144 ? -16.843 2.831   1.742   1.00 24.69 ? 140 ASP A CA  1 
ATOM   1111 C  C   . ASP A 1 144 ? -15.909 1.737   2.247   1.00 24.31 ? 140 ASP A C   1 
ATOM   1112 O  O   . ASP A 1 144 ? -16.273 0.561   2.294   1.00 25.24 ? 140 ASP A O   1 
ATOM   1113 C  CB  . ASP A 1 144 ? -18.218 2.698   2.409   1.00 25.66 ? 140 ASP A CB  1 
ATOM   1114 C  CG  . ASP A 1 144 ? -18.138 2.669   3.931   1.00 28.20 ? 140 ASP A CG  1 
ATOM   1115 O  OD1 . ASP A 1 144 ? -17.234 3.315   4.501   1.00 28.60 ? 140 ASP A OD1 1 
ATOM   1116 O  OD2 . ASP A 1 144 ? -18.996 2.012   4.562   1.00 28.26 ? 140 ASP A OD2 1 
ATOM   1117 N  N   . VAL A 1 145 ? -14.694 2.132   2.612   1.00 23.33 ? 141 VAL A N   1 
ATOM   1118 C  CA  . VAL A 1 145 ? -13.724 1.183   3.133   1.00 23.52 ? 141 VAL A CA  1 
ATOM   1119 C  C   . VAL A 1 145 ? -13.217 1.690   4.475   1.00 22.93 ? 141 VAL A C   1 
ATOM   1120 O  O   . VAL A 1 145 ? -12.959 2.882   4.643   1.00 23.51 ? 141 VAL A O   1 
ATOM   1121 C  CB  . VAL A 1 145 ? -12.528 1.006   2.169   1.00 25.00 ? 141 VAL A CB  1 
ATOM   1122 C  CG1 . VAL A 1 145 ? -13.016 0.447   0.841   1.00 24.22 ? 141 VAL A CG1 1 
ATOM   1123 C  CG2 . VAL A 1 145 ? -11.823 2.335   1.958   1.00 25.80 ? 141 VAL A CG2 1 
ATOM   1124 N  N   . LYS A 1 146 ? -13.094 0.796   5.446   1.00 23.33 ? 142 LYS A N   1 
ATOM   1125 C  CA  . LYS A 1 146 ? -12.607 1.210   6.750   1.00 24.59 ? 142 LYS A CA  1 
ATOM   1126 C  C   . LYS A 1 146 ? -11.114 0.962   6.825   1.00 23.22 ? 142 LYS A C   1 
ATOM   1127 O  O   . LYS A 1 146 ? -10.649 -0.165  6.652   1.00 25.02 ? 142 LYS A O   1 
ATOM   1128 C  CB  . LYS A 1 146 ? -13.322 0.454   7.875   1.00 27.11 ? 142 LYS A CB  1 
ATOM   1129 C  CG  . LYS A 1 146 ? -12.770 0.717   9.274   1.00 29.79 ? 142 LYS A CG  1 
ATOM   1130 C  CD  . LYS A 1 146 ? -12.563 2.206   9.507   1.00 32.52 ? 142 LYS A CD  1 
ATOM   1131 C  CE  . LYS A 1 146 ? -11.909 2.475   10.852  1.00 33.89 ? 142 LYS A CE  1 
ATOM   1132 N  NZ  . LYS A 1 146 ? -11.131 3.747   10.864  1.00 34.70 ? 142 LYS A NZ  1 
ATOM   1133 N  N   . VAL A 1 147 ? -10.367 2.035   7.055   1.00 22.09 ? 143 VAL A N   1 
ATOM   1134 C  CA  . VAL A 1 147 ? -8.923  1.962   7.181   1.00 21.11 ? 143 VAL A CA  1 
ATOM   1135 C  C   . VAL A 1 147 ? -8.609  1.893   8.671   1.00 20.67 ? 143 VAL A C   1 
ATOM   1136 O  O   . VAL A 1 147 ? -8.755  2.881   9.394   1.00 21.25 ? 143 VAL A O   1 
ATOM   1137 C  CB  . VAL A 1 147 ? -8.244  3.199   6.566   1.00 21.16 ? 143 VAL A CB  1 
ATOM   1138 C  CG1 . VAL A 1 147 ? -6.735  3.062   6.650   1.00 22.14 ? 143 VAL A CG1 1 
ATOM   1139 C  CG2 . VAL A 1 147 ? -8.682  3.357   5.116   1.00 23.30 ? 143 VAL A CG2 1 
ATOM   1140 N  N   . ASP A 1 148 ? -8.185  0.717   9.122   1.00 17.36 ? 144 ASP A N   1 
ATOM   1141 C  CA  . ASP A 1 148 ? -7.878  0.498   10.526  1.00 16.82 ? 144 ASP A CA  1 
ATOM   1142 C  C   . ASP A 1 148 ? -6.598  1.189   10.972  1.00 16.78 ? 144 ASP A C   1 
ATOM   1143 O  O   . ASP A 1 148 ? -6.508  1.682   12.097  1.00 16.73 ? 144 ASP A O   1 
ATOM   1144 C  CB  . ASP A 1 148 ? -7.810  -1.002  10.789  1.00 17.75 ? 144 ASP A CB  1 
ATOM   1145 C  CG  . ASP A 1 148 ? -9.102  -1.706  10.421  1.00 19.24 ? 144 ASP A CG  1 
ATOM   1146 O  OD1 . ASP A 1 148 ? -10.065 -1.636  11.217  1.00 20.05 ? 144 ASP A OD1 1 
ATOM   1147 O  OD2 . ASP A 1 148 ? -9.167  -2.306  9.329   1.00 19.08 ? 144 ASP A OD2 1 
ATOM   1148 N  N   . TYR A 1 149 ? -5.604  1.213   10.092  1.00 17.20 ? 145 TYR A N   1 
ATOM   1149 C  CA  . TYR A 1 149 ? -4.341  1.878   10.387  1.00 16.81 ? 145 TYR A CA  1 
ATOM   1150 C  C   . TYR A 1 149 ? -3.974  2.727   9.181   1.00 17.91 ? 145 TYR A C   1 
ATOM   1151 O  O   . TYR A 1 149 ? -4.013  2.252   8.046   1.00 17.86 ? 145 TYR A O   1 
ATOM   1152 C  CB  . TYR A 1 149 ? -3.232  0.862   10.660  1.00 16.59 ? 145 TYR A CB  1 
ATOM   1153 C  CG  . TYR A 1 149 ? -3.548  -0.108  11.772  1.00 16.58 ? 145 TYR A CG  1 
ATOM   1154 C  CD1 . TYR A 1 149 ? -4.173  -1.326  11.503  1.00 16.55 ? 145 TYR A CD1 1 
ATOM   1155 C  CD2 . TYR A 1 149 ? -3.215  0.188   13.093  1.00 16.00 ? 145 TYR A CD2 1 
ATOM   1156 C  CE1 . TYR A 1 149 ? -4.451  -2.230  12.521  1.00 17.97 ? 145 TYR A CE1 1 
ATOM   1157 C  CE2 . TYR A 1 149 ? -3.492  -0.713  14.123  1.00 16.58 ? 145 TYR A CE2 1 
ATOM   1158 C  CZ  . TYR A 1 149 ? -4.107  -1.919  13.827  1.00 18.16 ? 145 TYR A CZ  1 
ATOM   1159 O  OH  . TYR A 1 149 ? -4.362  -2.822  14.831  1.00 19.89 ? 145 TYR A OH  1 
ATOM   1160 N  N   . CYS A 1 150 ? -3.620  3.983   9.429   1.00 17.81 ? 146 CYS A N   1 
ATOM   1161 C  CA  . CYS A 1 150 ? -3.266  4.890   8.346   1.00 18.83 ? 146 CYS A CA  1 
ATOM   1162 C  C   . CYS A 1 150 ? -2.046  5.731   8.698   1.00 17.73 ? 146 CYS A C   1 
ATOM   1163 O  O   . CYS A 1 150 ? -1.979  6.330   9.771   1.00 19.96 ? 146 CYS A O   1 
ATOM   1164 C  CB  . CYS A 1 150 ? -4.451  5.806   8.030   1.00 20.19 ? 146 CYS A CB  1 
ATOM   1165 S  SG  . CYS A 1 150 ? -4.151  6.933   6.652   1.00 22.33 ? 146 CYS A SG  1 
ATOM   1166 N  N   . GLY A 1 151 ? -1.081  5.772   7.786   1.00 17.39 ? 147 GLY A N   1 
ATOM   1167 C  CA  . GLY A 1 151 ? 0.120   6.541   8.033   1.00 17.25 ? 147 GLY A CA  1 
ATOM   1168 C  C   . GLY A 1 151 ? -0.091  8.032   7.865   1.00 17.23 ? 147 GLY A C   1 
ATOM   1169 O  O   . GLY A 1 151 ? -0.032  8.794   8.835   1.00 16.82 ? 147 GLY A O   1 
ATOM   1170 N  N   . PHE A 1 152 ? -0.359  8.451   6.632   1.00 14.53 ? 148 PHE A N   1 
ATOM   1171 C  CA  . PHE A 1 152 ? -0.554  9.862   6.336   1.00 15.25 ? 148 PHE A CA  1 
ATOM   1172 C  C   . PHE A 1 152 ? -1.716  10.142  5.399   1.00 15.97 ? 148 PHE A C   1 
ATOM   1173 O  O   . PHE A 1 152 ? -1.971  9.386   4.462   1.00 16.53 ? 148 PHE A O   1 
ATOM   1174 C  CB  . PHE A 1 152 ? 0.706   10.452  5.698   1.00 14.40 ? 148 PHE A CB  1 
ATOM   1175 C  CG  . PHE A 1 152 ? 1.953   10.236  6.498   1.00 14.64 ? 148 PHE A CG  1 
ATOM   1176 C  CD1 . PHE A 1 152 ? 2.663   9.044   6.396   1.00 14.68 ? 148 PHE A CD1 1 
ATOM   1177 C  CD2 . PHE A 1 152 ? 2.418   11.223  7.359   1.00 15.93 ? 148 PHE A CD2 1 
ATOM   1178 C  CE1 . PHE A 1 152 ? 3.816   8.840   7.139   1.00 14.66 ? 148 PHE A CE1 1 
ATOM   1179 C  CE2 . PHE A 1 152 ? 3.571   11.029  8.107   1.00 15.11 ? 148 PHE A CE2 1 
ATOM   1180 C  CZ  . PHE A 1 152 ? 4.273   9.836   7.998   1.00 16.08 ? 148 PHE A CZ  1 
ATOM   1181 N  N   . LYS A 1 153 ? -2.413  11.245  5.658   1.00 17.16 ? 149 LYS A N   1 
ATOM   1182 C  CA  . LYS A 1 153 ? -3.507  11.677  4.805   1.00 19.42 ? 149 LYS A CA  1 
ATOM   1183 C  C   . LYS A 1 153 ? -2.931  12.813  3.971   1.00 19.75 ? 149 LYS A C   1 
ATOM   1184 O  O   . LYS A 1 153 ? -2.333  13.745  4.511   1.00 18.90 ? 149 LYS A O   1 
ATOM   1185 C  CB  . LYS A 1 153 ? -4.684  12.188  5.635   1.00 21.86 ? 149 LYS A CB  1 
ATOM   1186 C  CG  . LYS A 1 153 ? -5.298  11.135  6.538   1.00 26.60 ? 149 LYS A CG  1 
ATOM   1187 C  CD  . LYS A 1 153 ? -6.809  11.125  6.372   1.00 30.25 ? 149 LYS A CD  1 
ATOM   1188 C  CE  . LYS A 1 153 ? -7.498  10.158  7.328   1.00 34.88 ? 149 LYS A CE  1 
ATOM   1189 N  NZ  . LYS A 1 153 ? -7.158  8.732   7.063   1.00 35.22 ? 149 LYS A NZ  1 
ATOM   1190 N  N   . ILE A 1 154 ? -3.089  12.721  2.656   1.00 17.49 ? 150 ILE A N   1 
ATOM   1191 C  CA  . ILE A 1 154 ? -2.564  13.746  1.767   1.00 16.78 ? 150 ILE A CA  1 
ATOM   1192 C  C   . ILE A 1 154 ? -3.585  14.203  0.733   1.00 16.96 ? 150 ILE A C   1 
ATOM   1193 O  O   . ILE A 1 154 ? -4.568  13.511  0.459   1.00 14.56 ? 150 ILE A O   1 
ATOM   1194 C  CB  . ILE A 1 154 ? -1.325  13.237  0.990   1.00 17.37 ? 150 ILE A CB  1 
ATOM   1195 C  CG1 . ILE A 1 154 ? -1.733  12.094  0.055   1.00 18.57 ? 150 ILE A CG1 1 
ATOM   1196 C  CG2 . ILE A 1 154 ? -0.251  12.758  1.962   1.00 17.63 ? 150 ILE A CG2 1 
ATOM   1197 C  CD1 . ILE A 1 154 ? -0.654  11.688  -0.938  1.00 18.12 ? 150 ILE A CD1 1 
ATOM   1198 N  N   . PRO A 1 155 ? -3.372  15.398  0.159   1.00 16.24 ? 151 PRO A N   1 
ATOM   1199 C  CA  . PRO A 1 155 ? -4.280  15.928  -0.858  1.00 16.19 ? 151 PRO A CA  1 
ATOM   1200 C  C   . PRO A 1 155 ? -4.074  15.090  -2.117  1.00 15.85 ? 151 PRO A C   1 
ATOM   1201 O  O   . PRO A 1 155 ? -3.126  14.301  -2.191  1.00 14.84 ? 151 PRO A O   1 
ATOM   1202 C  CB  . PRO A 1 155 ? -3.811  17.371  -1.023  1.00 16.62 ? 151 PRO A CB  1 
ATOM   1203 C  CG  . PRO A 1 155 ? -2.356  17.295  -0.693  1.00 18.28 ? 151 PRO A CG  1 
ATOM   1204 C  CD  . PRO A 1 155 ? -2.334  16.384  0.505   1.00 18.61 ? 151 PRO A CD  1 
ATOM   1205 N  N   . ASP A 1 156 ? -4.950  15.255  -3.100  1.00 15.77 ? 152 ASP A N   1 
ATOM   1206 C  CA  . ASP A 1 156 ? -4.851  14.484  -4.331  1.00 16.31 ? 152 ASP A CA  1 
ATOM   1207 C  C   . ASP A 1 156 ? -3.813  15.029  -5.312  1.00 16.57 ? 152 ASP A C   1 
ATOM   1208 O  O   . ASP A 1 156 ? -4.154  15.548  -6.378  1.00 16.88 ? 152 ASP A O   1 
ATOM   1209 C  CB  . ASP A 1 156 ? -6.228  14.399  -5.002  1.00 16.05 ? 152 ASP A CB  1 
ATOM   1210 C  CG  . ASP A 1 156 ? -6.200  13.617  -6.301  1.00 14.31 ? 152 ASP A CG  1 
ATOM   1211 O  OD1 . ASP A 1 156 ? -5.535  12.564  -6.352  1.00 12.53 ? 152 ASP A OD1 1 
ATOM   1212 O  OD2 . ASP A 1 156 ? -6.854  14.052  -7.270  1.00 14.77 ? 152 ASP A OD2 1 
ATOM   1213 N  N   . LYS A 1 157 ? -2.543  14.923  -4.932  1.00 15.16 ? 153 LYS A N   1 
ATOM   1214 C  CA  . LYS A 1 157 ? -1.448  15.358  -5.786  1.00 15.60 ? 153 LYS A CA  1 
ATOM   1215 C  C   . LYS A 1 157 ? -0.876  14.134  -6.490  1.00 14.57 ? 153 LYS A C   1 
ATOM   1216 O  O   . LYS A 1 157 ? -1.079  12.999  -6.046  1.00 12.94 ? 153 LYS A O   1 
ATOM   1217 C  CB  . LYS A 1 157 ? -0.364  16.064  -4.968  1.00 18.40 ? 153 LYS A CB  1 
ATOM   1218 C  CG  . LYS A 1 157 ? -0.724  17.506  -4.642  1.00 23.62 ? 153 LYS A CG  1 
ATOM   1219 C  CD  . LYS A 1 157 ? 0.329   18.206  -3.795  1.00 28.37 ? 153 LYS A CD  1 
ATOM   1220 C  CE  . LYS A 1 157 ? -0.199  18.469  -2.395  1.00 30.96 ? 153 LYS A CE  1 
ATOM   1221 N  NZ  . LYS A 1 157 ? 0.355   19.712  -1.787  1.00 32.36 ? 153 LYS A NZ  1 
ATOM   1222 N  N   . PHE A 1 158 ? -0.177  14.368  -7.597  1.00 13.76 ? 154 PHE A N   1 
ATOM   1223 C  CA  . PHE A 1 158 ? 0.420   13.288  -8.375  1.00 13.48 ? 154 PHE A CA  1 
ATOM   1224 C  C   . PHE A 1 158 ? 1.699   12.869  -7.665  1.00 11.89 ? 154 PHE A C   1 
ATOM   1225 O  O   . PHE A 1 158 ? 2.741   13.499  -7.830  1.00 12.57 ? 154 PHE A O   1 
ATOM   1226 C  CB  . PHE A 1 158 ? 0.728   13.783  -9.791  1.00 13.10 ? 154 PHE A CB  1 
ATOM   1227 C  CG  . PHE A 1 158 ? 0.848   12.687  -10.809 1.00 12.35 ? 154 PHE A CG  1 
ATOM   1228 C  CD1 . PHE A 1 158 ? 0.160   12.771  -12.017 1.00 14.16 ? 154 PHE A CD1 1 
ATOM   1229 C  CD2 . PHE A 1 158 ? 1.637   11.571  -10.566 1.00 12.41 ? 154 PHE A CD2 1 
ATOM   1230 C  CE1 . PHE A 1 158 ? 0.256   11.759  -12.972 1.00 14.44 ? 154 PHE A CE1 1 
ATOM   1231 C  CE2 . PHE A 1 158 ? 1.743   10.550  -11.517 1.00 15.04 ? 154 PHE A CE2 1 
ATOM   1232 C  CZ  . PHE A 1 158 ? 1.048   10.648  -12.722 1.00 14.83 ? 154 PHE A CZ  1 
ATOM   1233 N  N   . VAL A 1 159 ? 1.619   11.802  -6.878  1.00 10.91 ? 155 VAL A N   1 
ATOM   1234 C  CA  . VAL A 1 159 ? 2.773   11.359  -6.109  1.00 11.48 ? 155 VAL A CA  1 
ATOM   1235 C  C   . VAL A 1 159 ? 3.406   10.047  -6.547  1.00 11.13 ? 155 VAL A C   1 
ATOM   1236 O  O   . VAL A 1 159 ? 2.775   9.218   -7.198  1.00 10.84 ? 155 VAL A O   1 
ATOM   1237 C  CB  . VAL A 1 159 ? 2.417   11.233  -4.607  1.00 11.90 ? 155 VAL A CB  1 
ATOM   1238 C  CG1 . VAL A 1 159 ? 1.850   12.545  -4.095  1.00 12.22 ? 155 VAL A CG1 1 
ATOM   1239 C  CG2 . VAL A 1 159 ? 1.412   10.108  -4.396  1.00 12.48 ? 155 VAL A CG2 1 
ATOM   1240 N  N   . VAL A 1 160 ? 4.674   9.894   -6.173  1.00 11.77 ? 156 VAL A N   1 
ATOM   1241 C  CA  . VAL A 1 160 ? 5.470   8.700   -6.444  1.00 10.19 ? 156 VAL A CA  1 
ATOM   1242 C  C   . VAL A 1 160 ? 6.413   8.527   -5.263  1.00 10.31 ? 156 VAL A C   1 
ATOM   1243 O  O   . VAL A 1 160 ? 6.550   9.437   -4.437  1.00 10.88 ? 156 VAL A O   1 
ATOM   1244 C  CB  . VAL A 1 160 ? 6.326   8.830   -7.728  1.00 10.76 ? 156 VAL A CB  1 
ATOM   1245 C  CG1 . VAL A 1 160 ? 5.429   8.865   -8.956  1.00 11.99 ? 156 VAL A CG1 1 
ATOM   1246 C  CG2 . VAL A 1 160 ? 7.197   10.085  -7.656  1.00 11.77 ? 156 VAL A CG2 1 
ATOM   1247 N  N   . GLY A 1 161 ? 7.056   7.364   -5.181  1.00 8.18  ? 157 GLY A N   1 
ATOM   1248 C  CA  . GLY A 1 161 ? 7.995   7.111   -4.100  1.00 9.91  ? 157 GLY A CA  1 
ATOM   1249 C  C   . GLY A 1 161 ? 7.566   6.049   -3.104  1.00 9.17  ? 157 GLY A C   1 
ATOM   1250 O  O   . GLY A 1 161 ? 6.385   5.713   -3.000  1.00 9.44  ? 157 GLY A O   1 
ATOM   1251 N  N   . TYR A 1 162 ? 8.543   5.534   -2.363  1.00 9.73  ? 158 TYR A N   1 
ATOM   1252 C  CA  . TYR A 1 162 ? 8.306   4.513   -1.350  1.00 10.51 ? 158 TYR A CA  1 
ATOM   1253 C  C   . TYR A 1 162 ? 7.419   3.404   -1.902  1.00 10.13 ? 158 TYR A C   1 
ATOM   1254 O  O   . TYR A 1 162 ? 6.453   2.991   -1.262  1.00 11.01 ? 158 TYR A O   1 
ATOM   1255 C  CB  . TYR A 1 162 ? 7.655   5.135   -0.106  1.00 10.59 ? 158 TYR A CB  1 
ATOM   1256 C  CG  . TYR A 1 162 ? 7.786   4.299   1.154   1.00 11.06 ? 158 TYR A CG  1 
ATOM   1257 C  CD1 . TYR A 1 162 ? 9.038   3.978   1.676   1.00 12.27 ? 158 TYR A CD1 1 
ATOM   1258 C  CD2 . TYR A 1 162 ? 6.655   3.838   1.829   1.00 12.31 ? 158 TYR A CD2 1 
ATOM   1259 C  CE1 . TYR A 1 162 ? 9.161   3.215   2.845   1.00 13.75 ? 158 TYR A CE1 1 
ATOM   1260 C  CE2 . TYR A 1 162 ? 6.764   3.081   2.990   1.00 12.14 ? 158 TYR A CE2 1 
ATOM   1261 C  CZ  . TYR A 1 162 ? 8.016   2.774   3.491   1.00 13.46 ? 158 TYR A CZ  1 
ATOM   1262 O  OH  . TYR A 1 162 ? 8.115   2.020   4.638   1.00 13.74 ? 158 TYR A OH  1 
ATOM   1263 N  N   . GLY A 1 163 ? 7.751   2.937   -3.102  1.00 12.06 ? 159 GLY A N   1 
ATOM   1264 C  CA  . GLY A 1 163 ? 6.988   1.866   -3.719  1.00 12.09 ? 159 GLY A CA  1 
ATOM   1265 C  C   . GLY A 1 163 ? 6.007   2.291   -4.796  1.00 12.78 ? 159 GLY A C   1 
ATOM   1266 O  O   . GLY A 1 163 ? 5.668   1.497   -5.673  1.00 11.54 ? 159 GLY A O   1 
ATOM   1267 N  N   . ILE A 1 164 ? 5.549   3.539   -4.731  1.00 11.24 ? 160 ILE A N   1 
ATOM   1268 C  CA  . ILE A 1 164 ? 4.589   4.061   -5.698  1.00 11.06 ? 160 ILE A CA  1 
ATOM   1269 C  C   . ILE A 1 164 ? 5.307   4.495   -6.963  1.00 10.10 ? 160 ILE A C   1 
ATOM   1270 O  O   . ILE A 1 164 ? 6.233   5.302   -6.921  1.00 10.62 ? 160 ILE A O   1 
ATOM   1271 C  CB  . ILE A 1 164 ? 3.813   5.253   -5.115  1.00 11.42 ? 160 ILE A CB  1 
ATOM   1272 C  CG1 . ILE A 1 164 ? 3.109   4.823   -3.825  1.00 13.12 ? 160 ILE A CG1 1 
ATOM   1273 C  CG2 . ILE A 1 164 ? 2.806   5.760   -6.133  1.00 10.87 ? 160 ILE A CG2 1 
ATOM   1274 C  CD1 . ILE A 1 164 ? 2.545   5.972   -3.008  1.00 13.90 ? 160 ILE A CD1 1 
ATOM   1275 N  N   . ASP A 1 165 ? 4.858   3.974   -8.098  1.00 9.70  ? 161 ASP A N   1 
ATOM   1276 C  CA  . ASP A 1 165 ? 5.508   4.272   -9.361  1.00 10.76 ? 161 ASP A CA  1 
ATOM   1277 C  C   . ASP A 1 165 ? 4.725   5.144   -10.312 1.00 11.10 ? 161 ASP A C   1 
ATOM   1278 O  O   . ASP A 1 165 ? 3.581   5.516   -10.067 1.00 11.08 ? 161 ASP A O   1 
ATOM   1279 C  CB  . ASP A 1 165 ? 5.790   2.968   -10.108 1.00 12.39 ? 161 ASP A CB  1 
ATOM   1280 C  CG  . ASP A 1 165 ? 4.530   2.382   -10.732 1.00 12.90 ? 161 ASP A CG  1 
ATOM   1281 O  OD1 . ASP A 1 165 ? 3.557   2.141   -9.984  1.00 13.48 ? 161 ASP A OD1 1 
ATOM   1282 O  OD2 . ASP A 1 165 ? 4.501   2.174   -11.965 1.00 14.76 ? 161 ASP A OD2 1 
ATOM   1283 N  N   . TYR A 1 166 ? 5.410   5.461   -11.404 1.00 13.77 ? 162 TYR A N   1 
ATOM   1284 C  CA  . TYR A 1 166 ? 4.859   6.167   -12.547 1.00 12.69 ? 162 TYR A CA  1 
ATOM   1285 C  C   . TYR A 1 166 ? 5.600   5.463   -13.674 1.00 13.80 ? 162 TYR A C   1 
ATOM   1286 O  O   . TYR A 1 166 ? 6.813   5.636   -13.827 1.00 13.47 ? 162 TYR A O   1 
ATOM   1287 C  CB  . TYR A 1 166 ? 5.195   7.653   -12.598 1.00 13.64 ? 162 TYR A CB  1 
ATOM   1288 C  CG  . TYR A 1 166 ? 4.721   8.227   -13.916 1.00 14.39 ? 162 TYR A CG  1 
ATOM   1289 C  CD1 . TYR A 1 166 ? 3.359   8.311   -14.205 1.00 17.60 ? 162 TYR A CD1 1 
ATOM   1290 C  CD2 . TYR A 1 166 ? 5.628   8.558   -14.923 1.00 17.55 ? 162 TYR A CD2 1 
ATOM   1291 C  CE1 . TYR A 1 166 ? 2.909   8.701   -15.467 1.00 21.18 ? 162 TYR A CE1 1 
ATOM   1292 C  CE2 . TYR A 1 166 ? 5.189   8.948   -16.189 1.00 21.22 ? 162 TYR A CE2 1 
ATOM   1293 C  CZ  . TYR A 1 166 ? 3.830   9.013   -16.454 1.00 21.20 ? 162 TYR A CZ  1 
ATOM   1294 O  OH  . TYR A 1 166 ? 3.395   9.367   -17.713 1.00 25.40 ? 162 TYR A OH  1 
ATOM   1295 N  N   . ALA A 1 167 ? 4.883   4.642   -14.434 1.00 13.94 ? 163 ALA A N   1 
ATOM   1296 C  CA  . ALA A 1 167 ? 5.487   3.903   -15.531 1.00 15.27 ? 163 ALA A CA  1 
ATOM   1297 C  C   . ALA A 1 167 ? 6.666   3.068   -15.031 1.00 14.02 ? 163 ALA A C   1 
ATOM   1298 O  O   . ALA A 1 167 ? 7.719   3.017   -15.670 1.00 14.66 ? 163 ALA A O   1 
ATOM   1299 C  CB  . ALA A 1 167 ? 5.941   4.867   -16.628 1.00 16.87 ? 163 ALA A CB  1 
ATOM   1300 N  N   . GLU A 1 168 ? 6.469   2.424   -13.879 1.00 13.14 ? 164 GLU A N   1 
ATOM   1301 C  CA  . GLU A 1 168 ? 7.458   1.556   -13.234 1.00 13.92 ? 164 GLU A CA  1 
ATOM   1302 C  C   . GLU A 1 168 ? 8.651   2.265   -12.593 1.00 12.78 ? 164 GLU A C   1 
ATOM   1303 O  O   . GLU A 1 168 ? 9.466   1.630   -11.928 1.00 12.88 ? 164 GLU A O   1 
ATOM   1304 C  CB  . GLU A 1 168 ? 7.959   0.492   -14.219 1.00 15.14 ? 164 GLU A CB  1 
ATOM   1305 C  CG  . GLU A 1 168 ? 6.890   -0.511  -14.650 1.00 16.80 ? 164 GLU A CG  1 
ATOM   1306 C  CD  . GLU A 1 168 ? 6.558   -1.529  -13.569 1.00 21.73 ? 164 GLU A CD  1 
ATOM   1307 O  OE1 . GLU A 1 168 ? 6.959   -1.328  -12.402 1.00 19.05 ? 164 GLU A OE1 1 
ATOM   1308 O  OE2 . GLU A 1 168 ? 5.896   -2.539  -13.884 1.00 25.72 ? 164 GLU A OE2 1 
ATOM   1309 N  N   . LYS A 1 169 ? 8.747   3.579   -12.775 1.00 11.85 ? 165 LYS A N   1 
ATOM   1310 C  CA  . LYS A 1 169 ? 9.849   4.340   -12.191 1.00 11.23 ? 165 LYS A CA  1 
ATOM   1311 C  C   . LYS A 1 169 ? 9.462   5.019   -10.876 1.00 10.72 ? 165 LYS A C   1 
ATOM   1312 O  O   . LYS A 1 169 ? 8.281   5.136   -10.549 1.00 11.46 ? 165 LYS A O   1 
ATOM   1313 C  CB  . LYS A 1 169 ? 10.333  5.414   -13.170 1.00 11.75 ? 165 LYS A CB  1 
ATOM   1314 C  CG  . LYS A 1 169 ? 10.792  4.882   -14.513 1.00 14.08 ? 165 LYS A CG  1 
ATOM   1315 C  CD  . LYS A 1 169 ? 11.958  3.926   -14.358 1.00 15.96 ? 165 LYS A CD  1 
ATOM   1316 C  CE  . LYS A 1 169 ? 12.376  3.364   -15.712 1.00 18.70 ? 165 LYS A CE  1 
ATOM   1317 N  NZ  . LYS A 1 169 ? 13.449  2.353   -15.559 1.00 17.73 ? 165 LYS A NZ  1 
ATOM   1318 N  N   . TYR A 1 170 ? 10.485  5.449   -10.140 1.00 10.26 ? 166 TYR A N   1 
ATOM   1319 C  CA  . TYR A 1 170 ? 10.359  6.163   -8.864  1.00 10.56 ? 166 TYR A CA  1 
ATOM   1320 C  C   . TYR A 1 170 ? 9.995   5.363   -7.623  1.00 10.45 ? 166 TYR A C   1 
ATOM   1321 O  O   . TYR A 1 170 ? 9.893   5.930   -6.541  1.00 9.40  ? 166 TYR A O   1 
ATOM   1322 C  CB  . TYR A 1 170 ? 9.377   7.335   -9.000  1.00 10.22 ? 166 TYR A CB  1 
ATOM   1323 C  CG  . TYR A 1 170 ? 9.664   8.224   -10.186 1.00 11.87 ? 166 TYR A CG  1 
ATOM   1324 C  CD1 . TYR A 1 170 ? 8.823   8.217   -11.296 1.00 14.24 ? 166 TYR A CD1 1 
ATOM   1325 C  CD2 . TYR A 1 170 ? 10.802  9.030   -10.226 1.00 11.89 ? 166 TYR A CD2 1 
ATOM   1326 C  CE1 . TYR A 1 170 ? 9.103   8.979   -12.416 1.00 13.33 ? 166 TYR A CE1 1 
ATOM   1327 C  CE2 . TYR A 1 170 ? 11.096  9.801   -11.352 1.00 11.06 ? 166 TYR A CE2 1 
ATOM   1328 C  CZ  . TYR A 1 170 ? 10.238  9.767   -12.443 1.00 12.84 ? 166 TYR A CZ  1 
ATOM   1329 O  OH  . TYR A 1 170 ? 10.505  10.508  -13.571 1.00 14.22 ? 166 TYR A OH  1 
ATOM   1330 N  N   . ARG A 1 171 ? 9.800   4.056   -7.757  1.00 9.27  ? 167 ARG A N   1 
ATOM   1331 C  CA  . ARG A 1 171 ? 9.456   3.263   -6.585  1.00 9.04  ? 167 ARG A CA  1 
ATOM   1332 C  C   . ARG A 1 171 ? 10.569  3.336   -5.546  1.00 10.37 ? 167 ARG A C   1 
ATOM   1333 O  O   . ARG A 1 171 ? 10.304  3.252   -4.343  1.00 10.90 ? 167 ARG A O   1 
ATOM   1334 C  CB  . ARG A 1 171 ? 9.236   1.790   -6.954  1.00 10.93 ? 167 ARG A CB  1 
ATOM   1335 C  CG  . ARG A 1 171 ? 8.102   1.498   -7.916  1.00 10.61 ? 167 ARG A CG  1 
ATOM   1336 C  CD  . ARG A 1 171 ? 7.921   -0.026  -8.050  1.00 11.82 ? 167 ARG A CD  1 
ATOM   1337 N  NE  . ARG A 1 171 ? 7.036   -0.413  -9.148  1.00 10.49 ? 167 ARG A NE  1 
ATOM   1338 C  CZ  . ARG A 1 171 ? 5.708   -0.431  -9.088  1.00 11.40 ? 167 ARG A CZ  1 
ATOM   1339 N  NH1 . ARG A 1 171 ? 5.080   -0.088  -7.972  1.00 11.62 ? 167 ARG A NH1 1 
ATOM   1340 N  NH2 . ARG A 1 171 ? 5.005   -0.799  -10.154 1.00 14.03 ? 167 ARG A NH2 1 
ATOM   1341 N  N   . ASN A 1 172 ? 11.807  3.502   -6.014  1.00 10.06 ? 168 ASN A N   1 
ATOM   1342 C  CA  . ASN A 1 172 ? 12.964  3.538   -5.131  1.00 11.21 ? 168 ASN A CA  1 
ATOM   1343 C  C   . ASN A 1 172 ? 13.264  4.862   -4.436  1.00 12.48 ? 168 ASN A C   1 
ATOM   1344 O  O   . ASN A 1 172 ? 14.287  4.987   -3.756  1.00 11.03 ? 168 ASN A O   1 
ATOM   1345 C  CB  . ASN A 1 172 ? 14.209  3.035   -5.879  1.00 11.79 ? 168 ASN A CB  1 
ATOM   1346 C  CG  . ASN A 1 172 ? 14.549  3.872   -7.091  1.00 12.44 ? 168 ASN A CG  1 
ATOM   1347 O  OD1 . ASN A 1 172 ? 13.670  4.255   -7.868  1.00 13.40 ? 168 ASN A OD1 1 
ATOM   1348 N  ND2 . ASN A 1 172 ? 15.838  4.150   -7.272  1.00 12.72 ? 168 ASN A ND2 1 
ATOM   1349 N  N   . LEU A 1 173 ? 12.396  5.856   -4.600  1.00 12.40 ? 169 LEU A N   1 
ATOM   1350 C  CA  . LEU A 1 173 ? 12.606  7.114   -3.890  1.00 13.09 ? 169 LEU A CA  1 
ATOM   1351 C  C   . LEU A 1 173 ? 12.329  6.781   -2.429  1.00 12.92 ? 169 LEU A C   1 
ATOM   1352 O  O   . LEU A 1 173 ? 11.357  6.086   -2.119  1.00 12.93 ? 169 LEU A O   1 
ATOM   1353 C  CB  . LEU A 1 173 ? 11.630  8.191   -4.369  1.00 11.55 ? 169 LEU A CB  1 
ATOM   1354 C  CG  . LEU A 1 173 ? 11.920  8.785   -5.749  1.00 15.08 ? 169 LEU A CG  1 
ATOM   1355 C  CD1 . LEU A 1 173 ? 10.752  9.666   -6.176  1.00 14.29 ? 169 LEU A CD1 1 
ATOM   1356 C  CD2 . LEU A 1 173 ? 13.215  9.587   -5.698  1.00 13.42 ? 169 LEU A CD2 1 
ATOM   1357 N  N   . PRO A 1 174 ? 13.180  7.259   -1.507  1.00 13.88 ? 170 PRO A N   1 
ATOM   1358 C  CA  . PRO A 1 174 ? 13.006  6.992   -0.077  1.00 16.13 ? 170 PRO A CA  1 
ATOM   1359 C  C   . PRO A 1 174 ? 11.969  7.880   0.607   1.00 15.46 ? 170 PRO A C   1 
ATOM   1360 O  O   . PRO A 1 174 ? 11.778  7.799   1.820   1.00 14.43 ? 170 PRO A O   1 
ATOM   1361 C  CB  . PRO A 1 174 ? 14.406  7.210   0.478   1.00 16.33 ? 170 PRO A CB  1 
ATOM   1362 C  CG  . PRO A 1 174 ? 14.901  8.342   -0.357  1.00 16.87 ? 170 PRO A CG  1 
ATOM   1363 C  CD  . PRO A 1 174 ? 14.462  7.944   -1.757  1.00 16.80 ? 170 PRO A CD  1 
ATOM   1364 N  N   . PHE A 1 175 ? 11.306  8.721   -0.181  1.00 14.93 ? 171 PHE A N   1 
ATOM   1365 C  CA  . PHE A 1 175 ? 10.290  9.632   0.336   1.00 13.16 ? 171 PHE A CA  1 
ATOM   1366 C  C   . PHE A 1 175 ? 9.093   9.674   -0.607  1.00 13.30 ? 171 PHE A C   1 
ATOM   1367 O  O   . PHE A 1 175 ? 9.123   9.074   -1.686  1.00 13.12 ? 171 PHE A O   1 
ATOM   1368 C  CB  . PHE A 1 175 ? 10.881  11.043  0.474   1.00 13.47 ? 171 PHE A CB  1 
ATOM   1369 C  CG  . PHE A 1 175 ? 11.497  11.574  -0.799  1.00 14.29 ? 171 PHE A CG  1 
ATOM   1370 C  CD1 . PHE A 1 175 ? 10.699  11.938  -1.882  1.00 14.74 ? 171 PHE A CD1 1 
ATOM   1371 C  CD2 . PHE A 1 175 ? 12.880  11.707  -0.914  1.00 16.35 ? 171 PHE A CD2 1 
ATOM   1372 C  CE1 . PHE A 1 175 ? 11.267  12.414  -3.065  1.00 14.60 ? 171 PHE A CE1 1 
ATOM   1373 C  CE2 . PHE A 1 175 ? 13.460  12.182  -2.093  1.00 16.36 ? 171 PHE A CE2 1 
ATOM   1374 C  CZ  . PHE A 1 175 ? 12.648  12.542  -3.169  1.00 15.53 ? 171 PHE A CZ  1 
ATOM   1375 N  N   . ILE A 1 176 ? 8.039   10.369  -0.190  1.00 12.33 ? 172 ILE A N   1 
ATOM   1376 C  CA  . ILE A 1 176 ? 6.852   10.522  -1.021  1.00 13.26 ? 172 ILE A CA  1 
ATOM   1377 C  C   . ILE A 1 176 ? 6.970   11.909  -1.627  1.00 13.98 ? 172 ILE A C   1 
ATOM   1378 O  O   . ILE A 1 176 ? 6.977   12.908  -0.904  1.00 15.10 ? 172 ILE A O   1 
ATOM   1379 C  CB  . ILE A 1 176 ? 5.553   10.461  -0.194  1.00 13.79 ? 172 ILE A CB  1 
ATOM   1380 C  CG1 . ILE A 1 176 ? 5.470   9.125   0.547   1.00 16.66 ? 172 ILE A CG1 1 
ATOM   1381 C  CG2 . ILE A 1 176 ? 4.343   10.635  -1.110  1.00 14.83 ? 172 ILE A CG2 1 
ATOM   1382 C  CD1 . ILE A 1 176 ? 5.503   7.921   -0.357  1.00 17.21 ? 172 ILE A CD1 1 
ATOM   1383 N  N   . GLY A 1 177 ? 7.076   11.975  -2.946  1.00 12.97 ? 173 GLY A N   1 
ATOM   1384 C  CA  . GLY A 1 177 ? 7.208   13.272  -3.577  1.00 13.31 ? 173 GLY A CA  1 
ATOM   1385 C  C   . GLY A 1 177 ? 6.211   13.521  -4.684  1.00 13.00 ? 173 GLY A C   1 
ATOM   1386 O  O   . GLY A 1 177 ? 5.618   12.589  -5.222  1.00 12.14 ? 173 GLY A O   1 
ATOM   1387 N  N   . VAL A 1 178 ? 6.023   14.796  -5.014  1.00 11.20 ? 174 VAL A N   1 
ATOM   1388 C  CA  . VAL A 1 178 ? 5.112   15.185  -6.085  1.00 12.13 ? 174 VAL A CA  1 
ATOM   1389 C  C   . VAL A 1 178 ? 5.910   15.162  -7.382  1.00 12.25 ? 174 VAL A C   1 
ATOM   1390 O  O   . VAL A 1 178 ? 6.954   15.804  -7.488  1.00 12.10 ? 174 VAL A O   1 
ATOM   1391 C  CB  . VAL A 1 178 ? 4.561   16.611  -5.872  1.00 12.80 ? 174 VAL A CB  1 
ATOM   1392 C  CG1 . VAL A 1 178 ? 3.674   17.005  -7.047  1.00 12.57 ? 174 VAL A CG1 1 
ATOM   1393 C  CG2 . VAL A 1 178 ? 3.776   16.683  -4.569  1.00 13.13 ? 174 VAL A CG2 1 
ATOM   1394 N  N   . LEU A 1 179 ? 5.419   14.423  -8.369  1.00 11.86 ? 175 LEU A N   1 
ATOM   1395 C  CA  . LEU A 1 179 ? 6.108   14.313  -9.652  1.00 12.03 ? 175 LEU A CA  1 
ATOM   1396 C  C   . LEU A 1 179 ? 5.890   15.546  -10.530 1.00 11.75 ? 175 LEU A C   1 
ATOM   1397 O  O   . LEU A 1 179 ? 4.772   16.041  -10.647 1.00 10.91 ? 175 LEU A O   1 
ATOM   1398 C  CB  . LEU A 1 179 ? 5.618   13.063  -10.385 1.00 12.06 ? 175 LEU A CB  1 
ATOM   1399 C  CG  . LEU A 1 179 ? 6.287   12.699  -11.710 1.00 11.88 ? 175 LEU A CG  1 
ATOM   1400 C  CD1 . LEU A 1 179 ? 7.763   12.404  -11.492 1.00 12.61 ? 175 LEU A CD1 1 
ATOM   1401 C  CD2 . LEU A 1 179 ? 5.584   11.484  -12.303 1.00 13.29 ? 175 LEU A CD2 1 
ATOM   1402 N  N   . LYS A 1 180 ? 6.961   16.044  -11.142 1.00 11.65 ? 176 LYS A N   1 
ATOM   1403 C  CA  . LYS A 1 180 ? 6.854   17.209  -12.019 1.00 13.00 ? 176 LYS A CA  1 
ATOM   1404 C  C   . LYS A 1 180 ? 5.969   16.869  -13.216 1.00 13.07 ? 176 LYS A C   1 
ATOM   1405 O  O   . LYS A 1 180 ? 6.123   15.813  -13.836 1.00 12.68 ? 176 LYS A O   1 
ATOM   1406 C  CB  . LYS A 1 180 ? 8.240   17.634  -12.506 1.00 12.81 ? 176 LYS A CB  1 
ATOM   1407 C  CG  . LYS A 1 180 ? 9.156   18.178  -11.416 1.00 15.33 ? 176 LYS A CG  1 
ATOM   1408 C  CD  . LYS A 1 180 ? 10.520  18.540  -11.996 1.00 16.56 ? 176 LYS A CD  1 
ATOM   1409 C  CE  . LYS A 1 180 ? 11.462  19.086  -10.929 1.00 17.81 ? 176 LYS A CE  1 
ATOM   1410 N  NZ  . LYS A 1 180 ? 12.809  19.403  -11.499 1.00 18.76 ? 176 LYS A NZ  1 
ATOM   1411 N  N   . PRO A 1 181 ? 5.028   17.758  -13.562 1.00 15.03 ? 177 PRO A N   1 
ATOM   1412 C  CA  . PRO A 1 181 ? 4.143   17.487  -14.698 1.00 15.95 ? 177 PRO A CA  1 
ATOM   1413 C  C   . PRO A 1 181 ? 4.847   17.169  -16.017 1.00 15.09 ? 177 PRO A C   1 
ATOM   1414 O  O   . PRO A 1 181 ? 4.299   16.460  -16.859 1.00 16.64 ? 177 PRO A O   1 
ATOM   1415 C  CB  . PRO A 1 181 ? 3.264   18.742  -14.767 1.00 16.21 ? 177 PRO A CB  1 
ATOM   1416 C  CG  . PRO A 1 181 ? 4.106   19.804  -14.117 1.00 20.04 ? 177 PRO A CG  1 
ATOM   1417 C  CD  . PRO A 1 181 ? 4.728   19.068  -12.959 1.00 15.84 ? 177 PRO A CD  1 
ATOM   1418 N  N   . GLU A 1 182 ? 6.061   17.680  -16.195 1.00 15.89 ? 178 GLU A N   1 
ATOM   1419 C  CA  . GLU A 1 182 ? 6.809   17.426  -17.422 1.00 16.40 ? 178 GLU A CA  1 
ATOM   1420 C  C   . GLU A 1 182 ? 7.083   15.939  -17.649 1.00 17.36 ? 178 GLU A C   1 
ATOM   1421 O  O   . GLU A 1 182 ? 7.278   15.508  -18.787 1.00 19.40 ? 178 GLU A O   1 
ATOM   1422 C  CB  . GLU A 1 182 ? 8.133   18.198  -17.408 1.00 17.74 ? 178 GLU A CB  1 
ATOM   1423 C  CG  . GLU A 1 182 ? 7.972   19.711  -17.542 1.00 21.35 ? 178 GLU A CG  1 
ATOM   1424 C  CD  . GLU A 1 182 ? 7.377   20.377  -16.300 1.00 24.57 ? 178 GLU A CD  1 
ATOM   1425 O  OE1 . GLU A 1 182 ? 6.720   21.429  -16.456 1.00 26.86 ? 178 GLU A OE1 1 
ATOM   1426 O  OE2 . GLU A 1 182 ? 7.570   19.871  -15.173 1.00 20.27 ? 178 GLU A OE2 1 
ATOM   1427 N  N   . LEU A 1 183 ? 7.095   15.153  -16.575 1.00 14.54 ? 179 LEU A N   1 
ATOM   1428 C  CA  . LEU A 1 183 ? 7.356   13.720  -16.688 1.00 14.86 ? 179 LEU A CA  1 
ATOM   1429 C  C   . LEU A 1 183 ? 6.120   12.896  -17.028 1.00 16.99 ? 179 LEU A C   1 
ATOM   1430 O  O   . LEU A 1 183 ? 6.241   11.780  -17.539 1.00 18.09 ? 179 LEU A O   1 
ATOM   1431 C  CB  . LEU A 1 183 ? 7.987   13.179  -15.396 1.00 13.14 ? 179 LEU A CB  1 
ATOM   1432 C  CG  . LEU A 1 183 ? 9.464   13.466  -15.087 1.00 13.45 ? 179 LEU A CG  1 
ATOM   1433 C  CD1 . LEU A 1 183 ? 10.328  12.998  -16.253 1.00 15.14 ? 179 LEU A CD1 1 
ATOM   1434 C  CD2 . LEU A 1 183 ? 9.679   14.946  -14.822 1.00 13.03 ? 179 LEU A CD2 1 
ATOM   1435 N  N   . TYR A 1 184 ? 4.934   13.431  -16.746 1.00 16.64 ? 180 TYR A N   1 
ATOM   1436 C  CA  . TYR A 1 184 ? 3.702   12.703  -17.048 1.00 17.85 ? 180 TYR A CA  1 
ATOM   1437 C  C   . TYR A 1 184 ? 2.801   13.438  -18.040 1.00 20.17 ? 180 TYR A C   1 
ATOM   1438 O  O   . TYR A 1 184 ? 3.205   14.430  -18.653 1.00 21.30 ? 180 TYR A O   1 
ATOM   1439 C  CB  . TYR A 1 184 ? 2.931   12.381  -15.754 1.00 16.85 ? 180 TYR A CB  1 
ATOM   1440 C  CG  . TYR A 1 184 ? 2.445   13.574  -14.951 1.00 16.42 ? 180 TYR A CG  1 
ATOM   1441 C  CD1 . TYR A 1 184 ? 1.352   14.332  -15.376 1.00 16.03 ? 180 TYR A CD1 1 
ATOM   1442 C  CD2 . TYR A 1 184 ? 3.054   13.921  -13.743 1.00 14.66 ? 180 TYR A CD2 1 
ATOM   1443 C  CE1 . TYR A 1 184 ? 0.874   15.399  -14.620 1.00 15.02 ? 180 TYR A CE1 1 
ATOM   1444 C  CE2 . TYR A 1 184 ? 2.584   14.993  -12.976 1.00 12.61 ? 180 TYR A CE2 1 
ATOM   1445 C  CZ  . TYR A 1 184 ? 1.491   15.724  -13.422 1.00 15.86 ? 180 TYR A CZ  1 
ATOM   1446 O  OH  . TYR A 1 184 ? 1.006   16.762  -12.660 1.00 14.77 ? 180 TYR A OH  1 
HETATM 1447 CA CA  . CA  B 2 .   ? -1.980  -0.697  -4.005  1.00 19.62 ? 201 CA  A CA  1 
HETATM 1448 CA CA  . CA  C 2 .   ? 14.849  13.514  -15.105 1.00 23.34 ? 202 CA  A CA  1 
HETATM 1449 O  O   . HOH D 3 .   ? 7.483   -14.121 12.061  1.00 11.03 ? 203 HOH A O   1 
HETATM 1450 O  O   . HOH D 3 .   ? 16.755  9.922   -14.830 1.00 26.03 ? 204 HOH A O   1 
HETATM 1451 O  O   . HOH D 3 .   ? -6.928  -8.677  11.089  1.00 10.98 ? 205 HOH A O   1 
HETATM 1452 O  O   . HOH D 3 .   ? 13.591  12.723  2.673   1.00 16.63 ? 206 HOH A O   1 
HETATM 1453 O  O   . HOH D 3 .   ? 7.560   -14.065 8.373   1.00 8.35  ? 207 HOH A O   1 
HETATM 1454 O  O   . HOH D 3 .   ? -3.525  8.313   -6.293  1.00 18.11 ? 208 HOH A O   1 
HETATM 1455 O  O   . HOH D 3 .   ? 10.053  19.906  -0.911  1.00 20.92 ? 209 HOH A O   1 
HETATM 1456 O  O   . HOH D 3 .   ? 0.176   17.025  -8.521  1.00 19.07 ? 210 HOH A O   1 
HETATM 1457 O  O   . HOH D 3 .   ? -4.076  -15.179 -14.184 1.00 12.04 ? 211 HOH A O   1 
HETATM 1458 O  O   . HOH D 3 .   ? -7.346  13.773  -0.017  1.00 20.76 ? 212 HOH A O   1 
HETATM 1459 O  O   . HOH D 3 .   ? -9.401  -19.997 2.791   1.00 15.13 ? 213 HOH A O   1 
HETATM 1460 O  O   . HOH D 3 .   ? 2.326   17.166  -10.391 1.00 15.46 ? 214 HOH A O   1 
HETATM 1461 O  O   . HOH D 3 .   ? 0.037   -19.226 -6.324  1.00 22.28 ? 215 HOH A O   1 
HETATM 1462 O  O   . HOH D 3 .   ? -1.100  -22.100 4.804   1.00 21.73 ? 216 HOH A O   1 
HETATM 1463 O  O   . HOH D 3 .   ? 16.838  6.152   -4.782  1.00 22.90 ? 217 HOH A O   1 
HETATM 1464 O  O   . HOH D 3 .   ? 0.525   -16.013 10.750  1.00 21.92 ? 218 HOH A O   1 
HETATM 1465 O  O   . HOH D 3 .   ? 12.351  5.200   2.761   1.00 16.72 ? 219 HOH A O   1 
HETATM 1466 O  O   . HOH D 3 .   ? -2.002  12.610  8.189   1.00 28.13 ? 220 HOH A O   1 
HETATM 1467 O  O   . HOH D 3 .   ? 0.962   -14.072 14.337  1.00 21.74 ? 221 HOH A O   1 
HETATM 1468 O  O   . HOH D 3 .   ? -0.356  -6.192  -9.043  1.00 19.68 ? 222 HOH A O   1 
HETATM 1469 O  O   . HOH D 3 .   ? 1.629   -13.676 19.433  1.00 12.62 ? 223 HOH A O   1 
HETATM 1470 O  O   . HOH D 3 .   ? 2.064   -19.415 7.844   1.00 22.17 ? 224 HOH A O   1 
HETATM 1471 O  O   . HOH D 3 .   ? -7.072  -18.989 1.882   1.00 12.08 ? 225 HOH A O   1 
HETATM 1472 O  O   . HOH D 3 .   ? -14.087 5.146   2.514   1.00 32.38 ? 226 HOH A O   1 
HETATM 1473 O  O   . HOH D 3 .   ? 14.420  12.473  6.116   1.00 28.35 ? 227 HOH A O   1 
HETATM 1474 O  O   . HOH D 3 .   ? 7.493   -3.407  17.480  1.00 29.43 ? 228 HOH A O   1 
HETATM 1475 O  O   . HOH D 3 .   ? -0.086  11.320  9.909   1.00 25.65 ? 229 HOH A O   1 
HETATM 1476 O  O   . HOH D 3 .   ? 0.618   -19.102 11.733  1.00 31.57 ? 230 HOH A O   1 
HETATM 1477 O  O   . HOH D 3 .   ? -1.085  7.921   11.889  1.00 20.12 ? 231 HOH A O   1 
HETATM 1478 O  O   . HOH D 3 .   ? -1.630  -3.644  -1.020  1.00 24.86 ? 232 HOH A O   1 
HETATM 1479 O  O   . HOH D 3 .   ? 2.184   -0.080  -8.250  1.00 28.65 ? 233 HOH A O   1 
HETATM 1480 O  O   . HOH D 3 .   ? 2.172   2.079   -6.765  1.00 27.17 ? 234 HOH A O   1 
HETATM 1481 O  O   . HOH D 3 .   ? -4.911  -9.298  20.560  1.00 25.38 ? 235 HOH A O   1 
HETATM 1482 O  O   . HOH D 3 .   ? -12.038 4.515   7.756   1.00 30.25 ? 236 HOH A O   1 
HETATM 1483 O  O   . HOH D 3 .   ? -20.372 0.226   3.657   1.00 37.76 ? 237 HOH A O   1 
HETATM 1484 O  O   . HOH D 3 .   ? 5.207   8.863   13.702  1.00 26.10 ? 238 HOH A O   1 
HETATM 1485 O  O   . HOH D 3 .   ? 7.955   -0.665  15.939  1.00 24.53 ? 239 HOH A O   1 
HETATM 1486 O  O   . HOH D 3 .   ? -3.499  4.649   12.275  1.00 24.08 ? 240 HOH A O   1 
HETATM 1487 O  O   . HOH D 3 .   ? -9.091  1.526   -6.729  1.00 26.19 ? 241 HOH A O   1 
HETATM 1488 O  O   . HOH D 3 .   ? 1.028   -15.454 -13.262 1.00 25.66 ? 242 HOH A O   1 
HETATM 1489 O  O   . HOH D 3 .   ? 0.630   16.888  2.252   1.00 25.48 ? 243 HOH A O   1 
HETATM 1490 O  O   . HOH D 3 .   ? 10.492  2.604   6.399   1.00 24.04 ? 244 HOH A O   1 
HETATM 1491 O  O   . HOH D 3 .   ? 14.906  22.129  -9.372  1.00 24.79 ? 245 HOH A O   1 
HETATM 1492 O  O   . HOH D 3 .   ? 5.412   0.653   -0.386  1.00 12.11 ? 246 HOH A O   1 
HETATM 1493 O  O   . HOH D 3 .   ? 9.103   -0.875  -11.085 1.00 11.33 ? 247 HOH A O   1 
HETATM 1494 O  O   . HOH D 3 .   ? 16.945  12.551  -15.991 1.00 12.55 ? 248 HOH A O   1 
HETATM 1495 O  O   . HOH D 3 .   ? 16.261  12.806  -13.378 1.00 14.54 ? 249 HOH A O   1 
HETATM 1496 O  O   . HOH D 3 .   ? 2.319   19.662  -9.602  1.00 19.14 ? 250 HOH A O   1 
HETATM 1497 O  O   . HOH D 3 .   ? 1.898   -14.684 -3.246  1.00 14.56 ? 251 HOH A O   1 
HETATM 1498 O  O   . HOH D 3 .   ? 2.165   7.788   -9.709  1.00 16.11 ? 252 HOH A O   1 
HETATM 1499 O  O   . HOH D 3 .   ? 5.617   -16.699 -3.677  1.00 18.33 ? 253 HOH A O   1 
HETATM 1500 O  O   . HOH D 3 .   ? 2.109   4.113   -14.036 1.00 23.94 ? 254 HOH A O   1 
HETATM 1501 O  O   . HOH D 3 .   ? -15.039 11.501  -2.751  1.00 25.32 ? 255 HOH A O   1 
HETATM 1502 O  O   . HOH D 3 .   ? 11.257  -8.877  16.306  1.00 25.54 ? 256 HOH A O   1 
HETATM 1503 O  O   . HOH D 3 .   ? 6.092   10.358  11.283  1.00 21.94 ? 257 HOH A O   1 
HETATM 1504 O  O   . HOH D 3 .   ? -15.122 -11.564 -7.859  1.00 19.75 ? 258 HOH A O   1 
HETATM 1505 O  O   . HOH D 3 .   ? -13.651 -1.965  4.610   1.00 26.69 ? 259 HOH A O   1 
HETATM 1506 O  O   . HOH D 3 .   ? 14.283  11.242  -15.386 1.00 28.46 ? 260 HOH A O   1 
HETATM 1507 O  O   . HOH D 3 .   ? -3.523  0.979   -3.862  1.00 22.24 ? 261 HOH A O   1 
HETATM 1508 O  O   . HOH D 3 .   ? -13.060 -18.662 9.635   1.00 26.09 ? 262 HOH A O   1 
HETATM 1509 O  O   . HOH D 3 .   ? -11.092 -2.766  7.672   1.00 24.14 ? 263 HOH A O   1 
HETATM 1510 O  O   . HOH D 3 .   ? -15.230 -2.251  -5.655  1.00 22.38 ? 264 HOH A O   1 
HETATM 1511 O  O   . HOH D 3 .   ? 2.678   3.292   18.475  1.00 28.49 ? 265 HOH A O   1 
HETATM 1512 O  O   . HOH D 3 .   ? -16.565 -18.753 1.071   1.00 33.74 ? 266 HOH A O   1 
HETATM 1513 O  O   . HOH D 3 .   ? 6.909   -3.393  19.998  1.00 25.45 ? 267 HOH A O   1 
HETATM 1514 O  O   . HOH D 3 .   ? 5.506   -3.342  -16.416 1.00 34.60 ? 268 HOH A O   1 
HETATM 1515 O  O   . HOH D 3 .   ? 3.683   -17.090 -1.348  1.00 26.80 ? 269 HOH A O   1 
HETATM 1516 O  O   . HOH D 3 .   ? -7.037  18.642  -3.150  1.00 28.44 ? 270 HOH A O   1 
HETATM 1517 O  O   . HOH D 3 .   ? -4.174  4.356   -6.799  1.00 34.68 ? 271 HOH A O   1 
HETATM 1518 O  O   . HOH D 3 .   ? 11.006  -0.920  10.191  1.00 22.07 ? 272 HOH A O   1 
HETATM 1519 O  O   . HOH D 3 .   ? -12.042 14.682  -5.024  1.00 35.11 ? 273 HOH A O   1 
HETATM 1520 O  O   . HOH D 3 .   ? 10.582  -0.864  15.161  1.00 24.18 ? 274 HOH A O   1 
HETATM 1521 O  O   . HOH D 3 .   ? 8.210   10.271  -18.412 1.00 32.42 ? 275 HOH A O   1 
HETATM 1522 O  O   . HOH D 3 .   ? 15.980  10.890  2.025   1.00 29.40 ? 276 HOH A O   1 
HETATM 1523 O  O   . HOH D 3 .   ? -14.631 -14.368 13.040  1.00 28.39 ? 277 HOH A O   1 
HETATM 1524 O  O   . HOH D 3 .   ? 3.293   20.578  -5.745  1.00 25.17 ? 278 HOH A O   1 
HETATM 1525 O  O   . HOH D 3 .   ? 11.907  5.138   5.499   1.00 28.65 ? 279 HOH A O   1 
HETATM 1526 O  O   . HOH D 3 .   ? 1.695   17.248  -18.243 1.00 37.42 ? 280 HOH A O   1 
HETATM 1527 O  O   . HOH D 3 .   ? 10.690  -8.428  22.257  1.00 25.55 ? 281 HOH A O   1 
HETATM 1528 O  O   . HOH D 3 .   ? 3.320   17.336  3.386   1.00 38.46 ? 282 HOH A O   1 
HETATM 1529 O  O   . HOH D 3 .   ? 15.106  20.264  -7.751  1.00 20.08 ? 283 HOH A O   1 
HETATM 1530 O  O   . HOH D 3 .   ? -10.308 3.702   -8.915  1.00 29.64 ? 284 HOH A O   1 
HETATM 1531 O  O   . HOH D 3 .   ? 0.870   -21.881 -7.046  1.00 26.88 ? 285 HOH A O   1 
HETATM 1532 O  O   . HOH D 3 .   ? 1.726   -21.009 5.782   1.00 32.20 ? 286 HOH A O   1 
HETATM 1533 O  O   . HOH D 3 .   ? 8.002   21.688  -11.162 1.00 31.47 ? 287 HOH A O   1 
HETATM 1534 O  O   . HOH D 3 .   ? 0.029   -18.007 8.596   1.00 24.64 ? 288 HOH A O   1 
HETATM 1535 O  O   . HOH D 3 .   ? 10.906  2.424   11.123  1.00 32.10 ? 289 HOH A O   1 
HETATM 1536 O  O   . HOH D 3 .   ? -7.035  -6.678  18.942  1.00 37.74 ? 290 HOH A O   1 
HETATM 1537 O  O   . HOH D 3 .   ? 4.560   -14.065 -3.631  1.00 18.95 ? 291 HOH A O   1 
HETATM 1538 O  O   . HOH D 3 .   ? 21.298  13.713  -11.148 1.00 16.61 ? 292 HOH A O   1 
HETATM 1539 O  O   . HOH D 3 .   ? -11.256 8.672   -7.182  1.00 18.34 ? 293 HOH A O   1 
HETATM 1540 O  O   . HOH D 3 .   ? 10.699  7.428   15.743  1.00 27.55 ? 294 HOH A O   1 
HETATM 1541 O  O   . HOH D 3 .   ? -11.701 12.477  -6.791  1.00 26.48 ? 295 HOH A O   1 
HETATM 1542 O  O   . HOH D 3 .   ? 15.563  19.684  -10.077 1.00 34.39 ? 296 HOH A O   1 
HETATM 1543 O  O   . HOH D 3 .   ? 4.324   -2.650  21.091  1.00 34.46 ? 297 HOH A O   1 
HETATM 1544 O  O   . HOH D 3 .   ? 17.150  11.254  -0.231  1.00 34.80 ? 298 HOH A O   1 
HETATM 1545 O  O   . HOH D 3 .   ? -7.563  17.490  0.196   1.00 32.45 ? 299 HOH A O   1 
HETATM 1546 O  O   . HOH D 3 .   ? -11.857 5.251   4.622   1.00 32.80 ? 300 HOH A O   1 
HETATM 1547 O  O   . HOH D 3 .   ? -17.562 -0.971  0.350   1.00 32.29 ? 301 HOH A O   1 
HETATM 1548 O  O   . HOH D 3 .   ? 8.176   -5.358  21.357  1.00 25.24 ? 302 HOH A O   1 
HETATM 1549 O  O   . HOH D 3 .   ? -12.526 -18.127 12.253  1.00 30.85 ? 303 HOH A O   1 
HETATM 1550 O  O   . HOH D 3 .   ? -17.678 -17.416 -1.525  1.00 33.59 ? 304 HOH A O   1 
HETATM 1551 O  O   . HOH D 3 .   ? -13.671 11.283  -5.664  1.00 35.41 ? 305 HOH A O   1 
HETATM 1552 O  O   . HOH D 3 .   ? 7.817   12.148  12.653  1.00 27.88 ? 306 HOH A O   1 
HETATM 1553 O  O   . HOH D 3 .   ? 10.908  0.201   12.493  1.00 40.45 ? 307 HOH A O   1 
HETATM 1554 O  O   . HOH D 3 .   ? 17.089  4.351   2.239   1.00 37.66 ? 308 HOH A O   1 
HETATM 1555 O  O   . HOH D 3 .   ? -0.896  -6.869  23.516  1.00 28.58 ? 309 HOH A O   1 
HETATM 1556 O  O   . HOH D 3 .   ? -6.972  -6.497  15.732  1.00 37.32 ? 310 HOH A O   1 
HETATM 1557 O  O   . HOH D 3 .   ? -5.892  -21.691 7.842   1.00 25.71 ? 311 HOH A O   1 
HETATM 1558 O  O   . HOH D 3 .   ? -4.676  18.542  -4.734  1.00 29.34 ? 312 HOH A O   1 
HETATM 1559 O  O   . HOH D 3 .   ? 1.158   -16.699 14.473  1.00 28.22 ? 313 HOH A O   1 
HETATM 1560 O  O   . HOH D 3 .   ? 1.330   3.017   -11.517 1.00 31.26 ? 314 HOH A O   1 
HETATM 1561 O  O   . HOH D 3 .   ? 6.715   8.802   16.019  1.00 33.04 ? 315 HOH A O   1 
HETATM 1562 O  O   . HOH D 3 .   ? 10.828  10.097  15.761  1.00 28.10 ? 316 HOH A O   1 
HETATM 1563 O  O   . HOH D 3 .   ? 12.165  6.499   13.526  1.00 27.43 ? 317 HOH A O   1 
HETATM 1564 O  O   . HOH D 3 .   ? 0.962   -1.948  -7.081  1.00 27.66 ? 318 HOH A O   1 
HETATM 1565 O  O   . HOH D 3 .   ? 11.520  15.159  8.177   1.00 29.30 ? 319 HOH A O   1 
HETATM 1566 O  O   . HOH D 3 .   ? -11.954 -3.322  11.666  1.00 34.43 ? 320 HOH A O   1 
HETATM 1567 O  O   . HOH D 3 .   ? -3.444  -2.430  -4.207  1.00 32.38 ? 321 HOH A O   1 
HETATM 1568 O  O   . HOH D 3 .   ? 8.466   11.105  15.480  1.00 39.62 ? 322 HOH A O   1 
HETATM 1569 O  O   . HOH D 3 .   ? -9.895  6.823   -9.127  1.00 34.53 ? 323 HOH A O   1 
HETATM 1570 O  O   . HOH D 3 .   ? -1.665  6.204   13.831  1.00 29.56 ? 324 HOH A O   1 
HETATM 1571 O  O   . HOH D 3 .   ? -5.216  3.434   14.014  1.00 35.16 ? 325 HOH A O   1 
HETATM 1572 O  O   . HOH D 3 .   ? -6.272  0.283   -3.396  1.00 40.09 ? 326 HOH A O   1 
HETATM 1573 O  O   . HOH D 3 .   ? 0.044   14.138  5.972   1.00 39.07 ? 327 HOH A O   1 
HETATM 1574 O  O   . HOH D 3 .   ? -1.132  0.491   -5.881  1.00 37.09 ? 328 HOH A O   1 
HETATM 1575 O  O   . HOH D 3 .   ? -13.407 -6.292  6.372   1.00 37.51 ? 329 HOH A O   1 
HETATM 1576 O  O   . HOH D 3 .   ? -19.219 1.574   -0.613  1.00 35.30 ? 330 HOH A O   1 
HETATM 1577 O  O   . HOH D 3 .   ? 12.176  10.935  13.508  1.00 31.16 ? 331 HOH A O   1 
HETATM 1578 O  O   . HOH D 3 .   ? 2.506   23.298  -8.822  1.00 37.52 ? 332 HOH A O   1 
HETATM 1579 O  O   . HOH D 3 .   ? -13.494 -12.662 -5.984  1.00 33.94 ? 333 HOH A O   1 
HETATM 1580 O  O   . HOH D 3 .   ? -1.486  -22.906 -0.935  1.00 29.16 ? 334 HOH A O   1 
HETATM 1581 O  O   . HOH D 3 .   ? -11.109 -15.831 -5.664  1.00 29.25 ? 335 HOH A O   1 
HETATM 1582 O  O   . HOH D 3 .   ? 8.757   0.333   18.519  1.00 40.07 ? 336 HOH A O   1 
HETATM 1583 O  O   . HOH D 3 .   ? -6.972  20.005  -0.750  1.00 39.93 ? 337 HOH A O   1 
HETATM 1584 O  O   . HOH D 3 .   ? 2.291   -7.938  21.820  1.00 33.27 ? 338 HOH A O   1 
HETATM 1585 O  O   . HOH D 3 .   ? -2.976  20.274  -3.295  1.00 33.54 ? 339 HOH A O   1 
HETATM 1586 O  O   . HOH D 3 .   ? -10.286 1.202   -9.775  1.00 37.49 ? 340 HOH A O   1 
HETATM 1587 O  O   . HOH D 3 .   ? -7.964  -24.398 6.762   1.00 34.94 ? 341 HOH A O   1 
HETATM 1588 O  O   . HOH D 3 .   ? 4.872   12.797  10.862  1.00 37.08 ? 342 HOH A O   1 
HETATM 1589 O  O   . HOH D 3 .   ? 7.960   6.520   15.870  1.00 22.52 ? 343 HOH A O   1 
HETATM 1590 O  O   . HOH D 3 .   ? 18.010  9.396   -2.363  1.00 41.23 ? 344 HOH A O   1 
HETATM 1591 O  O   . HOH D 3 .   ? -5.413  -19.430 13.029  1.00 30.28 ? 345 HOH A O   1 
HETATM 1592 O  O   . HOH D 3 .   ? 12.711  8.366   -14.823 1.00 34.82 ? 346 HOH A O   1 
HETATM 1593 O  O   . HOH D 3 .   ? 0.775   -12.689 16.879  1.00 21.15 ? 347 HOH A O   1 
HETATM 1594 O  O   . HOH D 3 .   ? 8.798   23.956  -16.569 1.00 39.37 ? 348 HOH A O   1 
HETATM 1595 O  O   . HOH D 3 .   ? -0.182  -2.239  -3.625  1.00 40.57 ? 349 HOH A O   1 
HETATM 1596 O  O   . HOH D 3 .   ? 2.958   0.271   -13.141 1.00 38.16 ? 350 HOH A O   1 
HETATM 1597 O  O   . HOH D 3 .   ? -16.998 -11.639 0.320   1.00 39.22 ? 351 HOH A O   1 
HETATM 1598 O  O   . HOH D 3 .   ? 6.335   14.976  11.096  1.00 41.95 ? 352 HOH A O   1 
HETATM 1599 O  O   . HOH D 3 .   ? 6.999   4.780   17.797  1.00 37.13 ? 353 HOH A O   1 
HETATM 1600 O  O   . HOH D 3 .   ? 10.868  22.043  -7.284  1.00 35.88 ? 354 HOH A O   1 
HETATM 1601 O  O   . HOH D 3 .   ? 1.707   11.880  12.067  1.00 37.93 ? 355 HOH A O   1 
HETATM 1602 O  O   . HOH D 3 .   ? 5.524   -8.937  21.410  1.00 37.47 ? 356 HOH A O   1 
HETATM 1603 O  O   . HOH D 3 .   ? 7.378   16.817  -21.064 1.00 36.41 ? 357 HOH A O   1 
HETATM 1604 O  O   . HOH D 3 .   ? 9.224   18.057  2.919   1.00 34.39 ? 358 HOH A O   1 
HETATM 1605 O  O   . HOH D 3 .   ? 2.554   -3.247  -10.022 1.00 15.37 ? 359 HOH A O   1 
HETATM 1606 O  O   . HOH D 3 .   ? 23.525  19.224  -18.853 1.00 22.53 ? 360 HOH A O   1 
HETATM 1607 O  O   . HOH D 3 .   ? 12.553  8.585   11.827  1.00 29.90 ? 361 HOH A O   1 
HETATM 1608 O  O   . HOH D 3 .   ? 11.112  -0.702  3.636   1.00 23.11 ? 362 HOH A O   1 
HETATM 1609 O  O   . HOH D 3 .   ? 14.035  18.111  -7.710  1.00 25.20 ? 363 HOH A O   1 
HETATM 1610 O  O   . HOH D 3 .   ? 4.585   22.171  -11.739 1.00 29.28 ? 364 HOH A O   1 
HETATM 1611 O  O   . HOH D 3 .   ? 11.556  1.262   8.531   1.00 30.71 ? 365 HOH A O   1 
HETATM 1612 O  O   . HOH D 3 .   ? -11.683 -4.565  5.889   1.00 27.61 ? 366 HOH A O   1 
HETATM 1613 O  O   . HOH D 3 .   ? 12.033  17.818  2.702   1.00 34.89 ? 367 HOH A O   1 
HETATM 1614 O  O   . HOH D 3 .   ? 8.454   7.184   -15.762 1.00 31.49 ? 368 HOH A O   1 
HETATM 1615 O  O   . HOH D 3 .   ? -15.792 -14.142 6.067   1.00 30.31 ? 369 HOH A O   1 
HETATM 1616 O  O   . HOH D 3 .   ? -7.824  6.664   9.065   1.00 48.59 ? 370 HOH A O   1 
HETATM 1617 O  O   . HOH D 3 .   ? -4.664  21.150  -1.452  1.00 36.55 ? 371 HOH A O   1 
HETATM 1618 O  O   . HOH D 3 .   ? 10.224  9.025   -15.830 1.00 37.05 ? 372 HOH A O   1 
HETATM 1619 O  O   . HOH D 3 .   ? 13.654  15.696  2.829   1.00 31.69 ? 373 HOH A O   1 
HETATM 1620 O  O   . HOH D 3 .   ? 4.934   4.903   19.212  1.00 37.28 ? 374 HOH A O   1 
HETATM 1621 O  O   . HOH D 3 .   ? -9.150  -12.140 15.936  1.00 27.96 ? 375 HOH A O   1 
HETATM 1622 O  O   . HOH D 3 .   ? -0.396  -15.705 18.284  1.00 34.72 ? 376 HOH A O   1 
HETATM 1623 O  O   . HOH D 3 .   ? 0.320   22.236  -8.541  1.00 38.75 ? 377 HOH A O   1 
HETATM 1624 O  O   . HOH D 3 .   ? -4.522  -3.799  21.827  1.00 39.80 ? 378 HOH A O   1 
HETATM 1625 O  O   . HOH D 3 .   ? 14.139  14.854  7.318   1.00 38.87 ? 379 HOH A O   1 
HETATM 1626 O  O   . HOH D 3 .   ? 12.323  19.663  0.596   1.00 37.52 ? 380 HOH A O   1 
HETATM 1627 O  O   . HOH D 3 .   ? -18.240 -5.948  3.353   1.00 38.80 ? 381 HOH A O   1 
HETATM 1628 O  O   . HOH D 3 .   ? -14.296 11.938  -0.182  1.00 37.28 ? 382 HOH A O   1 
HETATM 1629 O  O   . HOH D 3 .   ? 14.416  9.717   -13.302 1.00 38.45 ? 383 HOH A O   1 
HETATM 1630 O  O   . HOH D 3 .   ? -5.263  2.607   -5.187  1.00 35.10 ? 384 HOH A O   1 
HETATM 1631 O  O   . HOH D 3 .   ? -16.250 -4.792  -4.319  1.00 37.52 ? 385 HOH A O   1 
HETATM 1632 O  O   . HOH D 3 .   ? 1.039   5.013   19.718  1.00 37.77 ? 386 HOH A O   1 
HETATM 1633 O  O   . HOH D 3 .   ? 10.451  12.088  11.757  1.00 37.58 ? 387 HOH A O   1 
HETATM 1634 O  O   . HOH D 3 .   ? -9.658  14.539  -6.692  1.00 34.98 ? 388 HOH A O   1 
HETATM 1635 O  O   . HOH D 3 .   ? 10.608  15.038  10.718  1.00 40.36 ? 389 HOH A O   1 
# 
